data_7W8A
#
_entry.id   7W8A
#
_cell.length_a   81.854
_cell.length_b   92.301
_cell.length_c   109.894
_cell.angle_alpha   77.470
_cell.angle_beta   70.690
_cell.angle_gamma   64.360
#
_symmetry.space_group_name_H-M   'P 1'
#
_entity_poly.entity_id   1
_entity_poly.type   'polypeptide(L)'
_entity_poly.pdbx_seq_one_letter_code
;MLKGFLSTMSPAVRRNKISLIGAGNIGGVMAYLAQLKELGDVVLFDIAPKLGEAKALDIMHANAIYDTAHKAIGTANYED
IADSDVCIITAGLAKLPNKKDEEWSRDDLVAPNSKIMFTIGDNIKKYAPNAFVICITNPLDVMVKMLLKATGFPKNKVVG
MGGLLDSSRMCHYIADKLNVNPRYVHGSCIGGHGDSMIPLVNHVTVNGIPIQLFVERGDITQAELDKIAQRTIGSGMELV
QLYGNGSAYFAPATAAIEMASAYLNDKKSVIVCSCYLEGEYGHSDVYLGTPAIIGANGIEKIITLKLSSEEQAKLDASVK
EIMRLEALAG
;
_entity_poly.pdbx_strand_id   A,B,C,D,E,F,G,H
#
# COMPACT_ATOMS: atom_id res chain seq x y z
N ALA A 12 16.71 1.13 9.90
CA ALA A 12 15.77 1.41 8.82
C ALA A 12 16.15 0.63 7.56
N VAL A 13 17.09 1.16 6.78
CA VAL A 13 17.57 0.49 5.58
C VAL A 13 18.83 -0.30 5.95
N ARG A 14 19.25 -1.19 5.06
CA ARG A 14 20.45 -1.97 5.30
C ARG A 14 20.93 -2.56 3.97
N ARG A 15 22.21 -2.94 3.95
CA ARG A 15 22.79 -3.54 2.77
C ARG A 15 22.21 -4.92 2.51
N ASN A 16 22.11 -5.27 1.23
CA ASN A 16 21.80 -6.64 0.86
C ASN A 16 22.98 -7.55 1.22
N LYS A 17 22.67 -8.75 1.71
CA LYS A 17 23.69 -9.69 2.14
C LYS A 17 23.55 -10.97 1.32
N ILE A 18 24.57 -11.27 0.53
CA ILE A 18 24.61 -12.47 -0.32
C ILE A 18 25.67 -13.40 0.24
N SER A 19 25.28 -14.65 0.49
CA SER A 19 26.20 -15.68 0.97
C SER A 19 26.45 -16.68 -0.15
N LEU A 20 27.72 -16.86 -0.49
CA LEU A 20 28.12 -17.75 -1.57
C LEU A 20 28.66 -19.03 -0.93
N ILE A 21 27.78 -20.00 -0.75
CA ILE A 21 28.16 -21.29 -0.17
C ILE A 21 28.98 -22.03 -1.21
N GLY A 22 30.29 -21.83 -1.19
CA GLY A 22 31.18 -22.37 -2.20
C GLY A 22 31.96 -21.26 -2.89
N ALA A 23 33.23 -21.13 -2.52
CA ALA A 23 34.10 -20.09 -3.07
C ALA A 23 35.03 -20.62 -4.15
N GLY A 24 34.60 -21.64 -4.89
CA GLY A 24 35.40 -22.14 -5.99
C GLY A 24 35.50 -21.14 -7.12
N ASN A 25 35.62 -21.64 -8.35
CA ASN A 25 35.72 -20.76 -9.51
C ASN A 25 34.46 -19.92 -9.66
N ILE A 26 33.28 -20.55 -9.59
CA ILE A 26 32.04 -19.82 -9.76
C ILE A 26 31.85 -18.82 -8.62
N GLY A 27 32.12 -19.23 -7.39
CA GLY A 27 31.92 -18.34 -6.26
C GLY A 27 32.75 -17.07 -6.36
N GLY A 28 34.00 -17.19 -6.80
CA GLY A 28 34.87 -16.03 -6.88
C GLY A 28 34.36 -14.97 -7.84
N VAL A 29 33.94 -15.41 -9.03
CA VAL A 29 33.45 -14.45 -10.02
C VAL A 29 32.12 -13.85 -9.56
N MET A 30 31.33 -14.60 -8.80
CA MET A 30 30.08 -14.07 -8.29
C MET A 30 30.31 -12.93 -7.31
N ALA A 31 31.20 -13.15 -6.33
CA ALA A 31 31.56 -12.08 -5.41
C ALA A 31 32.15 -10.89 -6.15
N TYR A 32 32.99 -11.15 -7.15
CA TYR A 32 33.63 -10.08 -7.90
C TYR A 32 32.59 -9.19 -8.56
N LEU A 33 31.63 -9.78 -9.27
CA LEU A 33 30.63 -8.98 -9.97
C LEU A 33 29.74 -8.22 -8.99
N ALA A 34 29.22 -8.92 -7.97
CA ALA A 34 28.31 -8.28 -7.02
C ALA A 34 28.97 -7.11 -6.31
N GLN A 35 30.29 -7.16 -6.09
CA GLN A 35 30.97 -6.09 -5.38
C GLN A 35 31.17 -4.87 -6.29
N LEU A 36 31.61 -5.09 -7.53
CA LEU A 36 31.80 -3.98 -8.44
C LEU A 36 30.48 -3.34 -8.86
N LYS A 37 29.37 -4.08 -8.75
CA LYS A 37 28.04 -3.53 -8.98
C LYS A 37 27.38 -3.03 -7.71
N GLU A 38 28.04 -3.18 -6.56
CA GLU A 38 27.50 -2.73 -5.27
C GLU A 38 26.09 -3.31 -5.05
N LEU A 39 25.95 -4.59 -5.34
CA LEU A 39 24.69 -5.28 -5.11
C LEU A 39 24.48 -5.67 -3.65
N GLY A 40 25.52 -5.59 -2.83
CA GLY A 40 25.41 -5.91 -1.43
C GLY A 40 26.68 -6.55 -0.91
N ASP A 41 26.74 -6.69 0.40
CA ASP A 41 27.86 -7.38 1.03
C ASP A 41 27.85 -8.86 0.64
N VAL A 42 29.04 -9.46 0.60
CA VAL A 42 29.22 -10.83 0.15
C VAL A 42 29.89 -11.64 1.25
N VAL A 43 29.44 -12.87 1.42
CA VAL A 43 30.07 -13.83 2.34
C VAL A 43 30.51 -15.01 1.49
N LEU A 44 31.83 -15.18 1.35
CA LEU A 44 32.40 -16.29 0.59
C LEU A 44 32.60 -17.45 1.55
N PHE A 45 31.59 -18.32 1.65
CA PHE A 45 31.64 -19.48 2.51
C PHE A 45 32.24 -20.66 1.75
N ASP A 46 33.33 -21.21 2.28
CA ASP A 46 33.94 -22.41 1.73
C ASP A 46 34.46 -23.27 2.87
N ILE A 47 34.53 -24.57 2.64
CA ILE A 47 35.04 -25.47 3.67
C ILE A 47 36.53 -25.30 3.87
N ALA A 48 37.23 -24.70 2.91
CA ALA A 48 38.59 -24.21 3.12
C ALA A 48 38.50 -22.71 3.37
N PRO A 49 38.56 -22.25 4.63
CA PRO A 49 38.21 -20.83 4.88
C PRO A 49 39.15 -19.85 4.20
N LYS A 50 40.45 -20.15 4.15
CA LYS A 50 41.39 -19.22 3.54
C LYS A 50 41.10 -19.01 2.06
N LEU A 51 40.50 -20.01 1.40
CA LEU A 51 40.13 -19.85 -0.01
C LEU A 51 39.11 -18.74 -0.18
N GLY A 52 38.11 -18.69 0.71
CA GLY A 52 37.17 -17.58 0.68
C GLY A 52 37.78 -16.28 1.16
N GLU A 53 38.64 -16.36 2.19
CA GLU A 53 39.30 -15.17 2.69
C GLU A 53 40.24 -14.58 1.65
N ALA A 54 40.88 -15.43 0.84
CA ALA A 54 41.78 -14.94 -0.19
C ALA A 54 41.02 -14.14 -1.24
N LYS A 55 39.97 -14.74 -1.82
CA LYS A 55 39.16 -14.03 -2.81
C LYS A 55 38.51 -12.79 -2.20
N ALA A 56 38.04 -12.90 -0.96
CA ALA A 56 37.42 -11.75 -0.30
C ALA A 56 38.39 -10.59 -0.22
N LEU A 57 39.54 -10.80 0.41
CA LEU A 57 40.53 -9.73 0.54
C LEU A 57 40.98 -9.25 -0.84
N ASP A 58 41.16 -10.17 -1.79
CA ASP A 58 41.55 -9.78 -3.14
C ASP A 58 40.48 -8.91 -3.79
N ILE A 59 39.21 -9.30 -3.67
CA ILE A 59 38.13 -8.51 -4.22
C ILE A 59 37.97 -7.20 -3.46
N MET A 60 38.36 -7.17 -2.18
CA MET A 60 38.33 -5.91 -1.44
C MET A 60 39.36 -4.94 -1.99
N HIS A 61 40.55 -5.43 -2.35
CA HIS A 61 41.52 -4.59 -3.05
C HIS A 61 40.97 -4.09 -4.37
N ALA A 62 40.13 -4.88 -5.03
CA ALA A 62 39.52 -4.43 -6.28
C ALA A 62 38.49 -3.33 -6.02
N ASN A 63 37.72 -3.45 -4.94
CA ASN A 63 36.76 -2.40 -4.61
C ASN A 63 37.46 -1.06 -4.44
N ALA A 64 38.62 -1.05 -3.77
CA ALA A 64 39.37 0.20 -3.63
C ALA A 64 39.82 0.73 -4.98
N ILE A 65 40.17 -0.17 -5.90
CA ILE A 65 40.54 0.25 -7.25
C ILE A 65 39.32 0.79 -7.99
N TYR A 66 38.15 0.22 -7.74
CA TYR A 66 36.94 0.55 -8.48
C TYR A 66 36.04 1.54 -7.73
N ASP A 67 36.43 1.98 -6.53
CA ASP A 67 35.68 2.98 -5.77
C ASP A 67 34.28 2.46 -5.42
N THR A 68 34.23 1.21 -4.96
CA THR A 68 32.99 0.60 -4.51
C THR A 68 33.03 0.38 -3.00
N ALA A 69 31.85 0.45 -2.38
CA ALA A 69 31.75 0.67 -0.93
C ALA A 69 31.42 -0.58 -0.12
N HIS A 70 31.07 -1.69 -0.76
CA HIS A 70 30.58 -2.85 -0.03
C HIS A 70 31.73 -3.76 0.40
N LYS A 71 31.39 -4.72 1.26
CA LYS A 71 32.36 -5.56 1.95
C LYS A 71 32.22 -7.01 1.52
N ALA A 72 33.35 -7.69 1.36
CA ALA A 72 33.39 -9.12 1.08
C ALA A 72 34.09 -9.83 2.22
N ILE A 73 33.54 -10.98 2.62
CA ILE A 73 34.04 -11.75 3.76
C ILE A 73 34.26 -13.19 3.32
N GLY A 74 35.29 -13.81 3.89
CA GLY A 74 35.55 -15.23 3.72
C GLY A 74 35.37 -15.93 5.05
N THR A 75 34.90 -17.18 4.99
CA THR A 75 34.62 -17.92 6.21
C THR A 75 34.35 -19.38 5.88
N ALA A 76 34.45 -20.21 6.92
CA ALA A 76 34.02 -21.61 6.85
C ALA A 76 33.01 -21.92 7.95
N ASN A 77 32.40 -20.90 8.52
CA ASN A 77 31.50 -21.03 9.66
C ASN A 77 30.11 -20.58 9.25
N TYR A 78 29.11 -21.44 9.48
CA TYR A 78 27.76 -21.15 9.03
C TYR A 78 27.12 -19.97 9.76
N GLU A 79 27.68 -19.56 10.89
CA GLU A 79 27.10 -18.42 11.62
C GLU A 79 27.18 -17.13 10.80
N ASP A 80 28.11 -17.05 9.85
CA ASP A 80 28.36 -15.81 9.13
C ASP A 80 27.41 -15.59 7.95
N ILE A 81 26.61 -16.59 7.58
CA ILE A 81 25.63 -16.39 6.51
C ILE A 81 24.28 -16.01 7.12
N ALA A 82 24.30 -15.57 8.38
CA ALA A 82 23.07 -15.22 9.07
C ALA A 82 22.48 -13.95 8.48
N ASP A 83 21.15 -13.91 8.42
CA ASP A 83 20.38 -12.77 7.92
C ASP A 83 20.59 -12.53 6.43
N SER A 84 21.18 -13.48 5.71
CA SER A 84 21.44 -13.30 4.29
C SER A 84 20.14 -13.24 3.50
N ASP A 85 20.05 -12.26 2.60
CA ASP A 85 18.88 -12.13 1.74
C ASP A 85 18.91 -13.13 0.60
N VAL A 86 20.11 -13.52 0.15
CA VAL A 86 20.28 -14.48 -0.93
C VAL A 86 21.40 -15.44 -0.56
N CYS A 87 21.17 -16.73 -0.81
CA CYS A 87 22.18 -17.76 -0.60
C CYS A 87 22.35 -18.50 -1.92
N ILE A 88 23.54 -18.37 -2.51
CA ILE A 88 23.88 -19.01 -3.78
C ILE A 88 24.81 -20.18 -3.47
N ILE A 89 24.45 -21.36 -3.96
CA ILE A 89 25.07 -22.61 -3.54
C ILE A 89 25.82 -23.20 -4.74
N THR A 90 27.13 -23.36 -4.59
CA THR A 90 27.96 -24.06 -5.55
C THR A 90 28.72 -25.21 -4.92
N ALA A 91 28.64 -25.38 -3.60
CA ALA A 91 29.37 -26.42 -2.91
C ALA A 91 28.88 -27.80 -3.32
N GLY A 92 29.74 -28.80 -3.11
CA GLY A 92 29.42 -30.17 -3.46
C GLY A 92 30.53 -30.84 -4.25
N LEU A 93 30.52 -32.16 -4.29
CA LEU A 93 31.54 -32.89 -5.04
C LEU A 93 31.41 -32.61 -6.53
N ALA A 94 32.54 -32.45 -7.19
CA ALA A 94 32.61 -32.27 -8.63
C ALA A 94 33.50 -33.29 -9.32
N LYS A 95 34.49 -33.84 -8.61
CA LYS A 95 35.44 -34.79 -9.17
C LYS A 95 35.66 -35.91 -8.17
N LEU A 96 36.25 -37.00 -8.64
CA LEU A 96 36.58 -38.16 -7.80
C LEU A 96 38.03 -38.54 -8.07
N PRO A 97 38.97 -37.90 -7.37
CA PRO A 97 40.39 -38.10 -7.72
C PRO A 97 40.87 -39.55 -7.62
N ASN A 98 40.47 -40.27 -6.58
CA ASN A 98 41.02 -41.60 -6.32
C ASN A 98 40.49 -42.68 -7.26
N LYS A 99 39.69 -42.31 -8.26
CA LYS A 99 39.21 -43.26 -9.25
C LYS A 99 39.48 -42.71 -10.65
N LYS A 100 39.58 -43.61 -11.61
CA LYS A 100 39.83 -43.23 -12.99
C LYS A 100 38.56 -42.76 -13.67
N ASP A 101 38.71 -42.18 -14.85
CA ASP A 101 37.58 -41.87 -15.72
C ASP A 101 37.21 -43.15 -16.46
N GLU A 102 36.32 -43.93 -15.85
CA GLU A 102 35.91 -45.25 -16.33
C GLU A 102 35.29 -46.01 -15.18
N GLU A 103 35.74 -45.72 -13.96
CA GLU A 103 35.26 -46.39 -12.75
C GLU A 103 34.08 -45.69 -12.10
N TRP A 104 33.74 -44.47 -12.54
CA TRP A 104 32.65 -43.74 -11.92
C TRP A 104 31.92 -42.92 -12.97
N SER A 105 30.63 -42.72 -12.74
CA SER A 105 29.80 -41.82 -13.53
C SER A 105 29.25 -40.73 -12.61
N ARG A 106 28.45 -39.84 -13.19
CA ARG A 106 27.89 -38.74 -12.41
C ARG A 106 26.90 -39.23 -11.35
N ASP A 107 26.26 -40.38 -11.60
CA ASP A 107 25.27 -40.89 -10.66
C ASP A 107 25.89 -41.24 -9.31
N ASP A 108 27.20 -41.44 -9.25
CA ASP A 108 27.85 -41.84 -8.00
C ASP A 108 28.00 -40.68 -7.02
N LEU A 109 27.89 -39.44 -7.50
CA LEU A 109 28.00 -38.28 -6.62
C LEU A 109 26.65 -37.75 -6.17
N VAL A 110 25.54 -38.26 -6.71
CA VAL A 110 24.22 -37.72 -6.40
C VAL A 110 23.92 -37.89 -4.92
N ALA A 111 24.06 -39.11 -4.41
CA ALA A 111 23.71 -39.36 -3.01
C ALA A 111 24.59 -38.55 -2.05
N PRO A 112 25.92 -38.58 -2.15
CA PRO A 112 26.72 -37.70 -1.29
C PRO A 112 26.32 -36.24 -1.39
N ASN A 113 26.16 -35.73 -2.62
CA ASN A 113 25.76 -34.33 -2.79
C ASN A 113 24.40 -34.07 -2.17
N SER A 114 23.49 -35.04 -2.25
CA SER A 114 22.17 -34.89 -1.64
C SER A 114 22.31 -34.59 -0.14
N LYS A 115 23.12 -35.39 0.55
CA LYS A 115 23.35 -35.14 1.98
C LYS A 115 24.02 -33.80 2.20
N ILE A 116 24.92 -33.40 1.29
CA ILE A 116 25.54 -32.08 1.39
C ILE A 116 24.49 -30.99 1.28
N MET A 117 23.55 -31.14 0.34
CA MET A 117 22.50 -30.14 0.18
C MET A 117 21.65 -30.01 1.44
N PHE A 118 21.47 -31.10 2.18
CA PHE A 118 20.70 -31.04 3.42
C PHE A 118 21.44 -30.22 4.47
N THR A 119 22.70 -30.57 4.76
CA THR A 119 23.48 -29.83 5.74
C THR A 119 23.44 -28.34 5.46
N ILE A 120 23.61 -27.95 4.19
CA ILE A 120 23.53 -26.54 3.83
C ILE A 120 22.12 -26.01 4.05
N GLY A 121 21.11 -26.82 3.72
CA GLY A 121 19.74 -26.37 3.89
C GLY A 121 19.38 -26.12 5.34
N ASP A 122 19.78 -27.03 6.24
CA ASP A 122 19.47 -26.86 7.64
C ASP A 122 20.11 -25.59 8.19
N ASN A 123 21.37 -25.32 7.82
CA ASN A 123 22.04 -24.11 8.30
C ASN A 123 21.41 -22.85 7.74
N ILE A 124 20.90 -22.90 6.51
CA ILE A 124 20.18 -21.76 5.96
C ILE A 124 18.87 -21.56 6.72
N LYS A 125 18.08 -22.63 6.85
CA LYS A 125 16.89 -22.58 7.68
C LYS A 125 17.20 -22.05 9.08
N LYS A 126 18.38 -22.39 9.61
CA LYS A 126 18.78 -21.95 10.94
C LYS A 126 19.12 -20.46 10.95
N TYR A 127 20.12 -20.07 10.15
CA TYR A 127 20.71 -18.75 10.27
C TYR A 127 20.09 -17.72 9.32
N ALA A 128 19.61 -18.15 8.16
CA ALA A 128 19.06 -17.25 7.14
C ALA A 128 17.68 -17.73 6.75
N PRO A 129 16.70 -17.63 7.65
CA PRO A 129 15.38 -18.22 7.39
C PRO A 129 14.61 -17.54 6.26
N ASN A 130 15.01 -16.34 5.85
CA ASN A 130 14.31 -15.58 4.81
C ASN A 130 15.11 -15.51 3.52
N ALA A 131 16.13 -16.35 3.36
CA ALA A 131 17.03 -16.24 2.23
C ALA A 131 16.38 -16.73 0.94
N PHE A 132 16.70 -16.06 -0.16
CA PHE A 132 16.37 -16.55 -1.50
C PHE A 132 17.48 -17.49 -1.94
N VAL A 133 17.17 -18.78 -2.00
CA VAL A 133 18.18 -19.81 -2.21
C VAL A 133 18.28 -20.08 -3.71
N ILE A 134 19.40 -19.66 -4.31
CA ILE A 134 19.73 -20.01 -5.68
C ILE A 134 20.75 -21.14 -5.64
N CYS A 135 20.50 -22.20 -6.41
CA CYS A 135 21.36 -23.37 -6.42
C CYS A 135 22.01 -23.52 -7.79
N ILE A 136 23.27 -23.96 -7.79
CA ILE A 136 24.02 -24.17 -9.03
C ILE A 136 24.51 -25.60 -9.08
N THR A 137 24.81 -26.18 -7.91
CA THR A 137 25.32 -27.54 -7.85
C THR A 137 24.47 -28.48 -8.68
N ASN A 138 25.13 -29.40 -9.39
CA ASN A 138 24.44 -30.26 -10.33
C ASN A 138 24.42 -31.70 -9.82
N PRO A 139 23.43 -32.52 -10.23
CA PRO A 139 22.31 -32.17 -11.12
C PRO A 139 21.34 -31.18 -10.50
N LEU A 140 21.16 -30.04 -11.15
CA LEU A 140 20.36 -28.95 -10.61
C LEU A 140 19.00 -29.45 -10.14
N ASP A 141 18.18 -29.93 -11.07
CA ASP A 141 16.78 -30.24 -10.77
C ASP A 141 16.63 -31.17 -9.57
N VAL A 142 17.63 -32.02 -9.31
CA VAL A 142 17.60 -32.89 -8.15
C VAL A 142 18.15 -32.18 -6.91
N MET A 143 19.30 -31.52 -7.05
CA MET A 143 19.94 -30.88 -5.91
C MET A 143 19.05 -29.80 -5.31
N VAL A 144 18.38 -29.01 -6.15
CA VAL A 144 17.49 -27.97 -5.64
C VAL A 144 16.40 -28.60 -4.77
N LYS A 145 15.80 -29.68 -5.26
CA LYS A 145 14.76 -30.35 -4.50
C LYS A 145 15.26 -30.79 -3.14
N MET A 146 16.55 -31.14 -3.02
CA MET A 146 17.12 -31.46 -1.71
C MET A 146 17.12 -30.23 -0.81
N LEU A 147 17.36 -29.05 -1.38
CA LEU A 147 17.36 -27.83 -0.58
C LEU A 147 15.95 -27.43 -0.18
N LEU A 148 14.98 -27.62 -1.08
CA LEU A 148 13.60 -27.28 -0.75
C LEU A 148 13.12 -28.09 0.45
N LYS A 149 13.52 -29.36 0.53
CA LYS A 149 13.18 -30.18 1.68
C LYS A 149 13.91 -29.71 2.94
N ALA A 150 15.23 -29.56 2.84
CA ALA A 150 16.03 -29.19 4.01
C ALA A 150 15.65 -27.80 4.52
N THR A 151 15.55 -26.82 3.62
CA THR A 151 15.21 -25.48 4.04
C THR A 151 13.78 -25.37 4.53
N GLY A 152 12.88 -26.20 4.00
CA GLY A 152 11.47 -26.13 4.35
C GLY A 152 10.84 -24.81 3.93
N PHE A 153 11.52 -24.06 3.08
CA PHE A 153 11.04 -22.77 2.64
C PHE A 153 9.88 -22.94 1.67
N PRO A 154 9.14 -21.88 1.38
CA PRO A 154 8.06 -21.97 0.40
C PRO A 154 8.59 -22.35 -0.97
N LYS A 155 7.65 -22.66 -1.86
CA LYS A 155 7.98 -23.02 -3.24
C LYS A 155 8.79 -21.94 -3.93
N ASN A 156 8.51 -20.67 -3.62
CA ASN A 156 9.03 -19.54 -4.39
C ASN A 156 10.42 -19.09 -3.98
N LYS A 157 10.90 -19.51 -2.81
CA LYS A 157 12.18 -19.03 -2.29
C LYS A 157 13.34 -19.99 -2.53
N VAL A 158 13.12 -21.08 -3.26
CA VAL A 158 14.17 -22.04 -3.58
C VAL A 158 14.14 -22.23 -5.09
N VAL A 159 15.20 -21.78 -5.77
CA VAL A 159 15.28 -21.78 -7.23
C VAL A 159 16.60 -22.41 -7.65
N GLY A 160 16.61 -22.96 -8.86
CA GLY A 160 17.81 -23.52 -9.45
C GLY A 160 18.25 -22.67 -10.63
N MET A 161 19.55 -22.51 -10.79
CA MET A 161 20.11 -21.70 -11.87
C MET A 161 20.39 -22.58 -13.08
N GLY A 162 19.78 -22.21 -14.20
CA GLY A 162 19.89 -22.94 -15.45
C GLY A 162 18.82 -22.40 -16.36
N GLY A 163 18.96 -22.70 -17.64
CA GLY A 163 18.03 -22.11 -18.58
C GLY A 163 18.41 -20.69 -18.94
N LEU A 164 18.78 -19.86 -17.96
CA LEU A 164 19.39 -18.58 -18.27
C LEU A 164 20.78 -18.80 -18.86
N LEU A 165 21.55 -19.71 -18.26
CA LEU A 165 22.82 -20.12 -18.86
C LEU A 165 22.58 -20.89 -20.16
N ASP A 166 21.63 -21.83 -20.15
CA ASP A 166 21.36 -22.62 -21.35
C ASP A 166 20.73 -21.78 -22.45
N SER A 167 19.80 -20.90 -22.11
CA SER A 167 19.17 -20.06 -23.13
C SER A 167 20.13 -19.00 -23.63
N SER A 168 20.93 -18.41 -22.73
CA SER A 168 21.89 -17.40 -23.16
C SER A 168 22.92 -18.00 -24.11
N ARG A 169 23.37 -19.22 -23.83
CA ARG A 169 24.27 -19.91 -24.75
C ARG A 169 23.61 -20.08 -26.11
N MET A 170 22.36 -20.55 -26.12
CA MET A 170 21.62 -20.66 -27.38
C MET A 170 21.53 -19.31 -28.08
N CYS A 171 21.19 -18.26 -27.34
CA CYS A 171 21.03 -16.94 -27.95
C CYS A 171 22.36 -16.36 -28.41
N HIS A 172 23.46 -16.71 -27.74
CA HIS A 172 24.77 -16.25 -28.19
C HIS A 172 25.11 -16.83 -29.56
N TYR A 173 25.00 -18.15 -29.69
CA TYR A 173 25.29 -18.80 -30.97
C TYR A 173 24.45 -18.20 -32.09
N ILE A 174 23.17 -17.92 -31.82
CA ILE A 174 22.33 -17.23 -32.79
C ILE A 174 22.91 -15.85 -33.09
N ALA A 175 23.18 -15.07 -32.03
CA ALA A 175 23.68 -13.71 -32.22
C ALA A 175 25.01 -13.70 -32.97
N ASP A 176 25.91 -14.64 -32.64
CA ASP A 176 27.21 -14.68 -33.29
C ASP A 176 27.08 -14.95 -34.78
N LYS A 177 26.06 -15.71 -35.19
CA LYS A 177 25.85 -15.98 -36.61
C LYS A 177 25.24 -14.77 -37.31
N LEU A 178 24.19 -14.19 -36.72
CA LEU A 178 23.55 -13.01 -37.31
C LEU A 178 24.39 -11.76 -37.16
N ASN A 179 25.43 -11.79 -36.34
CA ASN A 179 26.26 -10.61 -36.08
C ASN A 179 25.43 -9.47 -35.53
N VAL A 180 24.67 -9.75 -34.47
CA VAL A 180 23.84 -8.76 -33.80
C VAL A 180 24.11 -8.83 -32.31
N ASN A 181 23.84 -7.71 -31.64
CA ASN A 181 24.00 -7.64 -30.20
C ASN A 181 23.10 -8.68 -29.52
N PRO A 182 23.65 -9.62 -28.74
CA PRO A 182 22.78 -10.62 -28.09
C PRO A 182 21.75 -10.00 -27.16
N ARG A 183 21.84 -8.70 -26.87
CA ARG A 183 20.83 -8.04 -26.06
C ARG A 183 19.43 -8.23 -26.63
N TYR A 184 19.32 -8.45 -27.94
CA TYR A 184 18.03 -8.49 -28.62
C TYR A 184 17.64 -9.89 -29.08
N VAL A 185 18.50 -10.89 -28.85
CA VAL A 185 18.17 -12.28 -29.17
C VAL A 185 17.58 -12.91 -27.91
N HIS A 186 16.28 -13.22 -27.95
CA HIS A 186 15.60 -13.87 -26.85
C HIS A 186 15.27 -15.31 -27.23
N GLY A 187 15.37 -16.21 -26.26
CA GLY A 187 15.08 -17.61 -26.48
C GLY A 187 14.99 -18.34 -25.16
N SER A 188 14.37 -19.51 -25.20
CA SER A 188 14.09 -20.29 -24.00
C SER A 188 14.56 -21.72 -24.20
N CYS A 189 15.47 -22.17 -23.34
CA CYS A 189 15.91 -23.56 -23.28
C CYS A 189 15.41 -24.14 -21.96
N ILE A 190 14.47 -25.08 -22.05
CA ILE A 190 13.77 -25.58 -20.87
C ILE A 190 14.14 -27.04 -20.62
N GLY A 191 13.48 -27.65 -19.64
CA GLY A 191 13.74 -29.04 -19.30
C GLY A 191 14.75 -29.19 -18.18
N GLY A 192 15.42 -30.33 -18.14
CA GLY A 192 16.45 -30.54 -17.14
C GLY A 192 17.77 -29.92 -17.55
N HIS A 193 18.54 -29.50 -16.54
CA HIS A 193 19.85 -28.89 -16.77
C HIS A 193 20.87 -29.99 -17.05
N GLY A 194 20.72 -30.60 -18.22
CA GLY A 194 21.60 -31.66 -18.62
C GLY A 194 21.46 -31.95 -20.10
N ASP A 195 21.95 -33.12 -20.51
CA ASP A 195 21.89 -33.52 -21.91
C ASP A 195 20.47 -33.80 -22.39
N SER A 196 19.46 -33.69 -21.52
CA SER A 196 18.08 -33.86 -21.90
C SER A 196 17.34 -32.54 -22.05
N MET A 197 18.06 -31.42 -22.08
CA MET A 197 17.43 -30.11 -22.20
C MET A 197 16.74 -29.97 -23.56
N ILE A 198 15.92 -28.95 -23.67
CA ILE A 198 15.12 -28.69 -24.86
C ILE A 198 15.42 -27.26 -25.34
N PRO A 199 16.33 -27.10 -26.29
CA PRO A 199 16.57 -25.78 -26.90
C PRO A 199 15.49 -25.44 -27.90
N LEU A 200 14.60 -24.51 -27.53
CA LEU A 200 13.52 -24.07 -28.42
C LEU A 200 14.09 -23.04 -29.40
N VAL A 201 14.96 -23.54 -30.28
CA VAL A 201 15.71 -22.66 -31.16
C VAL A 201 14.83 -22.09 -32.26
N ASN A 202 13.83 -22.83 -32.71
CA ASN A 202 12.93 -22.33 -33.74
C ASN A 202 11.90 -21.35 -33.20
N HIS A 203 11.88 -21.10 -31.89
CA HIS A 203 11.05 -20.06 -31.30
C HIS A 203 11.86 -18.85 -30.89
N VAL A 204 13.14 -18.80 -31.24
CA VAL A 204 13.96 -17.65 -30.91
C VAL A 204 13.40 -16.42 -31.60
N THR A 205 13.62 -15.26 -30.98
CA THR A 205 13.18 -13.98 -31.53
C THR A 205 14.32 -12.98 -31.45
N VAL A 206 14.46 -12.17 -32.49
CA VAL A 206 15.50 -11.16 -32.57
C VAL A 206 14.80 -9.81 -32.48
N ASN A 207 14.85 -9.18 -31.30
CA ASN A 207 14.09 -7.98 -31.01
C ASN A 207 12.62 -8.18 -31.42
N GLY A 208 12.03 -9.26 -30.92
CA GLY A 208 10.67 -9.61 -31.25
C GLY A 208 10.48 -10.23 -32.62
N ILE A 209 11.49 -10.17 -33.48
CA ILE A 209 11.37 -10.67 -34.85
C ILE A 209 11.56 -12.19 -34.83
N PRO A 210 10.60 -12.98 -35.33
CA PRO A 210 10.78 -14.43 -35.35
C PRO A 210 12.04 -14.82 -36.13
N ILE A 211 12.74 -15.83 -35.60
CA ILE A 211 13.99 -16.27 -36.22
C ILE A 211 13.75 -16.83 -37.61
N GLN A 212 12.55 -17.37 -37.87
CA GLN A 212 12.26 -17.93 -39.19
C GLN A 212 12.32 -16.87 -40.28
N LEU A 213 12.16 -15.58 -39.94
CA LEU A 213 12.34 -14.53 -40.94
C LEU A 213 13.78 -14.53 -41.44
N PHE A 214 14.75 -14.46 -40.52
CA PHE A 214 16.15 -14.48 -40.90
C PHE A 214 16.51 -15.75 -41.67
N VAL A 215 15.75 -16.83 -41.50
CA VAL A 215 15.95 -18.01 -42.32
C VAL A 215 15.58 -17.70 -43.76
N GLU A 216 14.41 -17.08 -43.97
CA GLU A 216 13.96 -16.75 -45.32
C GLU A 216 14.83 -15.68 -45.96
N ARG A 217 15.57 -14.90 -45.16
CA ARG A 217 16.45 -13.88 -45.72
C ARG A 217 17.81 -14.43 -46.13
N GLY A 218 18.24 -15.55 -45.56
CA GLY A 218 19.57 -16.06 -45.79
C GLY A 218 20.58 -15.71 -44.72
N ASP A 219 20.17 -14.99 -43.67
CA ASP A 219 21.09 -14.68 -42.59
C ASP A 219 21.45 -15.91 -41.77
N ILE A 220 20.53 -16.88 -41.69
CA ILE A 220 20.79 -18.14 -41.00
C ILE A 220 20.00 -19.23 -41.72
N THR A 221 20.39 -20.49 -41.47
CA THR A 221 19.76 -21.63 -42.12
C THR A 221 19.20 -22.58 -41.08
N GLN A 222 18.15 -23.30 -41.47
CA GLN A 222 17.55 -24.31 -40.59
C GLN A 222 18.62 -25.30 -40.10
N ALA A 223 19.57 -25.66 -40.97
CA ALA A 223 20.63 -26.55 -40.56
C ALA A 223 21.49 -25.92 -39.46
N GLU A 224 21.83 -24.64 -39.62
CA GLU A 224 22.62 -23.96 -38.60
C GLU A 224 21.87 -23.86 -37.28
N LEU A 225 20.54 -23.80 -37.32
CA LEU A 225 19.76 -23.74 -36.10
C LEU A 225 19.77 -25.08 -35.38
N ASP A 226 19.53 -26.17 -36.11
CA ASP A 226 19.58 -27.49 -35.51
C ASP A 226 20.94 -27.77 -34.88
N LYS A 227 22.01 -27.37 -35.57
CA LYS A 227 23.35 -27.56 -35.01
C LYS A 227 23.56 -26.68 -33.79
N ILE A 228 22.93 -25.51 -33.74
CA ILE A 228 23.03 -24.65 -32.57
C ILE A 228 22.35 -25.30 -31.37
N ALA A 229 21.18 -25.88 -31.58
CA ALA A 229 20.49 -26.58 -30.50
C ALA A 229 21.33 -27.72 -29.94
N GLN A 230 22.10 -28.38 -30.81
CA GLN A 230 22.95 -29.48 -30.35
C GLN A 230 24.18 -28.97 -29.62
N ARG A 231 24.76 -27.86 -30.09
CA ARG A 231 25.89 -27.27 -29.39
C ARG A 231 25.46 -26.65 -28.07
N THR A 232 24.20 -26.24 -27.97
CA THR A 232 23.68 -25.74 -26.70
C THR A 232 23.55 -26.86 -25.68
N ILE A 233 23.26 -28.08 -26.13
CA ILE A 233 23.12 -29.21 -25.22
C ILE A 233 24.49 -29.64 -24.68
N GLY A 234 25.54 -29.54 -25.50
CA GLY A 234 26.85 -29.98 -25.10
C GLY A 234 27.81 -28.86 -24.77
N SER A 235 27.28 -27.64 -24.59
CA SER A 235 28.14 -26.50 -24.29
C SER A 235 28.97 -26.73 -23.05
N GLY A 236 28.37 -27.34 -22.02
CA GLY A 236 29.11 -27.70 -20.83
C GLY A 236 30.34 -28.52 -21.15
N MET A 237 30.15 -29.71 -21.72
CA MET A 237 31.27 -30.58 -22.04
C MET A 237 32.24 -29.91 -23.01
N GLU A 238 31.75 -29.08 -23.92
CA GLU A 238 32.64 -28.36 -24.82
C GLU A 238 33.65 -27.55 -24.03
N LEU A 239 33.21 -26.87 -22.97
CA LEU A 239 34.12 -26.06 -22.16
C LEU A 239 34.91 -26.92 -21.19
N VAL A 240 34.36 -28.06 -20.76
CA VAL A 240 35.13 -29.00 -19.95
C VAL A 240 36.35 -29.49 -20.72
N GLN A 241 36.24 -29.59 -22.04
CA GLN A 241 37.34 -30.04 -22.87
C GLN A 241 38.26 -28.90 -23.28
N LEU A 242 37.76 -27.66 -23.32
CA LEU A 242 38.62 -26.53 -23.62
C LEU A 242 39.45 -26.13 -22.41
N TYR A 243 38.82 -26.01 -21.23
CA TYR A 243 39.56 -25.72 -20.02
C TYR A 243 40.55 -26.82 -19.67
N GLY A 244 40.20 -28.07 -19.96
CA GLY A 244 41.04 -29.19 -19.61
C GLY A 244 40.86 -29.60 -18.16
N ASN A 245 41.06 -28.65 -17.24
CA ASN A 245 40.89 -28.88 -15.81
C ASN A 245 39.81 -27.92 -15.31
N GLY A 246 38.61 -28.45 -15.13
CA GLY A 246 37.48 -27.69 -14.63
C GLY A 246 36.38 -27.57 -15.67
N SER A 247 35.44 -26.69 -15.38
CA SER A 247 34.29 -26.45 -16.25
C SER A 247 34.04 -24.95 -16.32
N ALA A 248 32.92 -24.56 -16.91
CA ALA A 248 32.59 -23.15 -17.05
C ALA A 248 32.25 -22.53 -15.70
N TYR A 249 32.58 -21.25 -15.55
CA TYR A 249 32.28 -20.54 -14.31
C TYR A 249 31.97 -19.06 -14.53
N PHE A 250 32.58 -18.43 -15.54
CA PHE A 250 32.30 -17.03 -15.80
C PHE A 250 30.82 -16.81 -16.09
N ALA A 251 30.26 -17.57 -17.04
CA ALA A 251 28.86 -17.39 -17.40
C ALA A 251 27.93 -17.89 -16.30
N PRO A 252 28.11 -19.09 -15.73
CA PRO A 252 27.24 -19.49 -14.61
C PRO A 252 27.19 -18.48 -13.48
N ALA A 253 28.33 -17.91 -13.10
CA ALA A 253 28.34 -16.90 -12.05
C ALA A 253 27.49 -15.70 -12.45
N THR A 254 27.69 -15.19 -13.67
CA THR A 254 26.92 -14.03 -14.12
C THR A 254 25.43 -14.31 -14.11
N ALA A 255 25.04 -15.55 -14.44
CA ALA A 255 23.63 -15.90 -14.43
C ALA A 255 23.06 -15.84 -13.01
N ALA A 256 23.77 -16.43 -12.05
CA ALA A 256 23.27 -16.45 -10.68
C ALA A 256 23.13 -15.04 -10.13
N ILE A 257 24.15 -14.19 -10.33
CA ILE A 257 24.08 -12.82 -9.84
C ILE A 257 22.95 -12.07 -10.53
N GLU A 258 22.72 -12.36 -11.81
CA GLU A 258 21.61 -11.72 -12.51
C GLU A 258 20.27 -12.13 -11.90
N MET A 259 20.16 -13.37 -11.42
CA MET A 259 18.95 -13.79 -10.74
C MET A 259 18.87 -13.19 -9.33
N ALA A 260 20.01 -13.06 -8.66
CA ALA A 260 20.02 -12.48 -7.32
C ALA A 260 19.66 -11.00 -7.36
N SER A 261 20.01 -10.29 -8.43
CA SER A 261 19.66 -8.88 -8.54
C SER A 261 18.18 -8.70 -8.85
N ALA A 262 17.62 -9.55 -9.71
CA ALA A 262 16.19 -9.49 -10.00
C ALA A 262 15.37 -9.65 -8.72
N TYR A 263 15.89 -10.41 -7.75
CA TYR A 263 15.21 -10.57 -6.47
C TYR A 263 15.47 -9.36 -5.57
N LEU A 264 16.75 -9.03 -5.34
CA LEU A 264 17.08 -7.94 -4.44
C LEU A 264 16.51 -6.61 -4.90
N ASN A 265 16.34 -6.43 -6.21
CA ASN A 265 15.81 -5.20 -6.77
C ASN A 265 14.36 -5.34 -7.25
N ASP A 266 13.74 -6.50 -7.07
CA ASP A 266 12.34 -6.69 -7.42
C ASP A 266 12.09 -6.31 -8.89
N LYS A 267 13.06 -6.65 -9.75
CA LYS A 267 12.95 -6.26 -11.15
C LYS A 267 11.78 -6.94 -11.84
N LYS A 268 11.37 -8.10 -11.36
CA LYS A 268 10.34 -8.90 -12.04
C LYS A 268 10.81 -9.28 -13.45
N SER A 269 12.04 -9.76 -13.53
CA SER A 269 12.62 -10.19 -14.79
C SER A 269 12.11 -11.55 -15.20
N VAL A 270 12.04 -11.78 -16.51
CA VAL A 270 11.63 -13.07 -17.06
C VAL A 270 12.89 -13.89 -17.28
N ILE A 271 13.10 -14.90 -16.45
CA ILE A 271 14.27 -15.77 -16.53
C ILE A 271 13.79 -17.20 -16.60
N VAL A 272 14.47 -18.01 -17.41
CA VAL A 272 14.24 -19.45 -17.44
C VAL A 272 14.98 -20.04 -16.23
N CYS A 273 14.23 -20.62 -15.30
CA CYS A 273 14.79 -21.17 -14.07
C CYS A 273 14.24 -22.56 -13.83
N SER A 274 14.97 -23.32 -13.01
CA SER A 274 14.47 -24.60 -12.52
C SER A 274 13.52 -24.35 -11.36
N CYS A 275 12.25 -24.70 -11.54
CA CYS A 275 11.21 -24.37 -10.58
C CYS A 275 10.48 -25.62 -10.14
N TYR A 276 10.10 -25.66 -8.87
CA TYR A 276 9.27 -26.74 -8.35
C TYR A 276 7.87 -26.65 -8.93
N LEU A 277 7.41 -27.74 -9.54
CA LEU A 277 6.12 -27.77 -10.20
C LEU A 277 5.08 -28.45 -9.33
N GLU A 278 3.83 -28.06 -9.52
CA GLU A 278 2.69 -28.68 -8.85
C GLU A 278 1.51 -28.73 -9.81
N GLY A 279 1.77 -29.17 -11.04
CA GLY A 279 0.74 -29.29 -12.05
C GLY A 279 1.15 -28.75 -13.40
N GLU A 280 2.13 -27.84 -13.43
CA GLU A 280 2.54 -27.23 -14.68
C GLU A 280 3.12 -28.28 -15.61
N TYR A 281 2.75 -28.18 -16.89
CA TYR A 281 3.20 -29.11 -17.93
C TYR A 281 2.73 -30.54 -17.70
N GLY A 282 1.83 -30.75 -16.75
CA GLY A 282 1.37 -32.09 -16.41
C GLY A 282 2.23 -32.83 -15.43
N HIS A 283 3.17 -32.15 -14.78
CA HIS A 283 4.05 -32.77 -13.79
C HIS A 283 3.88 -32.07 -12.45
N SER A 284 4.35 -32.75 -11.40
CA SER A 284 4.28 -32.20 -10.05
C SER A 284 5.30 -32.91 -9.17
N ASP A 285 5.75 -32.20 -8.14
CA ASP A 285 6.75 -32.72 -7.20
C ASP A 285 8.11 -32.90 -7.85
N VAL A 286 8.44 -32.04 -8.81
CA VAL A 286 9.71 -32.12 -9.52
C VAL A 286 10.13 -30.71 -9.91
N TYR A 287 11.43 -30.44 -9.80
CA TYR A 287 11.98 -29.22 -10.35
C TYR A 287 12.23 -29.39 -11.85
N LEU A 288 12.11 -28.29 -12.58
CA LEU A 288 12.18 -28.36 -14.02
C LEU A 288 12.40 -26.96 -14.59
N GLY A 289 13.23 -26.86 -15.62
CA GLY A 289 13.51 -25.57 -16.23
C GLY A 289 12.27 -25.01 -16.91
N THR A 290 11.98 -23.74 -16.65
CA THR A 290 10.81 -23.09 -17.22
C THR A 290 10.89 -21.57 -17.01
N PRO A 291 10.36 -20.77 -17.94
CA PRO A 291 10.37 -19.32 -17.73
C PRO A 291 9.54 -18.95 -16.50
N ALA A 292 10.03 -17.96 -15.75
CA ALA A 292 9.37 -17.50 -14.55
C ALA A 292 9.66 -16.03 -14.34
N ILE A 293 8.90 -15.41 -13.45
CA ILE A 293 9.03 -14.00 -13.11
C ILE A 293 9.67 -13.92 -11.74
N ILE A 294 10.95 -13.53 -11.70
CA ILE A 294 11.70 -13.46 -10.46
C ILE A 294 11.58 -12.06 -9.89
N GLY A 295 11.09 -11.96 -8.66
CA GLY A 295 10.90 -10.67 -8.02
C GLY A 295 11.22 -10.71 -6.54
N ALA A 296 10.60 -9.81 -5.78
CA ALA A 296 10.86 -9.74 -4.34
C ALA A 296 10.41 -11.00 -3.61
N ASN A 297 9.47 -11.76 -4.18
CA ASN A 297 9.00 -13.00 -3.57
C ASN A 297 9.68 -14.23 -4.18
N GLY A 298 10.81 -14.04 -4.85
CA GLY A 298 11.43 -15.15 -5.56
C GLY A 298 10.63 -15.44 -6.82
N ILE A 299 10.28 -16.71 -7.01
CA ILE A 299 9.48 -17.11 -8.16
C ILE A 299 8.06 -16.57 -7.98
N GLU A 300 7.83 -15.33 -8.46
CA GLU A 300 6.51 -14.73 -8.31
C GLU A 300 5.48 -15.42 -9.20
N LYS A 301 5.89 -15.91 -10.36
CA LYS A 301 4.96 -16.52 -11.30
C LYS A 301 5.73 -17.51 -12.17
N ILE A 302 5.08 -18.62 -12.51
CA ILE A 302 5.60 -19.57 -13.47
C ILE A 302 4.86 -19.37 -14.78
N ILE A 303 5.61 -19.15 -15.86
CA ILE A 303 5.03 -19.05 -17.20
C ILE A 303 5.04 -20.44 -17.81
N THR A 304 3.87 -21.04 -17.92
CA THR A 304 3.74 -22.38 -18.50
C THR A 304 3.65 -22.26 -20.02
N LEU A 305 4.69 -22.69 -20.71
CA LEU A 305 4.74 -22.55 -22.17
C LEU A 305 3.80 -23.54 -22.84
N LYS A 306 3.28 -23.14 -24.00
CA LYS A 306 2.40 -23.98 -24.79
C LYS A 306 3.27 -24.87 -25.68
N LEU A 307 3.44 -26.12 -25.28
CA LEU A 307 4.31 -27.05 -25.98
C LEU A 307 3.53 -27.88 -26.99
N SER A 308 4.25 -28.33 -28.02
CA SER A 308 3.68 -29.28 -28.96
C SER A 308 3.81 -30.70 -28.39
N SER A 309 3.22 -31.66 -29.10
CA SER A 309 3.31 -33.05 -28.66
C SER A 309 4.75 -33.55 -28.70
N GLU A 310 5.54 -33.10 -29.67
CA GLU A 310 6.93 -33.51 -29.75
C GLU A 310 7.76 -32.84 -28.66
N GLU A 311 7.51 -31.56 -28.39
CA GLU A 311 8.21 -30.86 -27.33
C GLU A 311 7.77 -31.36 -25.95
N GLN A 312 6.49 -31.75 -25.81
CA GLN A 312 6.02 -32.29 -24.55
C GLN A 312 6.64 -33.65 -24.27
N ALA A 313 6.84 -34.47 -25.31
CA ALA A 313 7.49 -35.76 -25.12
C ALA A 313 8.92 -35.58 -24.63
N LYS A 314 9.65 -34.63 -25.22
CA LYS A 314 11.00 -34.34 -24.77
C LYS A 314 11.00 -33.89 -23.31
N LEU A 315 10.00 -33.13 -22.90
CA LEU A 315 9.93 -32.68 -21.52
C LEU A 315 9.66 -33.84 -20.57
N ASP A 316 8.71 -34.71 -20.93
CA ASP A 316 8.42 -35.88 -20.10
C ASP A 316 9.63 -36.79 -19.98
N ALA A 317 10.52 -36.76 -20.98
CA ALA A 317 11.67 -37.65 -20.96
C ALA A 317 12.72 -37.19 -19.96
N SER A 318 12.98 -35.87 -19.89
CA SER A 318 13.95 -35.38 -18.92
C SER A 318 13.40 -35.45 -17.50
N VAL A 319 12.09 -35.22 -17.33
CA VAL A 319 11.49 -35.35 -16.00
C VAL A 319 11.67 -36.76 -15.47
N LYS A 320 11.53 -37.76 -16.33
CA LYS A 320 11.66 -39.15 -15.91
C LYS A 320 13.10 -39.58 -15.67
N GLU A 321 14.07 -38.80 -16.14
CA GLU A 321 15.48 -39.05 -15.83
C GLU A 321 15.97 -38.19 -14.67
N ILE A 322 15.14 -37.27 -14.17
CA ILE A 322 15.46 -36.47 -13.00
C ILE A 322 15.07 -37.25 -11.75
N ALA B 12 47.00 7.85 -30.92
CA ALA B 12 46.38 6.87 -31.82
C ALA B 12 44.98 6.52 -31.34
N VAL B 13 44.60 7.00 -30.16
CA VAL B 13 43.25 6.88 -29.66
C VAL B 13 42.71 8.28 -29.40
N ARG B 14 41.39 8.40 -29.39
CA ARG B 14 40.75 9.71 -29.30
C ARG B 14 39.36 9.54 -28.70
N ARG B 15 38.87 10.62 -28.08
CA ARG B 15 37.55 10.60 -27.49
C ARG B 15 36.47 10.64 -28.56
N ASN B 16 35.37 9.94 -28.30
CA ASN B 16 34.18 10.10 -29.12
C ASN B 16 33.66 11.52 -28.96
N LYS B 17 33.23 12.12 -30.07
CA LYS B 17 32.73 13.48 -30.09
C LYS B 17 31.28 13.47 -30.57
N ILE B 18 30.38 14.04 -29.77
CA ILE B 18 28.95 14.02 -30.06
C ILE B 18 28.48 15.46 -30.07
N SER B 19 28.07 15.94 -31.24
CA SER B 19 27.53 17.29 -31.40
C SER B 19 26.01 17.22 -31.36
N LEU B 20 25.40 18.06 -30.53
CA LEU B 20 23.95 18.13 -30.39
C LEU B 20 23.51 19.47 -30.97
N ILE B 21 23.10 19.46 -32.24
CA ILE B 21 22.63 20.67 -32.90
C ILE B 21 21.26 21.00 -32.33
N GLY B 22 21.23 21.82 -31.28
CA GLY B 22 20.01 22.10 -30.55
C GLY B 22 20.15 21.74 -29.09
N ALA B 23 20.17 22.76 -28.23
CA ALA B 23 20.36 22.57 -26.80
C ALA B 23 19.05 22.71 -26.02
N GLY B 24 17.93 22.38 -26.64
CA GLY B 24 16.65 22.42 -25.96
C GLY B 24 16.54 21.38 -24.87
N ASN B 25 15.32 21.09 -24.43
CA ASN B 25 15.13 20.12 -23.36
C ASN B 25 15.69 18.76 -23.73
N ILE B 26 15.45 18.31 -24.96
CA ILE B 26 16.01 17.04 -25.41
C ILE B 26 17.54 17.11 -25.45
N GLY B 27 18.07 18.19 -26.01
CA GLY B 27 19.52 18.33 -26.08
C GLY B 27 20.18 18.29 -24.71
N GLY B 28 19.56 18.94 -23.73
CA GLY B 28 20.14 18.97 -22.40
C GLY B 28 20.23 17.58 -21.78
N VAL B 29 19.16 16.79 -21.89
CA VAL B 29 19.16 15.46 -21.30
C VAL B 29 20.14 14.55 -22.05
N MET B 30 20.33 14.77 -23.35
CA MET B 30 21.26 13.94 -24.11
C MET B 30 22.69 14.17 -23.66
N ALA B 31 23.10 15.44 -23.54
CA ALA B 31 24.44 15.74 -23.05
C ALA B 31 24.63 15.19 -21.64
N TYR B 32 23.59 15.28 -20.81
CA TYR B 32 23.67 14.77 -19.44
C TYR B 32 23.91 13.25 -19.43
N LEU B 33 23.10 12.51 -20.18
CA LEU B 33 23.24 11.06 -20.20
C LEU B 33 24.58 10.64 -20.81
N ALA B 34 25.02 11.33 -21.86
CA ALA B 34 26.28 10.97 -22.51
C ALA B 34 27.47 11.26 -21.61
N GLN B 35 27.40 12.31 -20.79
CA GLN B 35 28.54 12.68 -19.95
C GLN B 35 28.67 11.77 -18.74
N LEU B 36 27.55 11.36 -18.14
CA LEU B 36 27.62 10.44 -17.01
C LEU B 36 27.99 9.03 -17.46
N LYS B 37 27.62 8.66 -18.68
CA LYS B 37 28.00 7.38 -19.24
C LYS B 37 29.43 7.36 -19.77
N GLU B 38 30.11 8.50 -19.80
CA GLU B 38 31.44 8.61 -20.40
C GLU B 38 31.42 8.11 -21.84
N LEU B 39 30.38 8.51 -22.58
CA LEU B 39 30.23 8.13 -23.98
C LEU B 39 31.08 8.99 -24.92
N GLY B 40 31.63 10.09 -24.43
CA GLY B 40 32.47 10.95 -25.24
C GLY B 40 32.23 12.43 -24.96
N ASP B 41 33.03 13.30 -25.56
CA ASP B 41 32.82 14.73 -25.41
C ASP B 41 31.53 15.14 -26.10
N VAL B 42 30.94 16.23 -25.61
CA VAL B 42 29.67 16.73 -26.13
C VAL B 42 29.83 18.19 -26.52
N VAL B 43 29.18 18.58 -27.60
CA VAL B 43 29.14 19.96 -28.07
C VAL B 43 27.67 20.39 -28.10
N LEU B 44 27.29 21.24 -27.16
CA LEU B 44 25.91 21.74 -27.09
C LEU B 44 25.79 22.95 -28.01
N PHE B 45 25.63 22.66 -29.30
CA PHE B 45 25.46 23.70 -30.30
C PHE B 45 24.03 24.22 -30.29
N ASP B 46 23.88 25.55 -30.32
CA ASP B 46 22.57 26.16 -30.37
C ASP B 46 22.72 27.59 -30.84
N ILE B 47 21.71 28.07 -31.57
CA ILE B 47 21.72 29.45 -32.05
C ILE B 47 21.67 30.43 -30.89
N ALA B 48 21.16 30.00 -29.73
CA ALA B 48 21.27 30.74 -28.49
C ALA B 48 22.50 30.24 -27.75
N PRO B 49 23.69 30.78 -28.02
CA PRO B 49 24.92 30.16 -27.46
C PRO B 49 24.90 30.03 -25.95
N LYS B 50 24.32 30.99 -25.24
CA LYS B 50 24.36 30.94 -23.78
C LYS B 50 23.65 29.70 -23.24
N LEU B 51 22.54 29.30 -23.86
CA LEU B 51 21.81 28.15 -23.37
C LEU B 51 22.70 26.91 -23.33
N GLY B 52 23.47 26.69 -24.40
CA GLY B 52 24.38 25.56 -24.40
C GLY B 52 25.51 25.72 -23.39
N GLU B 53 25.99 26.96 -23.22
CA GLU B 53 27.02 27.22 -22.22
C GLU B 53 26.51 26.93 -20.82
N ALA B 54 25.24 27.24 -20.55
CA ALA B 54 24.68 27.01 -19.22
C ALA B 54 24.65 25.53 -18.90
N LYS B 55 24.08 24.72 -19.80
CA LYS B 55 23.96 23.29 -19.53
C LYS B 55 25.30 22.59 -19.58
N ALA B 56 26.22 23.05 -20.42
CA ALA B 56 27.58 22.52 -20.40
C ALA B 56 28.20 22.70 -19.03
N LEU B 57 28.27 23.93 -18.54
CA LEU B 57 28.87 24.19 -17.24
C LEU B 57 28.09 23.49 -16.13
N ASP B 58 26.77 23.37 -16.27
CA ASP B 58 25.99 22.64 -15.28
C ASP B 58 26.26 21.14 -15.35
N ILE B 59 26.29 20.59 -16.57
CA ILE B 59 26.64 19.18 -16.73
C ILE B 59 28.09 18.96 -16.35
N MET B 60 28.97 19.94 -16.59
CA MET B 60 30.35 19.80 -16.15
C MET B 60 30.45 19.75 -14.64
N HIS B 61 29.57 20.46 -13.93
CA HIS B 61 29.48 20.33 -12.49
C HIS B 61 29.02 18.93 -12.11
N ALA B 62 28.13 18.35 -12.91
CA ALA B 62 27.66 16.99 -12.65
C ALA B 62 28.81 15.99 -12.79
N ASN B 63 29.70 16.20 -13.77
CA ASN B 63 30.81 15.29 -13.97
C ASN B 63 31.71 15.23 -12.73
N ALA B 64 32.01 16.38 -12.14
CA ALA B 64 32.82 16.40 -10.92
C ALA B 64 32.13 15.69 -9.77
N ILE B 65 30.80 15.79 -9.70
CA ILE B 65 30.05 15.06 -8.68
C ILE B 65 30.10 13.56 -8.97
N TYR B 66 29.84 13.18 -10.21
CA TYR B 66 29.72 11.78 -10.61
C TYR B 66 31.06 11.14 -10.97
N ASP B 67 32.17 11.86 -10.82
CA ASP B 67 33.51 11.30 -11.06
C ASP B 67 33.66 10.82 -12.51
N THR B 68 33.16 11.62 -13.45
CA THR B 68 33.29 11.32 -14.87
C THR B 68 34.25 12.31 -15.53
N ALA B 69 34.99 11.81 -16.53
CA ALA B 69 36.17 12.50 -17.02
C ALA B 69 35.94 13.33 -18.28
N HIS B 70 34.85 13.10 -19.00
CA HIS B 70 34.69 13.74 -20.29
C HIS B 70 34.18 15.17 -20.13
N LYS B 71 34.28 15.94 -21.21
CA LYS B 71 34.00 17.37 -21.21
C LYS B 71 32.87 17.69 -22.16
N ALA B 72 32.00 18.62 -21.77
CA ALA B 72 30.94 19.14 -22.60
C ALA B 72 31.06 20.65 -22.67
N ILE B 73 30.77 21.22 -23.83
CA ILE B 73 30.85 22.66 -24.05
C ILE B 73 29.60 23.15 -24.75
N GLY B 74 29.40 24.46 -24.72
CA GLY B 74 28.30 25.10 -25.43
C GLY B 74 28.87 26.10 -26.43
N THR B 75 28.21 26.20 -27.58
CA THR B 75 28.72 27.04 -28.65
C THR B 75 27.60 27.32 -29.64
N ALA B 76 27.82 28.34 -30.48
CA ALA B 76 26.96 28.63 -31.62
C ALA B 76 27.78 28.72 -32.91
N ASN B 77 28.99 28.17 -32.91
CA ASN B 77 29.88 28.19 -34.06
C ASN B 77 30.04 26.77 -34.58
N TYR B 78 29.65 26.54 -35.83
CA TYR B 78 29.78 25.22 -36.43
C TYR B 78 31.23 24.76 -36.51
N GLU B 79 32.19 25.67 -36.36
CA GLU B 79 33.59 25.27 -36.36
C GLU B 79 33.95 24.38 -35.19
N ASP B 80 33.07 24.28 -34.18
CA ASP B 80 33.34 23.48 -32.99
C ASP B 80 32.78 22.07 -33.07
N ILE B 81 32.02 21.73 -34.12
CA ILE B 81 31.51 20.36 -34.27
C ILE B 81 32.42 19.61 -35.24
N ALA B 82 33.59 20.17 -35.50
CA ALA B 82 34.52 19.54 -36.43
C ALA B 82 34.96 18.17 -35.90
N ASP B 83 35.13 17.23 -36.82
CA ASP B 83 35.61 15.88 -36.49
C ASP B 83 34.67 15.18 -35.50
N SER B 84 33.40 15.54 -35.51
CA SER B 84 32.43 14.90 -34.63
C SER B 84 32.01 13.56 -35.18
N ASP B 85 31.94 12.56 -34.29
CA ASP B 85 31.52 11.22 -34.69
C ASP B 85 30.01 11.08 -34.75
N VAL B 86 29.26 11.92 -34.03
CA VAL B 86 27.81 11.87 -34.01
C VAL B 86 27.27 13.29 -34.06
N CYS B 87 26.17 13.48 -34.79
CA CYS B 87 25.50 14.77 -34.86
C CYS B 87 24.00 14.53 -34.72
N ILE B 88 23.45 14.86 -33.56
CA ILE B 88 22.03 14.72 -33.28
C ILE B 88 21.37 16.09 -33.45
N ILE B 89 20.24 16.13 -34.15
CA ILE B 89 19.59 17.38 -34.52
C ILE B 89 18.24 17.45 -33.82
N THR B 90 18.08 18.47 -32.97
CA THR B 90 16.81 18.81 -32.36
C THR B 90 16.35 20.22 -32.70
N ALA B 91 17.12 20.96 -33.50
CA ALA B 91 16.80 22.35 -33.77
C ALA B 91 15.59 22.45 -34.69
N GLY B 92 14.67 23.34 -34.35
CA GLY B 92 13.46 23.55 -35.14
C GLY B 92 12.53 24.58 -34.54
N VAL B 110 7.00 22.82 -41.61
CA VAL B 110 7.66 21.81 -42.42
C VAL B 110 8.57 22.50 -43.44
N ALA B 111 8.01 23.42 -44.21
CA ALA B 111 8.82 24.17 -45.17
C ALA B 111 9.93 24.96 -44.48
N PRO B 112 9.65 25.81 -43.49
CA PRO B 112 10.77 26.51 -42.83
C PRO B 112 11.70 25.57 -42.08
N ASN B 113 11.17 24.56 -41.38
CA ASN B 113 12.03 23.57 -40.74
C ASN B 113 12.88 22.84 -41.77
N SER B 114 12.28 22.45 -42.90
CA SER B 114 13.05 21.83 -43.97
C SER B 114 14.26 22.67 -44.31
N LYS B 115 14.07 23.98 -44.46
CA LYS B 115 15.18 24.88 -44.77
C LYS B 115 16.26 24.85 -43.69
N ILE B 116 15.84 24.78 -42.42
CA ILE B 116 16.80 24.74 -41.32
C ILE B 116 17.64 23.48 -41.39
N MET B 117 17.05 22.36 -41.87
CA MET B 117 17.82 21.13 -42.00
C MET B 117 18.93 21.29 -43.03
N PHE B 118 18.67 22.02 -44.12
CA PHE B 118 19.68 22.19 -45.16
C PHE B 118 20.87 22.99 -44.66
N THR B 119 20.63 23.99 -43.81
CA THR B 119 21.73 24.79 -43.28
C THR B 119 22.58 23.95 -42.31
N ILE B 120 21.93 23.11 -41.50
CA ILE B 120 22.67 22.24 -40.59
C ILE B 120 23.47 21.20 -41.38
N GLY B 121 22.79 20.45 -42.24
CA GLY B 121 23.46 19.41 -43.00
C GLY B 121 24.59 19.94 -43.86
N ASP B 122 24.46 21.16 -44.38
CA ASP B 122 25.52 21.73 -45.21
C ASP B 122 26.77 22.03 -44.39
N ASN B 123 26.60 22.39 -43.11
CA ASN B 123 27.75 22.61 -42.24
C ASN B 123 28.33 21.28 -41.75
N ILE B 124 27.48 20.28 -41.51
CA ILE B 124 27.98 18.96 -41.17
C ILE B 124 28.79 18.38 -42.33
N LYS B 125 28.33 18.62 -43.56
CA LYS B 125 29.07 18.19 -44.74
C LYS B 125 30.51 18.66 -44.71
N LYS B 126 30.77 19.84 -44.14
CA LYS B 126 32.07 20.48 -44.22
C LYS B 126 32.94 20.21 -42.98
N TYR B 127 32.37 20.38 -41.78
CA TYR B 127 33.14 20.23 -40.56
C TYR B 127 33.11 18.81 -40.00
N ALA B 128 31.99 18.10 -40.16
CA ALA B 128 31.84 16.74 -39.65
C ALA B 128 31.53 15.79 -40.81
N PRO B 129 32.49 15.60 -41.71
CA PRO B 129 32.23 14.77 -42.90
C PRO B 129 32.13 13.27 -42.62
N ASN B 130 32.30 12.84 -41.37
CA ASN B 130 32.26 11.42 -41.03
C ASN B 130 31.24 11.13 -39.93
N ALA B 131 30.36 12.06 -39.61
CA ALA B 131 29.48 11.91 -38.47
C ALA B 131 28.28 11.03 -38.81
N PHE B 132 27.85 10.27 -37.81
CA PHE B 132 26.60 9.51 -37.88
C PHE B 132 25.48 10.46 -37.48
N VAL B 133 24.72 10.93 -38.46
CA VAL B 133 23.71 11.96 -38.24
C VAL B 133 22.42 11.29 -37.79
N ILE B 134 21.95 11.68 -36.60
CA ILE B 134 20.67 11.23 -36.06
C ILE B 134 19.74 12.44 -36.02
N CYS B 135 18.52 12.26 -36.50
CA CYS B 135 17.57 13.36 -36.61
C CYS B 135 16.41 13.14 -35.64
N ILE B 136 16.09 14.18 -34.86
CA ILE B 136 14.95 14.15 -33.97
C ILE B 136 13.82 15.05 -34.44
N THR B 137 14.14 16.15 -35.12
CA THR B 137 13.13 17.12 -35.52
C THR B 137 12.03 16.46 -36.34
N ASN B 138 10.82 16.98 -36.20
CA ASN B 138 9.65 16.45 -36.89
C ASN B 138 9.16 17.42 -37.95
N PRO B 139 8.47 16.92 -39.00
CA PRO B 139 8.17 15.51 -39.26
C PRO B 139 9.42 14.69 -39.54
N LEU B 140 9.62 13.63 -38.75
CA LEU B 140 10.90 12.92 -38.75
C LEU B 140 11.27 12.44 -40.14
N ASP B 141 10.41 11.63 -40.76
CA ASP B 141 10.73 10.98 -42.02
C ASP B 141 10.92 11.97 -43.17
N VAL B 142 10.70 13.26 -42.96
CA VAL B 142 10.94 14.29 -43.95
C VAL B 142 12.20 15.09 -43.64
N MET B 143 12.34 15.55 -42.40
CA MET B 143 13.52 16.31 -42.00
C MET B 143 14.79 15.51 -42.23
N VAL B 144 14.79 14.23 -41.86
CA VAL B 144 15.97 13.40 -42.05
C VAL B 144 16.32 13.28 -43.53
N LYS B 145 15.32 13.29 -44.40
CA LYS B 145 15.58 13.28 -45.83
C LYS B 145 16.23 14.57 -46.29
N MET B 146 15.87 15.69 -45.66
CA MET B 146 16.52 16.96 -45.99
C MET B 146 17.94 17.01 -45.46
N LEU B 147 18.23 16.27 -44.38
CA LEU B 147 19.60 16.16 -43.91
C LEU B 147 20.44 15.25 -44.80
N LEU B 148 19.81 14.21 -45.36
CA LEU B 148 20.53 13.31 -46.25
C LEU B 148 20.98 14.03 -47.51
N LYS B 149 20.10 14.84 -48.11
CA LYS B 149 20.44 15.53 -49.34
C LYS B 149 21.45 16.64 -49.09
N ALA B 150 21.31 17.37 -47.99
CA ALA B 150 22.20 18.51 -47.72
C ALA B 150 23.60 18.02 -47.37
N THR B 151 23.71 17.05 -46.46
CA THR B 151 25.01 16.54 -46.07
C THR B 151 25.73 15.84 -47.23
N GLY B 152 24.96 15.25 -48.14
CA GLY B 152 25.54 14.45 -49.20
C GLY B 152 26.07 13.10 -48.76
N PHE B 153 25.91 12.75 -47.48
CA PHE B 153 26.40 11.47 -47.00
C PHE B 153 25.63 10.33 -47.67
N PRO B 154 26.17 9.11 -47.61
CA PRO B 154 25.38 7.96 -48.05
C PRO B 154 24.25 7.67 -47.06
N LYS B 155 23.28 6.89 -47.54
CA LYS B 155 22.07 6.66 -46.76
C LYS B 155 22.37 6.00 -45.41
N ASN B 156 23.44 5.20 -45.34
CA ASN B 156 23.74 4.44 -44.14
C ASN B 156 24.31 5.28 -43.01
N LYS B 157 24.46 6.59 -43.20
CA LYS B 157 25.01 7.46 -42.17
C LYS B 157 24.05 8.56 -41.71
N VAL B 158 22.80 8.56 -42.20
CA VAL B 158 21.82 9.55 -41.82
C VAL B 158 20.56 8.78 -41.41
N VAL B 159 20.27 8.77 -40.11
CA VAL B 159 19.16 8.01 -39.55
C VAL B 159 18.28 8.97 -38.76
N GLY B 160 17.04 8.54 -38.53
CA GLY B 160 16.08 9.31 -37.75
C GLY B 160 15.65 8.56 -36.51
N MET B 161 15.39 9.31 -35.44
CA MET B 161 14.96 8.72 -34.16
C MET B 161 13.44 8.64 -34.14
N GLY B 162 12.92 7.45 -34.36
CA GLY B 162 11.53 7.11 -34.19
C GLY B 162 11.46 5.61 -34.14
N GLY B 163 10.32 5.09 -33.69
CA GLY B 163 10.24 3.64 -33.56
C GLY B 163 10.90 3.12 -32.31
N LEU B 164 12.13 3.56 -32.02
CA LEU B 164 12.75 3.21 -30.75
C LEU B 164 12.03 3.87 -29.59
N LEU B 165 11.63 5.13 -29.77
CA LEU B 165 10.71 5.77 -28.83
C LEU B 165 9.32 5.15 -28.94
N ASP B 166 8.83 4.98 -30.17
CA ASP B 166 7.48 4.48 -30.37
C ASP B 166 7.35 3.02 -29.94
N SER B 167 8.37 2.20 -30.19
CA SER B 167 8.30 0.79 -29.79
C SER B 167 8.46 0.63 -28.29
N SER B 168 9.38 1.38 -27.69
CA SER B 168 9.56 1.30 -26.25
C SER B 168 8.30 1.74 -25.51
N ARG B 169 7.63 2.77 -26.02
CA ARG B 169 6.36 3.18 -25.45
C ARG B 169 5.37 2.03 -25.45
N MET B 170 5.24 1.35 -26.59
CA MET B 170 4.38 0.18 -26.67
C MET B 170 4.84 -0.90 -25.69
N CYS B 171 6.15 -1.20 -25.68
CA CYS B 171 6.65 -2.24 -24.80
C CYS B 171 6.41 -1.91 -23.34
N HIS B 172 6.48 -0.63 -22.97
CA HIS B 172 6.18 -0.24 -21.59
C HIS B 172 4.74 -0.58 -21.23
N TYR B 173 3.78 -0.05 -21.98
CA TYR B 173 2.38 -0.27 -21.68
C TYR B 173 2.04 -1.75 -21.54
N ILE B 174 2.76 -2.60 -22.27
CA ILE B 174 2.56 -4.04 -22.13
C ILE B 174 3.28 -4.57 -20.89
N ALA B 175 4.49 -4.06 -20.63
CA ALA B 175 5.21 -4.46 -19.43
C ALA B 175 4.47 -4.00 -18.17
N ASP B 176 3.95 -2.77 -18.19
CA ASP B 176 3.23 -2.26 -17.03
C ASP B 176 1.98 -3.09 -16.75
N LYS B 177 1.30 -3.55 -17.81
CA LYS B 177 0.11 -4.36 -17.61
C LYS B 177 0.47 -5.76 -17.14
N LEU B 178 1.46 -6.39 -17.78
CA LEU B 178 1.94 -7.68 -17.32
C LEU B 178 2.75 -7.58 -16.03
N ASN B 179 3.12 -6.38 -15.61
CA ASN B 179 4.01 -6.18 -14.46
C ASN B 179 5.27 -7.04 -14.62
N VAL B 180 6.01 -6.73 -15.68
CA VAL B 180 7.23 -7.44 -16.02
C VAL B 180 8.32 -6.41 -16.32
N ASN B 181 9.56 -6.77 -16.01
CA ASN B 181 10.68 -5.91 -16.35
C ASN B 181 10.66 -5.63 -17.84
N PRO B 182 10.48 -4.37 -18.28
CA PRO B 182 10.44 -4.10 -19.72
C PRO B 182 11.69 -4.53 -20.47
N ARG B 183 12.78 -4.84 -19.75
CA ARG B 183 13.99 -5.34 -20.40
C ARG B 183 13.70 -6.50 -21.33
N TYR B 184 12.71 -7.32 -21.00
CA TYR B 184 12.43 -8.54 -21.74
C TYR B 184 11.20 -8.45 -22.63
N VAL B 185 10.59 -7.27 -22.73
CA VAL B 185 9.45 -7.04 -23.62
C VAL B 185 9.95 -6.37 -24.88
N HIS B 186 9.83 -7.05 -26.02
CA HIS B 186 10.28 -6.55 -27.29
C HIS B 186 9.10 -6.32 -28.22
N GLY B 187 9.25 -5.34 -29.10
CA GLY B 187 8.20 -5.03 -30.05
C GLY B 187 8.69 -4.01 -31.06
N SER B 188 7.99 -3.95 -32.19
CA SER B 188 8.35 -3.07 -33.29
C SER B 188 7.14 -2.21 -33.66
N CYS B 189 7.35 -0.89 -33.67
CA CYS B 189 6.38 0.07 -34.18
C CYS B 189 6.98 0.71 -35.42
N ILE B 190 6.44 0.37 -36.59
CA ILE B 190 7.03 0.78 -37.86
C ILE B 190 6.20 1.88 -38.51
N GLY B 191 6.65 2.35 -39.66
CA GLY B 191 5.97 3.42 -40.37
C GLY B 191 6.62 4.77 -40.15
N GLY B 192 5.81 5.80 -40.34
CA GLY B 192 6.25 7.17 -40.11
C GLY B 192 6.02 7.60 -38.67
N HIS B 193 6.90 8.46 -38.19
CA HIS B 193 6.80 8.95 -36.82
C HIS B 193 5.63 9.90 -36.66
N GLY B 194 4.42 9.39 -36.77
CA GLY B 194 3.23 10.20 -36.66
C GLY B 194 2.01 9.36 -36.42
N ASP B 195 0.84 9.96 -36.68
CA ASP B 195 -0.43 9.27 -36.46
C ASP B 195 -0.56 8.02 -37.31
N SER B 196 0.24 7.89 -38.37
CA SER B 196 0.18 6.74 -39.26
C SER B 196 1.13 5.62 -38.84
N MET B 197 1.72 5.70 -37.65
CA MET B 197 2.61 4.64 -37.20
C MET B 197 1.82 3.35 -37.00
N ILE B 198 2.54 2.23 -37.02
CA ILE B 198 1.92 0.90 -36.97
C ILE B 198 2.45 0.14 -35.76
N PRO B 199 1.87 0.31 -34.57
CA PRO B 199 2.31 -0.48 -33.41
C PRO B 199 1.95 -1.95 -33.55
N LEU B 200 2.94 -2.79 -33.86
CA LEU B 200 2.70 -4.22 -34.07
C LEU B 200 2.55 -4.90 -32.70
N VAL B 201 1.42 -4.60 -32.06
CA VAL B 201 1.16 -5.13 -30.73
C VAL B 201 1.11 -6.65 -30.75
N ASN B 202 0.42 -7.23 -31.74
CA ASN B 202 0.21 -8.66 -31.79
C ASN B 202 1.48 -9.46 -32.06
N HIS B 203 2.60 -8.79 -32.33
CA HIS B 203 3.89 -9.46 -32.50
C HIS B 203 4.83 -9.21 -31.33
N VAL B 204 4.38 -8.53 -30.29
CA VAL B 204 5.20 -8.30 -29.12
C VAL B 204 5.57 -9.64 -28.48
N THR B 205 6.78 -9.70 -27.92
CA THR B 205 7.28 -10.91 -27.27
C THR B 205 7.81 -10.56 -25.89
N VAL B 206 7.77 -11.54 -24.99
CA VAL B 206 8.27 -11.40 -23.63
C VAL B 206 9.26 -12.54 -23.39
N ASN B 207 10.55 -12.20 -23.38
CA ASN B 207 11.61 -13.20 -23.30
C ASN B 207 11.43 -14.26 -24.37
N GLY B 208 11.09 -13.82 -25.57
CA GLY B 208 10.84 -14.69 -26.69
C GLY B 208 9.44 -15.26 -26.76
N ILE B 209 8.70 -15.22 -25.66
CA ILE B 209 7.37 -15.83 -25.62
C ILE B 209 6.39 -14.92 -26.35
N PRO B 210 5.54 -15.46 -27.24
CA PRO B 210 4.53 -14.61 -27.89
C PRO B 210 3.59 -13.99 -26.87
N ILE B 211 3.12 -12.77 -27.19
CA ILE B 211 2.19 -12.08 -26.32
C ILE B 211 0.86 -12.80 -26.23
N GLN B 212 0.51 -13.59 -27.24
CA GLN B 212 -0.77 -14.29 -27.23
C GLN B 212 -0.87 -15.27 -26.07
N LEU B 213 0.24 -15.89 -25.67
CA LEU B 213 0.19 -16.81 -24.54
C LEU B 213 -0.35 -16.11 -23.30
N PHE B 214 0.13 -14.90 -23.03
CA PHE B 214 -0.37 -14.14 -21.88
C PHE B 214 -1.83 -13.76 -22.05
N VAL B 215 -2.35 -13.75 -23.28
CA VAL B 215 -3.78 -13.57 -23.47
C VAL B 215 -4.52 -14.84 -23.08
N GLU B 216 -4.00 -16.00 -23.49
CA GLU B 216 -4.65 -17.28 -23.20
C GLU B 216 -4.57 -17.66 -21.73
N ARG B 217 -3.82 -16.91 -20.91
CA ARG B 217 -3.74 -17.17 -19.48
C ARG B 217 -4.47 -16.11 -18.66
N GLY B 218 -5.05 -15.10 -19.30
CA GLY B 218 -5.80 -14.08 -18.60
C GLY B 218 -4.99 -12.85 -18.19
N ASP B 219 -3.69 -12.85 -18.43
CA ASP B 219 -2.85 -11.72 -18.01
C ASP B 219 -3.20 -10.43 -18.75
N ILE B 220 -3.82 -10.53 -19.93
CA ILE B 220 -4.17 -9.35 -20.73
C ILE B 220 -5.12 -9.80 -21.82
N THR B 221 -5.91 -8.86 -22.33
CA THR B 221 -6.91 -9.16 -23.36
C THR B 221 -6.54 -8.49 -24.67
N GLN B 222 -7.00 -9.09 -25.78
CA GLN B 222 -6.80 -8.50 -27.09
C GLN B 222 -7.37 -7.09 -27.15
N ALA B 223 -8.51 -6.86 -26.50
CA ALA B 223 -9.08 -5.52 -26.43
C ALA B 223 -8.08 -4.56 -25.80
N GLU B 224 -7.45 -4.97 -24.70
CA GLU B 224 -6.43 -4.14 -24.06
C GLU B 224 -5.19 -4.01 -24.95
N LEU B 225 -4.91 -5.03 -25.76
CA LEU B 225 -3.80 -4.94 -26.70
C LEU B 225 -4.11 -3.95 -27.82
N ASP B 226 -5.36 -3.93 -28.28
CA ASP B 226 -5.75 -2.94 -29.28
C ASP B 226 -5.73 -1.54 -28.69
N LYS B 227 -6.10 -1.41 -27.41
CA LYS B 227 -6.07 -0.11 -26.75
C LYS B 227 -4.64 0.42 -26.66
N ILE B 228 -3.67 -0.47 -26.43
CA ILE B 228 -2.28 -0.05 -26.32
C ILE B 228 -1.76 0.43 -27.68
N ALA B 229 -2.26 -0.14 -28.77
CA ALA B 229 -1.85 0.32 -30.09
C ALA B 229 -2.19 1.79 -30.28
N GLN B 230 -3.42 2.19 -29.94
CA GLN B 230 -3.83 3.57 -30.12
C GLN B 230 -3.11 4.49 -29.13
N ARG B 231 -2.91 4.03 -27.89
CA ARG B 231 -2.18 4.84 -26.92
C ARG B 231 -0.75 5.08 -27.39
N THR B 232 -0.13 4.08 -28.01
CA THR B 232 1.19 4.27 -28.57
C THR B 232 1.17 5.34 -29.66
N ILE B 233 0.18 5.28 -30.55
CA ILE B 233 0.07 6.28 -31.61
C ILE B 233 -0.02 7.68 -31.02
N GLY B 234 -0.81 7.83 -29.97
CA GLY B 234 -1.05 9.12 -29.35
C GLY B 234 -0.21 9.43 -28.14
N SER B 235 0.80 8.60 -27.82
CA SER B 235 1.63 8.87 -26.65
C SER B 235 2.31 10.22 -26.77
N GLY B 236 2.77 10.59 -27.97
CA GLY B 236 3.40 11.88 -28.15
C GLY B 236 2.50 13.02 -27.72
N MET B 237 1.24 12.99 -28.16
CA MET B 237 0.31 14.06 -27.84
C MET B 237 -0.21 13.96 -26.42
N GLU B 238 -0.26 12.74 -25.86
CA GLU B 238 -0.68 12.58 -24.46
C GLU B 238 0.23 13.36 -23.53
N LEU B 239 1.55 13.30 -23.75
CA LEU B 239 2.48 14.00 -22.89
C LEU B 239 2.48 15.50 -23.14
N VAL B 240 2.24 15.92 -24.39
CA VAL B 240 2.11 17.34 -24.69
C VAL B 240 1.07 17.98 -23.79
N GLN B 241 -0.09 17.32 -23.64
CA GLN B 241 -1.17 17.85 -22.83
C GLN B 241 -0.97 17.61 -21.34
N LEU B 242 -0.14 16.63 -20.96
CA LEU B 242 0.22 16.47 -19.55
C LEU B 242 1.23 17.54 -19.13
N TYR B 243 2.30 17.71 -19.93
CA TYR B 243 3.26 18.77 -19.64
C TYR B 243 2.61 20.14 -19.64
N GLY B 244 1.60 20.36 -20.48
CA GLY B 244 0.99 21.67 -20.62
C GLY B 244 1.78 22.60 -21.50
N ASN B 245 3.09 22.72 -21.26
CA ASN B 245 3.99 23.45 -22.13
C ASN B 245 5.14 22.53 -22.51
N GLY B 246 5.49 22.55 -23.80
CA GLY B 246 6.50 21.65 -24.29
C GLY B 246 5.98 20.24 -24.46
N SER B 247 6.92 19.32 -24.66
CA SER B 247 6.60 17.93 -24.94
C SER B 247 7.60 17.04 -24.22
N ALA B 248 7.61 15.75 -24.59
CA ALA B 248 8.52 14.80 -23.98
C ALA B 248 9.96 15.13 -24.35
N TYR B 249 10.89 14.62 -23.55
CA TYR B 249 12.31 14.83 -23.84
C TYR B 249 13.22 13.84 -23.11
N PHE B 250 12.76 13.27 -22.00
CA PHE B 250 13.57 12.29 -21.29
C PHE B 250 13.76 11.03 -22.13
N ALA B 251 12.67 10.53 -22.73
CA ALA B 251 12.76 9.30 -23.52
C ALA B 251 13.40 9.58 -24.87
N PRO B 252 12.96 10.59 -25.62
CA PRO B 252 13.64 10.90 -26.89
C PRO B 252 15.15 11.07 -26.72
N ALA B 253 15.59 11.84 -25.72
CA ALA B 253 17.01 11.98 -25.46
C ALA B 253 17.65 10.64 -25.17
N THR B 254 16.96 9.79 -24.41
CA THR B 254 17.52 8.48 -24.05
C THR B 254 17.66 7.57 -25.26
N ALA B 255 16.73 7.67 -26.21
CA ALA B 255 16.79 6.84 -27.41
C ALA B 255 17.90 7.30 -28.35
N ALA B 256 18.01 8.62 -28.56
CA ALA B 256 19.05 9.15 -29.43
C ALA B 256 20.44 8.76 -28.94
N ILE B 257 20.63 8.70 -27.61
CA ILE B 257 21.94 8.33 -27.07
C ILE B 257 22.19 6.83 -27.24
N GLU B 258 21.14 6.02 -27.15
CA GLU B 258 21.31 4.59 -27.39
C GLU B 258 21.69 4.32 -28.83
N MET B 259 21.06 5.04 -29.77
CA MET B 259 21.44 4.91 -31.17
C MET B 259 22.86 5.38 -31.41
N ALA B 260 23.25 6.47 -30.74
CA ALA B 260 24.61 6.99 -30.90
C ALA B 260 25.64 6.07 -30.25
N SER B 261 25.24 5.33 -29.21
CA SER B 261 26.17 4.41 -28.56
C SER B 261 26.35 3.15 -29.40
N ALA B 262 25.29 2.65 -30.02
CA ALA B 262 25.42 1.47 -30.88
C ALA B 262 26.34 1.74 -32.06
N TYR B 263 26.44 2.99 -32.50
CA TYR B 263 27.35 3.35 -33.58
C TYR B 263 28.77 3.49 -33.07
N LEU B 264 28.98 4.37 -32.08
CA LEU B 264 30.32 4.59 -31.54
C LEU B 264 30.94 3.28 -31.05
N ASN B 265 30.16 2.44 -30.38
CA ASN B 265 30.66 1.20 -29.80
C ASN B 265 30.44 0.00 -30.72
N ASP B 266 29.83 0.19 -31.89
CA ASP B 266 29.64 -0.88 -32.86
C ASP B 266 28.89 -2.06 -32.22
N LYS B 267 27.94 -1.74 -31.35
CA LYS B 267 27.21 -2.78 -30.63
C LYS B 267 26.44 -3.68 -31.59
N LYS B 268 25.99 -3.13 -32.72
CA LYS B 268 25.16 -3.86 -33.68
C LYS B 268 23.81 -4.23 -33.03
N SER B 269 23.14 -3.19 -32.54
CA SER B 269 21.86 -3.34 -31.88
C SER B 269 20.74 -3.32 -32.90
N VAL B 270 19.74 -4.17 -32.69
CA VAL B 270 18.52 -4.16 -33.50
C VAL B 270 17.66 -3.03 -32.97
N ILE B 271 17.64 -1.91 -33.70
CA ILE B 271 16.92 -0.71 -33.28
C ILE B 271 15.99 -0.29 -34.41
N VAL B 272 14.73 -0.05 -34.07
CA VAL B 272 13.76 0.44 -35.04
C VAL B 272 13.95 1.95 -35.19
N CYS B 273 14.22 2.40 -36.41
CA CYS B 273 14.48 3.80 -36.68
C CYS B 273 14.12 4.09 -38.13
N SER B 274 14.10 5.39 -38.45
CA SER B 274 13.73 5.84 -39.79
C SER B 274 14.91 5.65 -40.74
N CYS B 275 14.74 4.77 -41.73
CA CYS B 275 15.79 4.40 -42.65
C CYS B 275 15.39 4.77 -44.08
N TYR B 276 16.40 5.07 -44.90
CA TYR B 276 16.17 5.38 -46.30
C TYR B 276 16.01 4.08 -47.09
N LEU B 277 14.93 3.98 -47.85
CA LEU B 277 14.58 2.76 -48.55
C LEU B 277 14.86 2.90 -50.04
N GLU B 278 15.36 1.82 -50.64
CA GLU B 278 15.56 1.73 -52.09
C GLU B 278 15.00 0.41 -52.61
N GLY B 279 13.81 0.05 -52.14
CA GLY B 279 13.17 -1.19 -52.54
C GLY B 279 12.46 -1.90 -51.41
N GLU B 280 13.03 -1.83 -50.21
CA GLU B 280 12.45 -2.51 -49.06
C GLU B 280 10.97 -2.13 -48.89
N TYR B 281 10.15 -3.14 -48.63
CA TYR B 281 8.70 -2.97 -48.46
C TYR B 281 8.01 -2.49 -49.73
N GLY B 282 8.72 -2.46 -50.86
CA GLY B 282 8.13 -1.98 -52.10
C GLY B 282 8.14 -0.48 -52.24
N HIS B 283 8.98 0.23 -51.48
CA HIS B 283 9.07 1.67 -51.54
C HIS B 283 10.51 2.08 -51.79
N SER B 284 10.67 3.28 -52.35
CA SER B 284 11.99 3.81 -52.65
C SER B 284 11.97 5.32 -52.44
N ASP B 285 13.17 5.88 -52.22
CA ASP B 285 13.35 7.33 -52.11
C ASP B 285 12.48 7.92 -51.00
N VAL B 286 12.22 7.12 -49.97
CA VAL B 286 11.42 7.57 -48.83
C VAL B 286 12.06 7.04 -47.55
N TYR B 287 12.03 7.87 -46.50
CA TYR B 287 12.45 7.44 -45.18
C TYR B 287 11.28 6.79 -44.46
N LEU B 288 11.57 5.72 -43.72
CA LEU B 288 10.51 4.91 -43.14
C LEU B 288 11.07 4.14 -41.95
N GLY B 289 10.25 4.02 -40.90
CA GLY B 289 10.68 3.34 -39.70
C GLY B 289 10.65 1.83 -39.80
N THR B 290 11.82 1.20 -39.68
CA THR B 290 11.93 -0.25 -39.77
C THR B 290 13.04 -0.70 -38.82
N PRO B 291 13.01 -1.94 -38.36
CA PRO B 291 14.15 -2.47 -37.60
C PRO B 291 15.40 -2.52 -38.45
N ALA B 292 16.54 -2.22 -37.83
CA ALA B 292 17.81 -2.22 -38.54
C ALA B 292 18.93 -2.46 -37.54
N ILE B 293 20.09 -2.84 -38.09
CA ILE B 293 21.28 -3.11 -37.28
C ILE B 293 22.15 -1.87 -37.31
N ILE B 294 22.41 -1.29 -36.14
CA ILE B 294 23.19 -0.08 -36.01
C ILE B 294 24.58 -0.45 -35.51
N GLY B 295 25.60 -0.21 -36.34
CA GLY B 295 26.97 -0.52 -36.00
C GLY B 295 27.94 0.59 -36.37
N ALA B 296 29.21 0.23 -36.57
CA ALA B 296 30.22 1.22 -36.91
C ALA B 296 29.96 1.87 -38.26
N ASN B 297 29.20 1.20 -39.14
CA ASN B 297 28.82 1.77 -40.43
C ASN B 297 27.43 2.39 -40.41
N GLY B 298 27.03 2.93 -39.27
CA GLY B 298 25.66 3.40 -39.13
C GLY B 298 24.71 2.23 -39.31
N ILE B 299 23.88 2.29 -40.35
CA ILE B 299 22.95 1.21 -40.66
C ILE B 299 23.72 0.18 -41.47
N GLU B 300 24.10 -0.94 -40.82
CA GLU B 300 24.80 -1.99 -41.53
C GLU B 300 23.85 -2.87 -42.33
N LYS B 301 22.62 -3.03 -41.86
CA LYS B 301 21.59 -3.75 -42.60
C LYS B 301 20.24 -3.14 -42.29
N ILE B 302 19.28 -3.39 -43.19
CA ILE B 302 17.87 -3.12 -42.95
C ILE B 302 17.17 -4.47 -42.85
N ILE B 303 16.33 -4.62 -41.84
CA ILE B 303 15.53 -5.83 -41.65
C ILE B 303 14.16 -5.56 -42.24
N THR B 304 13.88 -6.19 -43.39
CA THR B 304 12.57 -6.07 -44.03
C THR B 304 11.63 -7.08 -43.38
N LEU B 305 10.74 -6.60 -42.52
CA LEU B 305 9.79 -7.47 -41.85
C LEU B 305 8.82 -8.07 -42.87
N LYS B 306 8.41 -9.31 -42.60
CA LYS B 306 7.41 -9.98 -43.44
C LYS B 306 6.03 -9.51 -43.00
N LEU B 307 5.40 -8.68 -43.82
CA LEU B 307 4.15 -8.04 -43.48
C LEU B 307 2.98 -8.72 -44.16
N SER B 308 1.84 -8.71 -43.49
CA SER B 308 0.59 -9.14 -44.09
C SER B 308 -0.01 -8.01 -44.92
N SER B 309 -0.99 -8.35 -45.75
CA SER B 309 -1.69 -7.33 -46.51
C SER B 309 -2.34 -6.31 -45.58
N GLU B 310 -2.73 -6.73 -44.37
CA GLU B 310 -3.27 -5.78 -43.40
C GLU B 310 -2.22 -4.78 -42.96
N GLU B 311 -0.98 -5.24 -42.80
CA GLU B 311 0.10 -4.36 -42.35
C GLU B 311 0.70 -3.58 -43.51
N GLN B 312 0.69 -4.14 -44.72
CA GLN B 312 1.21 -3.43 -45.89
C GLN B 312 0.35 -2.20 -46.19
N ALA B 313 -0.98 -2.36 -46.21
CA ALA B 313 -1.85 -1.22 -46.47
C ALA B 313 -1.61 -0.11 -45.45
N LYS B 314 -1.48 -0.46 -44.17
CA LYS B 314 -1.13 0.53 -43.17
C LYS B 314 0.21 1.19 -43.49
N LEU B 315 1.18 0.40 -43.95
CA LEU B 315 2.48 0.96 -44.30
C LEU B 315 2.39 1.83 -45.55
N ASP B 316 1.73 1.33 -46.59
CA ASP B 316 1.56 2.12 -47.81
C ASP B 316 0.81 3.42 -47.51
N ALA B 317 -0.17 3.37 -46.61
CA ALA B 317 -0.90 4.57 -46.24
C ALA B 317 -0.06 5.53 -45.42
N SER B 318 0.97 5.04 -44.74
CA SER B 318 1.89 5.91 -44.01
C SER B 318 2.89 6.57 -44.95
N VAL B 319 3.35 5.83 -45.96
CA VAL B 319 4.25 6.41 -46.96
C VAL B 319 3.56 7.54 -47.70
N LYS B 320 2.27 7.40 -47.98
CA LYS B 320 1.54 8.44 -48.68
C LYS B 320 1.50 9.73 -47.86
N GLU B 321 1.35 9.60 -46.54
CA GLU B 321 1.35 10.79 -45.69
C GLU B 321 2.70 11.50 -45.72
N ILE B 322 3.79 10.72 -45.75
CA ILE B 322 5.13 11.28 -45.87
C ILE B 322 5.26 11.98 -47.22
N GLY C 4 5.12 -23.28 9.31
CA GLY C 4 4.18 -22.69 8.38
C GLY C 4 4.15 -21.17 8.45
N PHE C 5 4.31 -20.63 9.66
CA PHE C 5 4.37 -19.19 9.84
C PHE C 5 5.70 -18.60 9.39
N LEU C 6 6.72 -19.44 9.16
CA LEU C 6 7.95 -19.01 8.54
C LEU C 6 7.91 -19.17 7.03
N SER C 7 6.74 -19.47 6.46
CA SER C 7 6.58 -19.77 5.04
C SER C 7 5.42 -18.98 4.48
N THR C 8 5.25 -17.73 4.92
CA THR C 8 4.18 -16.88 4.43
C THR C 8 4.59 -16.24 3.11
N MET C 9 3.59 -15.86 2.32
CA MET C 9 3.84 -15.14 1.07
C MET C 9 4.13 -13.68 1.37
N SER C 10 5.09 -13.43 2.26
CA SER C 10 5.46 -12.07 2.64
C SER C 10 6.84 -11.77 2.06
N PRO C 11 7.02 -10.70 1.29
CA PRO C 11 8.34 -10.45 0.69
C PRO C 11 9.34 -10.02 1.74
N ALA C 12 10.54 -10.60 1.66
CA ALA C 12 11.62 -10.27 2.57
C ALA C 12 12.46 -9.09 2.10
N VAL C 13 12.16 -8.53 0.93
CA VAL C 13 12.90 -7.39 0.39
C VAL C 13 11.92 -6.44 -0.28
N ARG C 14 12.37 -5.21 -0.48
CA ARG C 14 11.58 -4.15 -1.09
C ARG C 14 12.45 -3.35 -2.04
N ARG C 15 11.81 -2.76 -3.04
CA ARG C 15 12.45 -1.68 -3.79
C ARG C 15 12.62 -0.47 -2.88
N ASN C 16 13.78 0.17 -2.97
CA ASN C 16 13.93 1.47 -2.34
C ASN C 16 12.90 2.43 -2.92
N LYS C 17 12.34 3.28 -2.06
CA LYS C 17 11.33 4.25 -2.48
C LYS C 17 11.84 5.65 -2.22
N ILE C 18 11.93 6.45 -3.28
CA ILE C 18 12.42 7.82 -3.22
C ILE C 18 11.29 8.73 -3.66
N SER C 19 10.81 9.58 -2.74
CA SER C 19 9.77 10.55 -3.04
C SER C 19 10.40 11.92 -3.26
N LEU C 20 9.89 12.63 -4.25
CA LEU C 20 10.45 13.93 -4.67
C LEU C 20 9.37 14.99 -4.50
N ILE C 21 9.51 15.80 -3.44
CA ILE C 21 8.54 16.85 -3.14
C ILE C 21 8.90 18.05 -4.01
N GLY C 22 8.28 18.14 -5.18
CA GLY C 22 8.63 19.16 -6.16
C GLY C 22 9.16 18.51 -7.43
N ALA C 23 8.35 18.53 -8.48
CA ALA C 23 8.70 17.91 -9.76
C ALA C 23 9.30 18.90 -10.73
N GLY C 24 9.93 19.96 -10.23
CA GLY C 24 10.55 20.95 -11.08
C GLY C 24 11.72 20.40 -11.87
N ASN C 25 12.56 21.29 -12.41
CA ASN C 25 13.66 20.86 -13.25
C ASN C 25 14.58 19.88 -12.52
N ILE C 26 14.85 20.14 -11.23
CA ILE C 26 15.70 19.24 -10.47
C ILE C 26 14.97 17.92 -10.20
N GLY C 27 13.69 18.00 -9.85
CA GLY C 27 12.92 16.78 -9.61
C GLY C 27 12.93 15.86 -10.82
N GLY C 28 12.80 16.42 -12.02
CA GLY C 28 12.78 15.60 -13.22
C GLY C 28 14.09 14.88 -13.47
N VAL C 29 15.22 15.58 -13.28
CA VAL C 29 16.51 14.94 -13.47
C VAL C 29 16.77 13.91 -12.38
N MET C 30 16.32 14.19 -11.15
CA MET C 30 16.51 13.23 -10.07
C MET C 30 15.76 11.93 -10.37
N ALA C 31 14.50 12.03 -10.80
CA ALA C 31 13.75 10.84 -11.19
C ALA C 31 14.43 10.13 -12.35
N TYR C 32 14.94 10.90 -13.31
CA TYR C 32 15.62 10.32 -14.46
C TYR C 32 16.84 9.51 -14.04
N LEU C 33 17.79 10.17 -13.38
CA LEU C 33 19.03 9.49 -12.97
C LEU C 33 18.72 8.28 -12.11
N ALA C 34 17.84 8.44 -11.12
CA ALA C 34 17.54 7.33 -10.20
C ALA C 34 16.96 6.15 -10.97
N GLN C 35 16.05 6.40 -11.91
CA GLN C 35 15.43 5.31 -12.64
C GLN C 35 16.43 4.58 -13.53
N LEU C 36 17.29 5.33 -14.23
CA LEU C 36 18.26 4.69 -15.11
C LEU C 36 19.30 3.89 -14.32
N LYS C 37 19.56 4.27 -13.08
CA LYS C 37 20.48 3.52 -12.24
C LYS C 37 19.79 2.41 -11.46
N GLU C 38 18.49 2.20 -11.68
CA GLU C 38 17.72 1.20 -10.95
C GLU C 38 17.96 1.34 -9.45
N LEU C 39 17.81 2.57 -8.97
CA LEU C 39 17.99 2.88 -7.55
C LEU C 39 16.72 2.66 -6.73
N GLY C 40 15.57 2.63 -7.38
CA GLY C 40 14.32 2.39 -6.69
C GLY C 40 13.17 3.11 -7.37
N ASP C 41 11.97 2.84 -6.89
CA ASP C 41 10.80 3.55 -7.37
C ASP C 41 10.87 5.02 -7.01
N VAL C 42 10.31 5.86 -7.88
CA VAL C 42 10.32 7.30 -7.70
C VAL C 42 8.89 7.81 -7.70
N VAL C 43 8.59 8.72 -6.78
CA VAL C 43 7.29 9.38 -6.70
C VAL C 43 7.52 10.85 -6.95
N LEU C 44 7.03 11.35 -8.08
CA LEU C 44 7.16 12.76 -8.45
C LEU C 44 5.96 13.52 -7.91
N PHE C 45 6.14 14.20 -6.80
CA PHE C 45 5.08 14.94 -6.13
C PHE C 45 5.18 16.42 -6.46
N ASP C 46 4.08 17.00 -6.90
CA ASP C 46 4.01 18.44 -7.15
C ASP C 46 2.55 18.87 -7.04
N ILE C 47 2.37 20.16 -6.74
CA ILE C 47 1.02 20.69 -6.54
C ILE C 47 0.19 20.59 -7.82
N ALA C 48 0.84 20.53 -8.98
CA ALA C 48 0.13 20.44 -10.25
C ALA C 48 0.02 18.99 -10.71
N LYS C 50 -0.12 16.67 -12.92
CA LYS C 50 0.09 16.61 -14.35
C LYS C 50 1.57 16.86 -14.69
N LEU C 51 2.20 17.78 -13.97
CA LEU C 51 3.63 17.99 -14.14
C LEU C 51 4.43 16.79 -13.67
N GLY C 52 4.04 16.19 -12.54
CA GLY C 52 4.70 14.99 -12.07
C GLY C 52 4.37 13.77 -12.90
N GLU C 53 3.15 13.69 -13.41
CA GLU C 53 2.77 12.56 -14.26
C GLU C 53 3.49 12.63 -15.60
N ALA C 54 3.58 13.83 -16.18
CA ALA C 54 4.26 13.99 -17.46
C ALA C 54 5.69 13.46 -17.38
N LYS C 55 6.45 13.93 -16.39
CA LYS C 55 7.82 13.47 -16.24
C LYS C 55 7.89 11.98 -15.92
N ALA C 56 6.92 11.47 -15.16
CA ALA C 56 6.91 10.06 -14.82
C ALA C 56 6.66 9.20 -16.06
N LEU C 57 5.62 9.54 -16.83
CA LEU C 57 5.31 8.77 -18.03
C LEU C 57 6.43 8.86 -19.05
N ASP C 58 7.06 10.03 -19.17
CA ASP C 58 8.17 10.19 -20.10
C ASP C 58 9.39 9.39 -19.63
N ILE C 59 9.61 9.34 -18.32
CA ILE C 59 10.74 8.59 -17.78
C ILE C 59 10.46 7.10 -17.81
N MET C 60 9.20 6.69 -17.71
CA MET C 60 8.88 5.27 -17.88
C MET C 60 9.13 4.83 -19.31
N HIS C 61 8.82 5.69 -20.29
CA HIS C 61 9.21 5.42 -21.66
C HIS C 61 10.71 5.23 -21.77
N ALA C 62 11.48 6.04 -21.03
CA ALA C 62 12.93 5.88 -21.02
C ALA C 62 13.35 4.54 -20.41
N ASN C 63 12.60 4.05 -19.41
CA ASN C 63 12.94 2.77 -18.81
C ASN C 63 12.87 1.65 -19.83
N ALA C 64 11.82 1.65 -20.67
CA ALA C 64 11.71 0.61 -21.69
C ALA C 64 12.83 0.70 -22.70
N ILE C 65 13.31 1.92 -22.98
CA ILE C 65 14.41 2.09 -23.93
C ILE C 65 15.72 1.59 -23.33
N TYR C 66 15.87 1.68 -22.02
CA TYR C 66 17.14 1.41 -21.34
C TYR C 66 17.14 0.07 -20.62
N ASP C 67 16.08 -0.74 -20.77
CA ASP C 67 15.99 -2.05 -20.12
C ASP C 67 16.16 -1.93 -18.60
N THR C 68 15.52 -0.92 -18.02
CA THR C 68 15.49 -0.73 -16.58
C THR C 68 14.12 -1.11 -16.04
N ALA C 69 14.10 -1.61 -14.81
CA ALA C 69 12.94 -2.33 -14.28
C ALA C 69 12.09 -1.53 -13.31
N HIS C 70 12.58 -0.40 -12.79
CA HIS C 70 11.88 0.27 -11.72
C HIS C 70 10.79 1.20 -12.26
N LYS C 71 9.99 1.73 -11.35
CA LYS C 71 8.74 2.42 -11.68
C LYS C 71 8.78 3.86 -11.19
N ALA C 72 8.06 4.73 -11.89
CA ALA C 72 7.95 6.14 -11.54
C ALA C 72 6.52 6.59 -11.76
N ILE C 73 5.99 7.33 -10.78
CA ILE C 73 4.62 7.82 -10.83
C ILE C 73 4.63 9.32 -10.54
N GLY C 74 3.52 9.97 -10.90
CA GLY C 74 3.29 11.35 -10.54
C GLY C 74 2.08 11.45 -9.63
N THR C 75 2.06 12.49 -8.80
CA THR C 75 0.96 12.64 -7.86
C THR C 75 0.98 14.05 -7.28
N ALA C 76 -0.18 14.44 -6.74
CA ALA C 76 -0.32 15.65 -5.93
C ALA C 76 -0.94 15.31 -4.58
N ASN C 77 -0.68 14.08 -4.10
CA ASN C 77 -1.30 13.56 -2.89
C ASN C 77 -0.22 12.90 -2.04
N TYR C 78 -0.04 13.39 -0.81
CA TYR C 78 0.99 12.84 0.07
C TYR C 78 0.79 11.34 0.33
N GLU C 79 -0.40 10.81 0.06
CA GLU C 79 -0.66 9.41 0.35
C GLU C 79 0.29 8.50 -0.40
N ASP C 80 0.75 8.92 -1.58
CA ASP C 80 1.72 8.15 -2.37
C ASP C 80 3.15 8.32 -1.88
N ILE C 81 3.38 9.12 -0.84
CA ILE C 81 4.70 9.23 -0.21
C ILE C 81 4.89 8.20 0.91
N ALA C 82 3.81 7.57 1.38
CA ALA C 82 3.89 6.70 2.53
C ALA C 82 5.00 5.69 2.39
N ASP C 83 5.73 5.46 3.49
CA ASP C 83 6.77 4.44 3.58
C ASP C 83 7.96 4.74 2.66
N SER C 84 8.15 6.01 2.29
CA SER C 84 9.26 6.38 1.44
C SER C 84 10.57 6.35 2.24
N ASP C 85 11.59 5.69 1.69
CA ASP C 85 12.88 5.63 2.36
C ASP C 85 13.61 6.96 2.31
N VAL C 86 13.39 7.74 1.25
CA VAL C 86 14.06 9.03 1.05
C VAL C 86 13.05 10.03 0.54
N CYS C 87 13.09 11.24 1.09
CA CYS C 87 12.25 12.36 0.65
C CYS C 87 13.17 13.52 0.31
N ILE C 88 13.26 13.85 -0.98
CA ILE C 88 14.06 14.98 -1.45
C ILE C 88 13.11 16.10 -1.81
N ILE C 89 13.43 17.32 -1.36
CA ILE C 89 12.51 18.45 -1.40
C ILE C 89 13.14 19.58 -2.20
N THR C 90 12.41 20.07 -3.21
CA THR C 90 12.82 21.23 -3.99
C THR C 90 11.76 22.32 -4.04
N ALA C 91 10.54 22.06 -3.56
CA ALA C 91 9.48 23.04 -3.64
C ALA C 91 9.83 24.27 -2.80
N GLY C 92 9.32 25.43 -3.23
CA GLY C 92 9.55 26.67 -2.52
C GLY C 92 9.41 27.91 -3.39
N VAL C 110 11.65 33.74 2.14
CA VAL C 110 12.05 32.94 3.29
C VAL C 110 10.84 32.65 4.16
N ALA C 111 10.15 33.71 4.58
CA ALA C 111 8.92 33.53 5.36
C ALA C 111 7.92 32.63 4.64
N PRO C 112 7.52 32.89 3.39
CA PRO C 112 6.59 31.97 2.74
C PRO C 112 7.18 30.59 2.52
N ASN C 113 8.47 30.51 2.18
CA ASN C 113 9.10 29.21 2.01
C ASN C 113 9.15 28.45 3.33
N SER C 114 9.51 29.12 4.42
CA SER C 114 9.56 28.46 5.72
C SER C 114 8.24 27.78 6.02
N LYS C 115 7.13 28.49 5.81
CA LYS C 115 5.81 27.92 6.08
C LYS C 115 5.54 26.72 5.18
N ILE C 116 6.00 26.79 3.92
CA ILE C 116 5.85 25.64 3.02
C ILE C 116 6.61 24.44 3.55
N MET C 117 7.79 24.67 4.14
CA MET C 117 8.59 23.57 4.64
C MET C 117 7.95 22.87 5.83
N PHE C 118 7.09 23.55 6.59
CA PHE C 118 6.39 22.88 7.68
C PHE C 118 5.33 21.92 7.16
N THR C 119 4.46 22.40 6.27
CA THR C 119 3.42 21.54 5.70
C THR C 119 4.03 20.26 5.13
N ILE C 120 5.08 20.41 4.33
CA ILE C 120 5.80 19.25 3.82
C ILE C 120 6.31 18.40 4.97
N GLY C 121 6.94 19.04 5.96
CA GLY C 121 7.48 18.31 7.09
C GLY C 121 6.41 17.58 7.89
N ASP C 122 5.21 18.16 7.97
CA ASP C 122 4.14 17.52 8.73
C ASP C 122 3.64 16.27 8.03
N ASN C 123 3.62 16.27 6.69
CA ASN C 123 3.20 15.09 5.95
C ASN C 123 4.29 14.03 5.91
N ILE C 124 5.55 14.44 5.70
CA ILE C 124 6.64 13.48 5.77
C ILE C 124 6.66 12.79 7.12
N LYS C 125 6.24 13.49 8.17
CA LYS C 125 6.12 12.85 9.48
C LYS C 125 4.99 11.83 9.48
N LYS C 126 3.84 12.19 8.91
CA LYS C 126 2.67 11.32 8.95
C LYS C 126 2.88 10.08 8.09
N TYR C 127 3.30 10.28 6.83
CA TYR C 127 3.31 9.20 5.85
C TYR C 127 4.65 8.48 5.78
N ALA C 128 5.77 9.20 5.87
CA ALA C 128 7.11 8.63 5.75
C ALA C 128 7.88 8.90 7.04
N PRO C 129 7.46 8.30 8.15
CA PRO C 129 8.12 8.59 9.44
C PRO C 129 9.56 8.10 9.53
N ASN C 130 10.03 7.31 8.56
CA ASN C 130 11.38 6.75 8.59
C ASN C 130 12.19 7.19 7.37
N ALA C 131 11.86 8.36 6.82
CA ALA C 131 12.50 8.83 5.60
C ALA C 131 13.78 9.60 5.91
N PHE C 132 14.73 9.51 4.99
CA PHE C 132 15.93 10.34 5.01
C PHE C 132 15.61 11.59 4.20
N VAL C 133 15.52 12.74 4.88
CA VAL C 133 15.06 13.98 4.27
C VAL C 133 16.26 14.75 3.74
N ILE C 134 16.31 14.96 2.43
CA ILE C 134 17.34 15.74 1.77
C ILE C 134 16.70 17.01 1.26
N CYS C 135 17.12 18.16 1.79
CA CYS C 135 16.57 19.45 1.41
C CYS C 135 17.44 20.11 0.35
N ILE C 136 16.79 20.80 -0.58
CA ILE C 136 17.48 21.54 -1.63
C ILE C 136 16.99 22.98 -1.64
N THR C 137 15.72 23.18 -1.28
CA THR C 137 15.13 24.51 -1.26
C THR C 137 16.03 25.48 -0.49
N ASN C 138 16.14 26.73 -1.03
CA ASN C 138 17.01 27.71 -0.42
C ASN C 138 16.20 28.75 0.35
N PRO C 139 16.77 29.38 1.39
CA PRO C 139 18.12 29.15 1.93
C PRO C 139 18.27 27.77 2.56
N LEU C 140 19.20 26.97 2.02
CA LEU C 140 19.34 25.58 2.44
C LEU C 140 19.38 25.46 3.97
N ASP C 141 20.36 26.13 4.59
CA ASP C 141 20.59 25.95 6.02
C ASP C 141 19.39 26.36 6.85
N VAL C 142 18.56 27.27 6.33
CA VAL C 142 17.36 27.70 7.06
C VAL C 142 16.20 26.75 6.81
N MET C 143 15.99 26.35 5.55
CA MET C 143 14.85 25.50 5.22
C MET C 143 15.00 24.11 5.85
N VAL C 144 16.20 23.53 5.78
CA VAL C 144 16.39 22.19 6.33
C VAL C 144 16.10 22.17 7.82
N LYS C 145 16.41 23.26 8.52
CA LYS C 145 16.09 23.34 9.95
C LYS C 145 14.58 23.42 10.16
N MET C 146 13.87 24.17 9.32
CA MET C 146 12.42 24.18 9.39
C MET C 146 11.86 22.77 9.20
N LEU C 147 12.50 21.97 8.34
CA LEU C 147 12.08 20.58 8.17
C LEU C 147 12.33 19.78 9.44
N LEU C 148 13.55 19.86 9.99
CA LEU C 148 13.87 19.12 11.19
C LEU C 148 12.85 19.38 12.29
N LYS C 149 12.41 20.63 12.43
CA LYS C 149 11.44 20.96 13.46
C LYS C 149 10.05 20.45 13.12
N ALA C 150 9.72 20.36 11.84
CA ALA C 150 8.39 19.92 11.43
C ALA C 150 8.26 18.40 11.48
N THR C 151 9.27 17.68 10.99
CA THR C 151 9.21 16.22 11.00
C THR C 151 9.45 15.66 12.40
N GLY C 152 10.29 16.32 13.20
CA GLY C 152 10.66 15.81 14.50
C GLY C 152 11.62 14.65 14.48
N PHE C 153 12.10 14.23 13.30
CA PHE C 153 13.01 13.10 13.19
C PHE C 153 14.31 13.41 13.92
N PRO C 154 15.16 12.41 14.15
CA PRO C 154 16.50 12.70 14.67
C PRO C 154 17.28 13.56 13.68
N LYS C 155 18.21 14.35 14.22
CA LYS C 155 18.97 15.26 13.38
C LYS C 155 19.75 14.51 12.30
N ASN C 156 20.08 13.25 12.54
CA ASN C 156 20.91 12.49 11.61
C ASN C 156 20.13 11.98 10.40
N LYS C 157 18.83 12.27 10.30
CA LYS C 157 18.02 11.85 9.16
C LYS C 157 17.39 13.02 8.43
N VAL C 158 17.89 14.24 8.67
CA VAL C 158 17.45 15.44 7.98
C VAL C 158 18.71 16.19 7.56
N VAL C 159 19.00 16.18 6.26
CA VAL C 159 20.25 16.74 5.73
C VAL C 159 19.92 17.71 4.61
N GLY C 160 20.86 18.61 4.34
CA GLY C 160 20.73 19.58 3.26
C GLY C 160 21.80 19.38 2.22
N MET C 161 21.39 19.44 0.95
CA MET C 161 22.32 19.30 -0.17
C MET C 161 22.85 20.68 -0.56
N GLY C 162 24.17 20.79 -0.61
CA GLY C 162 24.80 22.04 -0.99
C GLY C 162 26.31 21.96 -1.07
N GLY C 163 26.93 21.35 -0.04
CA GLY C 163 28.37 21.26 -0.01
C GLY C 163 28.94 20.29 -1.02
N LEU C 164 28.17 19.28 -1.41
CA LEU C 164 28.60 18.37 -2.47
C LEU C 164 28.54 19.07 -3.82
N LEU C 165 27.54 19.92 -4.02
CA LEU C 165 27.47 20.74 -5.23
C LEU C 165 28.54 21.83 -5.19
N ASP C 166 28.63 22.56 -4.08
CA ASP C 166 29.62 23.63 -3.97
C ASP C 166 31.04 23.10 -4.09
N SER C 167 31.32 21.96 -3.44
CA SER C 167 32.68 21.40 -3.48
C SER C 167 33.00 20.88 -4.87
N SER C 168 32.09 20.12 -5.48
CA SER C 168 32.34 19.58 -6.81
C SER C 168 32.57 20.69 -7.82
N ARG C 169 31.85 21.80 -7.69
CA ARG C 169 32.11 22.95 -8.54
C ARG C 169 33.53 23.48 -8.36
N MET C 170 33.97 23.58 -7.10
CA MET C 170 35.34 23.99 -6.84
C MET C 170 36.33 23.02 -7.46
N CYS C 171 36.04 21.72 -7.38
CA CYS C 171 36.96 20.70 -7.91
C CYS C 171 36.96 20.69 -9.42
N HIS C 172 35.82 20.99 -10.06
CA HIS C 172 35.79 21.05 -11.52
C HIS C 172 36.69 22.16 -12.05
N TYR C 173 36.55 23.37 -11.47
CA TYR C 173 37.36 24.49 -11.92
C TYR C 173 38.84 24.18 -11.82
N ILE C 174 39.24 23.42 -10.79
CA ILE C 174 40.64 23.01 -10.66
C ILE C 174 40.96 21.92 -11.66
N ALA C 175 40.13 20.89 -11.73
CA ALA C 175 40.37 19.80 -12.67
C ALA C 175 40.40 20.33 -14.11
N ASP C 176 39.57 21.33 -14.41
CA ASP C 176 39.53 21.89 -15.76
C ASP C 176 40.84 22.59 -16.10
N LYS C 177 41.44 23.29 -15.12
CA LYS C 177 42.70 23.98 -15.36
C LYS C 177 43.89 23.03 -15.35
N LEU C 178 43.79 21.91 -14.63
CA LEU C 178 44.88 20.94 -14.56
C LEU C 178 44.77 19.85 -15.62
N ASN C 179 43.67 19.80 -16.37
CA ASN C 179 43.46 18.75 -17.37
C ASN C 179 43.57 17.36 -16.75
N VAL C 180 42.90 17.21 -15.60
CA VAL C 180 42.88 15.94 -14.88
C VAL C 180 41.43 15.51 -14.71
N ASN C 181 41.24 14.20 -14.60
CA ASN C 181 39.92 13.66 -14.30
C ASN C 181 39.45 14.22 -12.96
N PRO C 182 38.26 14.81 -12.89
CA PRO C 182 37.76 15.29 -11.60
C PRO C 182 37.48 14.18 -10.60
N ARG C 183 37.57 12.91 -11.04
CA ARG C 183 37.38 11.79 -10.11
C ARG C 183 38.43 11.77 -9.03
N TYR C 184 39.60 12.35 -9.28
CA TYR C 184 40.70 12.34 -8.33
C TYR C 184 40.92 13.69 -7.67
N VAL C 185 40.16 14.71 -8.05
CA VAL C 185 40.24 16.02 -7.41
C VAL C 185 39.22 16.06 -6.28
N HIS C 186 39.71 16.18 -5.05
CA HIS C 186 38.87 16.25 -3.87
C HIS C 186 39.11 17.56 -3.14
N GLY C 187 38.02 18.17 -2.68
CA GLY C 187 38.09 19.42 -1.95
C GLY C 187 36.82 19.63 -1.15
N SER C 188 36.91 20.54 -0.19
CA SER C 188 35.82 20.79 0.74
C SER C 188 35.42 22.26 0.68
N CYS C 189 34.12 22.50 0.51
CA CYS C 189 33.54 23.83 0.60
C CYS C 189 32.49 23.79 1.70
N ILE C 190 32.72 24.53 2.77
CA ILE C 190 31.88 24.45 3.96
C ILE C 190 31.20 25.79 4.23
N GLY C 191 30.41 25.85 5.30
CA GLY C 191 29.68 27.05 5.62
C GLY C 191 28.22 26.96 5.21
N GLY C 192 27.59 28.10 4.96
CA GLY C 192 26.22 28.11 4.50
C GLY C 192 26.13 28.09 2.98
N HIS C 193 25.04 27.49 2.49
CA HIS C 193 24.81 27.40 1.05
C HIS C 193 24.42 28.78 0.53
N GLY C 194 25.44 29.60 0.29
CA GLY C 194 25.22 30.96 -0.15
C GLY C 194 26.53 31.71 -0.22
N ASP C 195 26.42 33.03 -0.32
CA ASP C 195 27.60 33.88 -0.49
C ASP C 195 28.61 33.71 0.64
N SER C 196 28.19 33.16 1.78
CA SER C 196 29.07 32.98 2.93
C SER C 196 29.89 31.70 2.88
N MET C 197 29.65 30.84 1.89
CA MET C 197 30.36 29.57 1.83
C MET C 197 31.87 29.80 1.80
N ILE C 198 32.60 28.84 2.35
CA ILE C 198 34.06 28.91 2.40
C ILE C 198 34.62 27.79 1.53
N PRO C 199 34.99 28.06 0.27
CA PRO C 199 35.62 27.03 -0.56
C PRO C 199 37.11 26.95 -0.28
N LEU C 200 37.51 25.89 0.44
CA LEU C 200 38.89 25.73 0.90
C LEU C 200 39.74 25.26 -0.27
N VAL C 201 40.05 26.20 -1.17
CA VAL C 201 40.78 25.89 -2.39
C VAL C 201 42.22 25.52 -2.09
N ASN C 202 42.80 26.08 -1.02
CA ASN C 202 44.19 25.82 -0.70
C ASN C 202 44.40 24.45 -0.07
N HIS C 203 43.34 23.71 0.23
CA HIS C 203 43.44 22.37 0.79
C HIS C 203 43.04 21.29 -0.21
N VAL C 204 42.77 21.66 -1.46
CA VAL C 204 42.35 20.68 -2.45
C VAL C 204 43.48 19.69 -2.70
N THR C 205 43.11 18.44 -2.99
CA THR C 205 44.06 17.37 -3.24
C THR C 205 43.73 16.69 -4.56
N VAL C 206 44.78 16.23 -5.25
CA VAL C 206 44.65 15.53 -6.51
C VAL C 206 45.19 14.11 -6.29
N ASN C 207 44.29 13.15 -6.13
CA ASN C 207 44.66 11.78 -5.77
C ASN C 207 45.59 11.78 -4.55
N GLY C 208 45.21 12.56 -3.54
CA GLY C 208 45.99 12.69 -2.32
C GLY C 208 47.10 13.72 -2.39
N ILE C 209 47.51 14.13 -3.57
CA ILE C 209 48.61 15.08 -3.74
C ILE C 209 48.09 16.47 -3.41
N PRO C 210 48.70 17.20 -2.47
CA PRO C 210 48.28 18.58 -2.24
C PRO C 210 48.40 19.42 -3.50
N ILE C 211 47.45 20.34 -3.68
CA ILE C 211 47.43 21.18 -4.87
C ILE C 211 48.62 22.13 -4.90
N GLN C 212 49.29 22.34 -3.76
CA GLN C 212 50.46 23.22 -3.74
C GLN C 212 51.55 22.69 -4.68
N LEU C 213 51.68 21.37 -4.78
CA LEU C 213 52.66 20.79 -5.69
C LEU C 213 52.41 21.29 -7.11
N PHE C 214 51.15 21.25 -7.56
CA PHE C 214 50.84 21.71 -8.91
C PHE C 214 51.11 23.20 -9.06
N VAL C 215 51.02 23.97 -7.98
CA VAL C 215 51.43 25.37 -8.01
C VAL C 215 52.93 25.46 -8.25
N GLU C 216 53.71 24.59 -7.59
CA GLU C 216 55.16 24.61 -7.78
C GLU C 216 55.53 24.13 -9.18
N ARG C 217 54.79 23.16 -9.72
CA ARG C 217 55.05 22.68 -11.06
C ARG C 217 54.79 23.74 -12.12
N GLY C 218 54.01 24.77 -11.80
CA GLY C 218 53.62 25.77 -12.76
C GLY C 218 52.32 25.51 -13.47
N ASP C 219 51.57 24.47 -13.06
CA ASP C 219 50.31 24.15 -13.70
C ASP C 219 49.18 25.10 -13.32
N ILE C 220 49.34 25.84 -12.23
CA ILE C 220 48.33 26.80 -11.78
C ILE C 220 49.00 27.76 -10.81
N THR C 221 48.42 28.95 -10.66
CA THR C 221 48.94 29.96 -9.75
C THR C 221 48.00 30.12 -8.56
N GLN C 222 48.55 30.64 -7.46
CA GLN C 222 47.74 30.96 -6.31
C GLN C 222 46.62 31.93 -6.69
N ALA C 223 46.93 32.92 -7.54
CA ALA C 223 45.91 33.86 -7.99
C ALA C 223 44.73 33.12 -8.61
N GLU C 224 45.01 32.13 -9.46
CA GLU C 224 43.94 31.33 -10.05
C GLU C 224 43.15 30.60 -8.96
N LEU C 225 43.84 30.06 -7.96
CA LEU C 225 43.15 29.38 -6.87
C LEU C 225 42.21 30.33 -6.14
N ASP C 226 42.74 31.50 -5.73
CA ASP C 226 41.89 32.49 -5.09
C ASP C 226 40.68 32.83 -5.97
N LYS C 227 40.90 32.93 -7.28
CA LYS C 227 39.80 33.28 -8.17
C LYS C 227 38.81 32.13 -8.32
N ILE C 228 39.29 30.89 -8.24
CA ILE C 228 38.38 29.74 -8.27
C ILE C 228 37.47 29.76 -7.04
N ALA C 229 38.02 30.10 -5.88
CA ALA C 229 37.19 30.23 -4.69
C ALA C 229 36.09 31.27 -4.91
N GLN C 230 36.43 32.38 -5.55
CA GLN C 230 35.43 33.43 -5.78
C GLN C 230 34.42 33.01 -6.84
N ARG C 231 34.83 32.16 -7.79
CA ARG C 231 33.89 31.66 -8.79
C ARG C 231 32.99 30.57 -8.22
N THR C 232 33.49 29.77 -7.28
CA THR C 232 32.63 28.79 -6.62
C THR C 232 31.49 29.48 -5.88
N ILE C 233 31.77 30.60 -5.23
CA ILE C 233 30.75 31.29 -4.45
C ILE C 233 29.64 31.79 -5.35
N GLY C 234 29.99 32.34 -6.50
CA GLY C 234 29.01 32.92 -7.41
C GLY C 234 28.60 32.00 -8.53
N SER C 235 28.90 30.70 -8.39
CA SER C 235 28.53 29.75 -9.44
C SER C 235 27.02 29.68 -9.61
N GLY C 236 26.26 29.80 -8.52
CA GLY C 236 24.82 29.79 -8.63
C GLY C 236 24.30 30.89 -9.53
N MET C 237 24.77 32.12 -9.32
CA MET C 237 24.34 33.24 -10.15
C MET C 237 24.94 33.17 -11.56
N GLU C 238 26.15 32.63 -11.69
CA GLU C 238 26.77 32.52 -13.00
C GLU C 238 25.90 31.72 -13.95
N LEU C 239 25.23 30.67 -13.45
CA LEU C 239 24.37 29.86 -14.30
C LEU C 239 22.99 30.47 -14.47
N VAL C 240 22.54 31.27 -13.49
CA VAL C 240 21.26 31.97 -13.65
C VAL C 240 21.33 32.92 -14.83
N GLN C 241 22.41 33.71 -14.91
CA GLN C 241 22.57 34.62 -16.05
C GLN C 241 22.75 33.84 -17.35
N LEU C 242 23.50 32.73 -17.30
CA LEU C 242 23.68 31.92 -18.50
C LEU C 242 22.37 31.26 -18.93
N TYR C 243 21.63 30.69 -17.97
CA TYR C 243 20.33 30.11 -18.31
C TYR C 243 19.33 31.19 -18.72
N GLY C 244 19.41 32.35 -18.10
CA GLY C 244 18.44 33.42 -18.36
C GLY C 244 17.14 33.23 -17.61
N ASN C 245 16.57 32.03 -17.66
CA ASN C 245 15.35 31.69 -16.94
C ASN C 245 15.63 30.48 -16.07
N GLY C 246 15.51 30.65 -14.76
CA GLY C 246 15.75 29.57 -13.83
C GLY C 246 17.21 29.41 -13.46
N SER C 247 17.46 28.48 -12.55
CA SER C 247 18.80 28.21 -12.03
C SER C 247 19.29 26.87 -12.58
N ALA C 248 20.44 26.43 -12.07
CA ALA C 248 20.97 25.13 -12.43
C ALA C 248 20.09 24.02 -11.86
N TYR C 249 20.16 22.86 -12.50
CA TYR C 249 19.36 21.72 -12.04
C TYR C 249 20.03 20.38 -12.30
N PHE C 250 20.85 20.28 -13.35
CA PHE C 250 21.48 19.00 -13.66
C PHE C 250 22.39 18.54 -12.51
N ALA C 251 23.20 19.45 -11.96
CA ALA C 251 24.14 19.08 -10.92
C ALA C 251 23.43 18.94 -9.57
N PRO C 252 22.58 19.89 -9.17
CA PRO C 252 21.81 19.70 -7.92
C PRO C 252 21.05 18.38 -7.88
N ALA C 253 20.60 17.87 -9.03
CA ALA C 253 19.93 16.58 -9.05
C ALA C 253 20.93 15.45 -8.87
N THR C 254 22.07 15.53 -9.56
CA THR C 254 23.09 14.48 -9.41
C THR C 254 23.59 14.43 -7.97
N ALA C 255 23.79 15.58 -7.33
CA ALA C 255 24.24 15.59 -5.95
C ALA C 255 23.22 14.93 -5.03
N ALA C 256 21.94 15.28 -5.19
CA ALA C 256 20.89 14.73 -4.34
C ALA C 256 20.83 13.20 -4.46
N ILE C 257 20.73 12.69 -5.69
CA ILE C 257 20.66 11.24 -5.89
C ILE C 257 21.93 10.59 -5.38
N GLU C 258 23.08 11.24 -5.58
CA GLU C 258 24.33 10.69 -5.06
C GLU C 258 24.26 10.49 -3.56
N MET C 259 23.55 11.38 -2.85
CA MET C 259 23.42 11.24 -1.39
C MET C 259 22.37 10.20 -1.02
N ALA C 260 21.23 10.19 -1.72
CA ALA C 260 20.22 9.16 -1.47
C ALA C 260 20.79 7.78 -1.72
N SER C 261 21.62 7.63 -2.75
CA SER C 261 22.25 6.34 -3.02
C SER C 261 23.19 5.95 -1.87
N ALA C 262 23.91 6.92 -1.31
CA ALA C 262 24.79 6.63 -0.18
C ALA C 262 24.00 6.13 1.01
N TYR C 263 22.78 6.64 1.20
CA TYR C 263 21.92 6.18 2.29
C TYR C 263 21.31 4.82 1.96
N LEU C 264 20.64 4.71 0.81
CA LEU C 264 19.96 3.47 0.46
C LEU C 264 20.92 2.30 0.38
N ASN C 265 22.18 2.55 0.03
CA ASN C 265 23.17 1.50 -0.12
C ASN C 265 24.16 1.46 1.03
N ASP C 266 24.02 2.33 2.02
CA ASP C 266 24.90 2.34 3.19
C ASP C 266 26.37 2.32 2.76
N LYS C 267 26.72 3.29 1.91
CA LYS C 267 28.05 3.33 1.33
C LYS C 267 29.11 3.87 2.29
N LYS C 268 28.70 4.54 3.37
CA LYS C 268 29.65 5.22 4.25
C LYS C 268 30.44 6.28 3.47
N SER C 269 29.75 6.94 2.53
CA SER C 269 30.40 7.90 1.65
C SER C 269 30.70 9.20 2.39
N VAL C 270 31.87 9.76 2.09
CA VAL C 270 32.28 11.03 2.67
C VAL C 270 31.72 12.15 1.80
N ILE C 271 30.79 12.91 2.35
CA ILE C 271 30.05 13.93 1.60
C ILE C 271 29.97 15.20 2.45
N VAL C 272 30.27 16.34 1.83
CA VAL C 272 30.06 17.63 2.48
C VAL C 272 28.60 18.02 2.30
N CYS C 273 27.91 18.27 3.41
CA CYS C 273 26.48 18.54 3.36
C CYS C 273 26.09 19.34 4.59
N SER C 274 24.93 19.98 4.50
CA SER C 274 24.42 20.78 5.61
C SER C 274 23.97 19.87 6.75
N CYS C 275 24.60 20.02 7.91
CA CYS C 275 24.31 19.19 9.07
C CYS C 275 23.92 20.07 10.25
N TYR C 276 23.06 19.53 11.12
CA TYR C 276 22.66 20.21 12.34
C TYR C 276 23.77 20.06 13.37
N LEU C 277 24.35 21.19 13.79
CA LEU C 277 25.47 21.19 14.73
C LEU C 277 24.97 21.38 16.15
N GLU C 278 25.62 20.69 17.08
CA GLU C 278 25.32 20.81 18.51
C GLU C 278 26.62 20.84 19.30
N GLY C 279 27.58 21.63 18.82
CA GLY C 279 28.85 21.78 19.48
C GLY C 279 30.01 21.95 18.52
N GLU C 280 29.96 21.25 17.39
CA GLU C 280 31.05 21.29 16.44
C GLU C 280 31.27 22.71 15.94
N TYR C 281 32.55 23.05 15.74
CA TYR C 281 32.97 24.38 15.29
C TYR C 281 32.61 25.48 16.28
N GLY C 282 32.19 25.13 17.49
CA GLY C 282 31.79 26.10 18.49
C GLY C 282 30.35 26.56 18.38
N HIS C 283 29.64 26.17 17.33
CA HIS C 283 28.25 26.59 17.12
C HIS C 283 27.28 25.49 17.55
N SER C 284 26.01 25.85 17.64
CA SER C 284 24.98 24.91 18.04
C SER C 284 23.63 25.42 17.59
N ASP C 285 22.70 24.48 17.42
CA ASP C 285 21.32 24.79 17.02
C ASP C 285 21.27 25.53 15.69
N VAL C 286 22.20 25.22 14.79
CA VAL C 286 22.23 25.81 13.45
C VAL C 286 22.73 24.75 12.48
N TYR C 287 22.15 24.77 11.27
CA TYR C 287 22.64 23.93 10.19
C TYR C 287 23.81 24.60 9.50
N LEU C 288 24.86 23.84 9.24
CA LEU C 288 26.07 24.38 8.62
C LEU C 288 26.78 23.28 7.86
N GLY C 289 27.19 23.60 6.63
CA GLY C 289 27.81 22.60 5.77
C GLY C 289 29.17 22.16 6.31
N THR C 290 29.41 20.85 6.27
CA THR C 290 30.65 20.27 6.74
C THR C 290 30.78 18.83 6.23
N PRO C 291 31.99 18.33 6.00
CA PRO C 291 32.13 16.93 5.58
C PRO C 291 31.49 15.98 6.58
N ALA C 292 30.79 14.97 6.06
CA ALA C 292 30.11 13.98 6.88
C ALA C 292 30.19 12.63 6.19
N ILE C 293 29.68 11.61 6.89
CA ILE C 293 29.67 10.23 6.39
C ILE C 293 28.22 9.77 6.38
N ILE C 294 27.73 9.42 5.18
CA ILE C 294 26.33 9.06 4.98
C ILE C 294 26.23 7.55 4.83
N GLY C 295 25.25 6.97 5.52
CA GLY C 295 25.01 5.54 5.47
C GLY C 295 23.57 5.19 5.79
N ALA C 296 23.32 3.95 6.21
CA ALA C 296 21.96 3.52 6.51
C ALA C 296 21.32 4.37 7.61
N ASN C 297 22.11 5.06 8.41
CA ASN C 297 21.61 5.96 9.45
C ASN C 297 21.67 7.42 9.03
N GLY C 298 21.67 7.70 7.74
CA GLY C 298 21.82 9.08 7.30
C GLY C 298 23.17 9.60 7.73
N ILE C 299 23.18 10.71 8.45
CA ILE C 299 24.42 11.30 8.94
C ILE C 299 24.94 10.45 10.07
N GLU C 300 25.98 9.64 9.78
CA GLU C 300 26.53 8.73 10.78
C GLU C 300 27.70 9.33 11.54
N LYS C 301 28.40 10.29 10.94
CA LYS C 301 29.51 10.97 11.59
C LYS C 301 29.64 12.36 11.01
N ILE C 302 29.95 13.32 11.87
CA ILE C 302 30.27 14.69 11.46
C ILE C 302 31.76 14.88 11.65
N ILE C 303 32.46 15.16 10.55
CA ILE C 303 33.90 15.41 10.60
C ILE C 303 34.12 16.90 10.80
N THR C 304 34.76 17.27 11.91
CA THR C 304 35.07 18.66 12.20
C THR C 304 36.46 18.98 11.66
N LEU C 305 36.54 19.94 10.75
CA LEU C 305 37.80 20.29 10.12
C LEU C 305 38.60 21.25 10.99
N LYS C 306 39.92 21.07 10.99
CA LYS C 306 40.84 21.95 11.71
C LYS C 306 40.96 23.24 10.93
N LEU C 307 40.25 24.28 11.38
CA LEU C 307 40.22 25.56 10.68
C LEU C 307 41.28 26.50 11.25
N SER C 308 41.80 27.37 10.39
CA SER C 308 42.71 28.42 10.80
C SER C 308 41.92 29.54 11.47
N SER C 309 42.66 30.54 11.98
CA SER C 309 42.00 31.69 12.57
C SER C 309 41.19 32.46 11.52
N GLU C 310 41.78 32.66 10.34
CA GLU C 310 41.10 33.39 9.27
C GLU C 310 39.91 32.63 8.72
N GLU C 311 39.88 31.30 8.87
CA GLU C 311 38.76 30.50 8.38
C GLU C 311 37.64 30.37 9.41
N GLN C 312 37.99 30.20 10.68
CA GLN C 312 36.96 30.23 11.73
C GLN C 312 36.22 31.56 11.73
N ALA C 313 36.88 32.63 11.29
CA ALA C 313 36.20 33.93 11.21
C ALA C 313 35.16 33.93 10.09
N LYS C 314 35.53 33.40 8.92
CA LYS C 314 34.56 33.30 7.82
C LYS C 314 33.42 32.36 8.17
N LEU C 315 33.70 31.31 8.96
CA LEU C 315 32.64 30.40 9.39
C LEU C 315 31.68 31.10 10.34
N ASP C 316 32.23 31.83 11.33
CA ASP C 316 31.38 32.56 12.26
C ASP C 316 30.48 33.56 11.55
N ALA C 317 30.96 34.14 10.44
CA ALA C 317 30.14 35.07 9.68
C ALA C 317 29.03 34.34 8.93
N SER C 318 29.27 33.10 8.51
CA SER C 318 28.24 32.33 7.82
C SER C 318 27.09 32.00 8.75
N VAL C 319 27.40 31.65 10.01
CA VAL C 319 26.35 31.32 10.96
C VAL C 319 25.54 32.57 11.31
N LYS C 320 26.20 33.71 11.46
CA LYS C 320 25.48 34.95 11.73
C LYS C 320 24.45 35.22 10.65
N GLU C 321 24.80 34.97 9.39
CA GLU C 321 23.87 35.22 8.29
C GLU C 321 22.76 34.18 8.26
N ILE C 322 23.01 32.97 8.74
CA ILE C 322 22.00 31.93 8.79
C ILE C 322 20.99 32.25 9.88
N ALA D 12 34.31 4.42 -40.17
CA ALA D 12 34.77 5.67 -39.59
C ALA D 12 35.21 5.48 -38.14
N VAL D 13 34.42 4.71 -37.38
CA VAL D 13 34.76 4.38 -35.99
C VAL D 13 34.98 2.88 -35.90
N ARG D 14 35.32 2.41 -34.70
CA ARG D 14 35.81 1.03 -34.56
C ARG D 14 35.85 0.67 -33.08
N ARG D 15 35.50 -0.58 -32.78
CA ARG D 15 35.67 -1.10 -31.44
C ARG D 15 37.13 -1.00 -31.02
N ASN D 16 37.35 -0.82 -29.72
CA ASN D 16 38.70 -0.93 -29.19
C ASN D 16 39.16 -2.38 -29.25
N LYS D 17 40.46 -2.57 -29.45
CA LYS D 17 41.06 -3.90 -29.52
C LYS D 17 42.02 -4.03 -28.35
N ILE D 18 41.59 -4.73 -27.31
CA ILE D 18 42.38 -4.94 -26.10
C ILE D 18 42.85 -6.38 -26.12
N SER D 19 44.12 -6.60 -26.43
CA SER D 19 44.71 -7.94 -26.48
C SER D 19 45.43 -8.22 -25.17
N LEU D 20 45.20 -9.41 -24.62
CA LEU D 20 45.81 -9.82 -23.35
C LEU D 20 46.77 -10.97 -23.66
N ILE D 21 48.08 -10.69 -23.58
CA ILE D 21 49.09 -11.71 -23.81
C ILE D 21 49.25 -12.49 -22.51
N GLY D 22 48.51 -13.59 -22.39
CA GLY D 22 48.46 -14.35 -21.17
C GLY D 22 47.03 -14.56 -20.72
N ALA D 23 46.50 -15.77 -20.90
CA ALA D 23 45.13 -16.10 -20.53
C ALA D 23 45.05 -16.76 -19.16
N GLY D 24 45.92 -16.37 -18.25
CA GLY D 24 45.89 -16.91 -16.91
C GLY D 24 44.77 -16.30 -16.09
N ASN D 25 44.88 -16.48 -14.77
CA ASN D 25 43.85 -15.99 -13.86
C ASN D 25 43.64 -14.49 -14.04
N ILE D 26 44.72 -13.72 -13.99
CA ILE D 26 44.60 -12.28 -14.21
C ILE D 26 43.97 -12.01 -15.56
N GLY D 27 44.47 -12.66 -16.61
CA GLY D 27 43.95 -12.43 -17.94
C GLY D 27 42.49 -12.80 -18.08
N GLY D 28 42.04 -13.81 -17.33
CA GLY D 28 40.63 -14.19 -17.39
C GLY D 28 39.72 -13.12 -16.84
N VAL D 29 40.05 -12.58 -15.67
CA VAL D 29 39.23 -11.54 -15.06
C VAL D 29 39.21 -10.29 -15.93
N MET D 30 40.31 -10.04 -16.65
CA MET D 30 40.37 -8.87 -17.54
C MET D 30 39.30 -8.95 -18.62
N ALA D 31 39.30 -10.03 -19.40
CA ALA D 31 38.29 -10.19 -20.45
C ALA D 31 36.88 -10.08 -19.87
N TYR D 32 36.67 -10.64 -18.68
CA TYR D 32 35.35 -10.60 -18.06
C TYR D 32 34.92 -9.16 -17.76
N LEU D 33 35.78 -8.40 -17.09
CA LEU D 33 35.45 -7.03 -16.76
C LEU D 33 35.32 -6.19 -18.02
N ALA D 34 36.23 -6.36 -18.97
CA ALA D 34 36.19 -5.57 -20.20
C ALA D 34 34.91 -5.85 -20.98
N GLN D 35 34.54 -7.12 -21.11
CA GLN D 35 33.33 -7.46 -21.87
C GLN D 35 32.08 -6.92 -21.19
N LEU D 36 31.93 -7.18 -19.88
CA LEU D 36 30.75 -6.68 -19.18
C LEU D 36 30.66 -5.16 -19.22
N LYS D 37 31.80 -4.47 -19.22
CA LYS D 37 31.82 -3.02 -19.34
C LYS D 37 31.76 -2.56 -20.79
N GLU D 38 31.82 -3.48 -21.75
CA GLU D 38 31.82 -3.14 -23.17
C GLU D 38 32.91 -2.10 -23.46
N LEU D 39 34.12 -2.41 -23.00
CA LEU D 39 35.26 -1.54 -23.24
C LEU D 39 35.90 -1.75 -24.60
N GLY D 40 35.63 -2.88 -25.23
CA GLY D 40 36.18 -3.17 -26.55
C GLY D 40 36.30 -4.67 -26.77
N ASP D 41 36.64 -5.02 -28.00
CA ASP D 41 36.93 -6.41 -28.33
C ASP D 41 38.15 -6.88 -27.55
N VAL D 42 38.12 -8.14 -27.12
CA VAL D 42 39.18 -8.72 -26.31
C VAL D 42 39.78 -9.91 -27.04
N VAL D 43 41.09 -10.05 -26.93
CA VAL D 43 41.82 -11.19 -27.48
C VAL D 43 42.59 -11.83 -26.34
N LEU D 44 42.37 -13.13 -26.14
CA LEU D 44 43.05 -13.89 -25.09
C LEU D 44 44.13 -14.74 -25.73
N PHE D 45 45.38 -14.34 -25.55
CA PHE D 45 46.52 -15.06 -26.09
C PHE D 45 47.21 -15.85 -24.98
N ASP D 46 47.65 -17.06 -25.31
CA ASP D 46 48.38 -17.89 -24.36
C ASP D 46 49.04 -19.02 -25.13
N ILE D 47 50.14 -19.54 -24.57
CA ILE D 47 50.87 -20.64 -25.21
C ILE D 47 49.95 -21.80 -25.51
N ALA D 48 48.97 -22.06 -24.65
CA ALA D 48 48.04 -23.16 -24.85
C ALA D 48 46.88 -22.75 -25.74
N LYS D 50 43.89 -23.38 -26.18
CA LYS D 50 42.67 -23.88 -25.56
C LYS D 50 42.32 -23.10 -24.29
N LEU D 51 43.36 -22.69 -23.56
CA LEU D 51 43.14 -21.91 -22.35
C LEU D 51 42.41 -20.61 -22.65
N GLY D 52 42.70 -20.00 -23.79
CA GLY D 52 42.05 -18.77 -24.18
C GLY D 52 40.67 -19.00 -24.76
N GLU D 53 40.53 -20.03 -25.60
CA GLU D 53 39.24 -20.34 -26.19
C GLU D 53 38.20 -20.69 -25.12
N ALA D 54 38.63 -21.41 -24.08
CA ALA D 54 37.71 -21.74 -23.00
C ALA D 54 37.14 -20.48 -22.38
N LYS D 55 38.01 -19.57 -21.95
CA LYS D 55 37.55 -18.35 -21.28
C LYS D 55 36.84 -17.42 -22.25
N ALA D 56 37.32 -17.35 -23.49
CA ALA D 56 36.63 -16.56 -24.51
C ALA D 56 35.20 -17.03 -24.69
N LEU D 57 35.01 -18.33 -24.90
CA LEU D 57 33.66 -18.86 -25.09
C LEU D 57 32.83 -18.74 -23.82
N ASP D 58 33.43 -19.08 -22.67
CA ASP D 58 32.70 -18.96 -21.41
C ASP D 58 32.29 -17.52 -21.16
N ILE D 59 33.15 -16.56 -21.50
CA ILE D 59 32.81 -15.16 -21.31
C ILE D 59 31.82 -14.70 -22.38
N MET D 60 31.91 -15.23 -23.59
CA MET D 60 30.92 -14.91 -24.61
C MET D 60 29.52 -15.30 -24.16
N HIS D 61 29.40 -16.43 -23.46
CA HIS D 61 28.12 -16.79 -22.87
C HIS D 61 27.68 -15.76 -21.84
N ALA D 62 28.63 -15.27 -21.04
CA ALA D 62 28.29 -14.24 -20.05
C ALA D 62 27.75 -12.98 -20.71
N ASN D 63 28.31 -12.61 -21.86
CA ASN D 63 27.81 -11.44 -22.59
C ASN D 63 26.32 -11.60 -22.89
N ALA D 64 25.93 -12.76 -23.43
CA ALA D 64 24.52 -12.98 -23.75
C ALA D 64 23.64 -12.79 -22.53
N ILE D 65 24.12 -13.25 -21.36
CA ILE D 65 23.37 -13.05 -20.13
C ILE D 65 23.30 -11.57 -19.78
N TYR D 66 24.45 -10.90 -19.79
CA TYR D 66 24.52 -9.51 -19.39
C TYR D 66 24.09 -8.54 -20.48
N ASP D 67 23.66 -9.04 -21.63
CA ASP D 67 23.18 -8.20 -22.72
C ASP D 67 24.25 -7.20 -23.17
N THR D 68 25.49 -7.67 -23.22
CA THR D 68 26.60 -6.86 -23.72
C THR D 68 26.97 -7.29 -25.13
N ALA D 69 27.59 -6.36 -25.87
CA ALA D 69 27.69 -6.47 -27.32
C ALA D 69 29.02 -6.99 -27.83
N HIS D 70 30.13 -6.68 -27.15
CA HIS D 70 31.44 -6.93 -27.73
C HIS D 70 31.74 -8.44 -27.74
N LYS D 71 32.90 -8.77 -28.31
CA LYS D 71 33.27 -10.15 -28.58
C LYS D 71 34.65 -10.44 -27.99
N ALA D 72 34.84 -11.70 -27.59
CA ALA D 72 36.12 -12.18 -27.07
C ALA D 72 36.48 -13.47 -27.79
N ILE D 73 37.77 -13.61 -28.11
CA ILE D 73 38.27 -14.78 -28.82
C ILE D 73 39.59 -15.20 -28.18
N GLY D 74 39.82 -16.51 -28.10
CA GLY D 74 41.09 -17.05 -27.66
C GLY D 74 41.96 -17.40 -28.83
N THR D 75 43.27 -17.45 -28.58
CA THR D 75 44.21 -17.70 -29.66
C THR D 75 45.57 -18.03 -29.06
N ALA D 76 46.41 -18.66 -29.89
CA ALA D 76 47.81 -18.90 -29.57
C ALA D 76 48.73 -18.42 -30.69
N ASN D 77 48.26 -17.48 -31.51
CA ASN D 77 49.02 -16.98 -32.64
C ASN D 77 49.03 -15.46 -32.58
N TYR D 78 50.23 -14.88 -32.46
CA TYR D 78 50.36 -13.43 -32.31
C TYR D 78 49.73 -12.67 -33.46
N GLU D 79 49.45 -13.33 -34.59
CA GLU D 79 48.81 -12.64 -35.71
C GLU D 79 47.47 -12.05 -35.30
N ASP D 80 46.81 -12.64 -34.30
CA ASP D 80 45.52 -12.14 -33.83
C ASP D 80 45.64 -10.93 -32.92
N ILE D 81 46.85 -10.42 -32.71
CA ILE D 81 47.05 -9.18 -31.94
C ILE D 81 47.06 -7.95 -32.83
N ALA D 82 47.02 -8.12 -34.15
CA ALA D 82 47.24 -7.00 -35.07
C ALA D 82 46.31 -5.84 -34.77
N ASP D 83 46.87 -4.62 -34.82
CA ASP D 83 46.11 -3.39 -34.67
C ASP D 83 45.49 -3.28 -33.28
N SER D 84 46.08 -3.95 -32.30
CA SER D 84 45.59 -3.86 -30.93
C SER D 84 45.85 -2.47 -30.36
N ASP D 85 44.82 -1.87 -29.77
CA ASP D 85 44.98 -0.58 -29.12
C ASP D 85 45.70 -0.71 -27.78
N VAL D 86 45.54 -1.85 -27.11
CA VAL D 86 46.16 -2.09 -25.81
C VAL D 86 46.67 -3.53 -25.79
N CYS D 87 47.84 -3.72 -25.19
CA CYS D 87 48.44 -5.04 -25.02
C CYS D 87 48.86 -5.18 -23.57
N ILE D 88 48.13 -5.99 -22.80
CA ILE D 88 48.39 -6.19 -21.38
C ILE D 88 49.12 -7.51 -21.21
N ILE D 89 50.25 -7.49 -20.51
CA ILE D 89 51.18 -8.60 -20.44
C ILE D 89 51.12 -9.23 -19.05
N THR D 90 50.88 -10.54 -19.01
CA THR D 90 50.95 -11.31 -17.76
C THR D 90 51.73 -12.60 -17.89
N ALA D 91 52.13 -12.99 -19.10
CA ALA D 91 52.85 -14.25 -19.29
C ALA D 91 54.17 -14.25 -18.53
N GLY D 92 54.61 -15.43 -18.13
CA GLY D 92 55.86 -15.59 -17.41
C GLY D 92 55.88 -16.83 -16.55
N VAL D 110 63.84 -14.16 -13.70
CA VAL D 110 64.20 -12.88 -14.28
C VAL D 110 64.74 -13.08 -15.70
N ALA D 111 65.98 -13.58 -15.78
CA ALA D 111 66.59 -13.85 -17.09
C ALA D 111 65.69 -14.69 -17.99
N PRO D 112 65.10 -15.81 -17.54
CA PRO D 112 64.19 -16.55 -18.42
C PRO D 112 62.97 -15.73 -18.81
N ASN D 113 62.22 -15.25 -17.82
CA ASN D 113 61.06 -14.42 -18.10
C ASN D 113 61.42 -13.11 -18.79
N SER D 114 62.70 -12.73 -18.81
CA SER D 114 63.13 -11.57 -19.57
C SER D 114 63.17 -11.87 -21.07
N LYS D 115 63.54 -13.09 -21.44
CA LYS D 115 63.51 -13.49 -22.85
C LYS D 115 62.07 -13.53 -23.38
N ILE D 116 61.12 -13.90 -22.53
CA ILE D 116 59.72 -13.90 -22.96
C ILE D 116 59.26 -12.49 -23.27
N MET D 117 59.63 -11.51 -22.43
CA MET D 117 59.25 -10.12 -22.69
C MET D 117 59.72 -9.68 -24.07
N PHE D 118 60.94 -10.05 -24.44
CA PHE D 118 61.45 -9.67 -25.76
C PHE D 118 60.68 -10.38 -26.87
N THR D 119 60.43 -11.68 -26.72
CA THR D 119 59.60 -12.39 -27.68
C THR D 119 58.24 -11.74 -27.81
N ILE D 120 57.59 -11.47 -26.67
CA ILE D 120 56.31 -10.77 -26.69
C ILE D 120 56.46 -9.40 -27.35
N GLY D 121 57.45 -8.63 -26.90
CA GLY D 121 57.63 -7.29 -27.45
C GLY D 121 57.88 -7.28 -28.94
N ASP D 122 58.64 -8.26 -29.43
CA ASP D 122 58.94 -8.30 -30.86
C ASP D 122 57.66 -8.49 -31.68
N ASN D 123 56.65 -9.15 -31.11
CA ASN D 123 55.39 -9.33 -31.82
C ASN D 123 54.50 -8.10 -31.74
N ILE D 124 54.46 -7.45 -30.57
CA ILE D 124 53.73 -6.19 -30.46
C ILE D 124 54.32 -5.16 -31.41
N LYS D 125 55.65 -5.13 -31.52
CA LYS D 125 56.31 -4.25 -32.49
C LYS D 125 55.83 -4.53 -33.90
N LYS D 126 55.57 -5.80 -34.21
CA LYS D 126 55.30 -6.23 -35.58
C LYS D 126 53.82 -6.16 -35.95
N TYR D 127 52.93 -6.53 -35.03
CA TYR D 127 51.51 -6.63 -35.32
C TYR D 127 50.69 -5.48 -34.75
N ALA D 128 51.03 -4.98 -33.57
CA ALA D 128 50.32 -3.87 -32.93
C ALA D 128 51.30 -2.75 -32.62
N PRO D 129 51.86 -2.11 -33.65
CA PRO D 129 52.91 -1.10 -33.41
C PRO D 129 52.41 0.16 -32.73
N ASN D 130 51.10 0.40 -32.65
CA ASN D 130 50.55 1.55 -31.95
C ASN D 130 49.90 1.17 -30.63
N ALA D 131 50.28 0.02 -30.06
CA ALA D 131 49.62 -0.49 -28.87
C ALA D 131 50.16 0.19 -27.61
N PHE D 132 49.24 0.44 -26.68
CA PHE D 132 49.60 0.91 -25.34
C PHE D 132 49.89 -0.34 -24.49
N VAL D 133 51.15 -0.53 -24.13
CA VAL D 133 51.59 -1.74 -23.45
C VAL D 133 51.47 -1.54 -21.94
N ILE D 134 50.78 -2.46 -21.28
CA ILE D 134 50.61 -2.45 -19.83
C ILE D 134 51.18 -3.77 -19.31
N CYS D 135 52.39 -3.72 -18.75
CA CYS D 135 53.02 -4.91 -18.22
C CYS D 135 52.57 -5.16 -16.78
N ILE D 136 52.53 -6.45 -16.42
CA ILE D 136 52.17 -6.85 -15.06
C ILE D 136 53.16 -7.90 -14.56
N THR D 137 53.71 -8.68 -15.48
CA THR D 137 54.66 -9.73 -15.12
C THR D 137 55.72 -9.19 -14.17
N ASN D 138 56.10 -10.02 -13.17
CA ASN D 138 57.03 -9.59 -12.14
C ASN D 138 58.43 -10.12 -12.44
N PRO D 139 59.49 -9.37 -12.06
CA PRO D 139 59.45 -8.04 -11.44
C PRO D 139 58.94 -6.98 -12.40
N LEU D 140 57.91 -6.24 -11.98
CA LEU D 140 57.29 -5.24 -12.85
C LEU D 140 58.32 -4.29 -13.44
N ASP D 141 59.01 -3.55 -12.58
CA ASP D 141 59.90 -2.48 -13.04
C ASP D 141 61.02 -2.99 -13.94
N VAL D 142 61.39 -4.27 -13.82
CA VAL D 142 62.43 -4.83 -14.69
C VAL D 142 61.83 -5.42 -15.97
N MET D 143 60.73 -6.18 -15.84
CA MET D 143 60.13 -6.81 -17.00
C MET D 143 59.55 -5.77 -17.96
N VAL D 144 59.10 -4.62 -17.45
CA VAL D 144 58.51 -3.62 -18.33
C VAL D 144 59.59 -2.93 -19.16
N LYS D 145 60.78 -2.73 -18.61
CA LYS D 145 61.86 -2.14 -19.39
C LYS D 145 62.24 -3.05 -20.56
N MET D 146 62.28 -4.36 -20.32
CA MET D 146 62.55 -5.30 -21.40
C MET D 146 61.55 -5.13 -22.53
N LEU D 147 60.27 -4.96 -22.19
CA LEU D 147 59.25 -4.70 -23.20
C LEU D 147 59.50 -3.35 -23.89
N LEU D 148 59.97 -2.36 -23.14
CA LEU D 148 60.24 -1.06 -23.74
C LEU D 148 61.36 -1.15 -24.76
N LYS D 149 62.40 -1.92 -24.47
CA LYS D 149 63.51 -2.09 -25.41
C LYS D 149 63.18 -3.05 -26.54
N ALA D 150 62.23 -3.96 -26.34
CA ALA D 150 61.83 -4.87 -27.41
C ALA D 150 60.88 -4.19 -28.39
N THR D 151 59.73 -3.71 -27.87
CA THR D 151 58.76 -3.03 -28.73
C THR D 151 59.34 -1.76 -29.36
N GLY D 152 60.34 -1.16 -28.74
CA GLY D 152 60.91 0.07 -29.25
C GLY D 152 59.95 1.23 -29.27
N PHE D 153 58.86 1.15 -28.50
CA PHE D 153 57.88 2.22 -28.47
C PHE D 153 58.42 3.43 -27.71
N PRO D 154 57.72 4.56 -27.76
CA PRO D 154 58.17 5.73 -27.01
C PRO D 154 58.02 5.54 -25.51
N LYS D 155 58.52 6.54 -24.79
CA LYS D 155 58.50 6.52 -23.33
C LYS D 155 57.08 6.30 -22.80
N ASN D 156 56.11 7.00 -23.38
CA ASN D 156 54.78 7.10 -22.79
C ASN D 156 53.86 5.94 -23.13
N LYS D 157 54.20 5.11 -24.11
CA LYS D 157 53.32 4.03 -24.56
C LYS D 157 53.64 2.69 -23.90
N VAL D 158 54.50 2.68 -22.89
CA VAL D 158 54.84 1.46 -22.16
C VAL D 158 54.74 1.78 -20.67
N VAL D 159 53.69 1.29 -20.03
CA VAL D 159 53.47 1.49 -18.60
C VAL D 159 53.54 0.12 -17.90
N GLY D 160 53.56 0.18 -16.57
CA GLY D 160 53.47 -1.01 -15.75
C GLY D 160 52.44 -0.83 -14.66
N MET D 161 51.58 -1.83 -14.47
CA MET D 161 50.53 -1.75 -13.46
C MET D 161 51.12 -1.97 -12.08
N GLY D 163 51.53 -0.44 -8.68
CA GLY D 163 51.20 0.97 -8.55
C GLY D 163 49.76 1.20 -8.12
N LEU D 164 48.84 1.14 -9.08
CA LEU D 164 47.42 1.27 -8.76
C LEU D 164 46.96 0.16 -7.83
N LEU D 165 47.57 -1.02 -7.93
CA LEU D 165 47.25 -2.11 -7.03
C LEU D 165 47.77 -1.84 -5.62
N ASP D 166 49.06 -1.53 -5.50
CA ASP D 166 49.66 -1.31 -4.19
C ASP D 166 49.01 -0.11 -3.48
N SER D 167 48.88 1.01 -4.20
CA SER D 167 48.27 2.20 -3.59
C SER D 167 46.84 1.93 -3.17
N SER D 168 46.08 1.21 -4.00
CA SER D 168 44.69 0.90 -3.66
C SER D 168 44.60 -0.01 -2.45
N ARG D 169 45.52 -0.97 -2.33
CA ARG D 169 45.56 -1.82 -1.14
C ARG D 169 45.71 -0.98 0.12
N MET D 170 46.64 -0.01 0.09
CA MET D 170 46.79 0.89 1.22
C MET D 170 45.48 1.58 1.57
N CYS D 171 44.82 2.16 0.57
CA CYS D 171 43.59 2.90 0.82
C CYS D 171 42.47 1.98 1.33
N HIS D 172 42.50 0.71 0.94
CA HIS D 172 41.50 -0.23 1.46
C HIS D 172 41.67 -0.43 2.96
N TYR D 173 42.90 -0.74 3.40
CA TYR D 173 43.14 -0.98 4.81
C TYR D 173 42.79 0.25 5.65
N ILE D 174 43.16 1.43 5.18
CA ILE D 174 42.79 2.65 5.89
C ILE D 174 41.28 2.84 5.85
N ALA D 175 40.66 2.66 4.68
CA ALA D 175 39.22 2.81 4.57
C ALA D 175 38.49 1.75 5.40
N ASP D 176 39.06 0.54 5.49
CA ASP D 176 38.42 -0.51 6.29
C ASP D 176 38.46 -0.18 7.77
N LYS D 177 39.59 0.39 8.24
CA LYS D 177 39.67 0.78 9.64
C LYS D 177 38.79 2.00 9.92
N LEU D 178 38.92 3.04 9.10
CA LEU D 178 38.06 4.21 9.24
C LEU D 178 36.60 3.90 8.95
N ASN D 179 36.34 2.80 8.25
CA ASN D 179 34.96 2.41 7.92
C ASN D 179 34.31 3.47 7.03
N VAL D 180 35.03 3.89 6.00
CA VAL D 180 34.54 4.84 5.02
C VAL D 180 34.63 4.23 3.63
N ASN D 181 33.84 4.77 2.73
CA ASN D 181 33.88 4.34 1.34
C ASN D 181 35.29 4.56 0.79
N PRO D 182 35.98 3.53 0.30
CA PRO D 182 37.33 3.76 -0.27
C PRO D 182 37.32 4.69 -1.46
N ARG D 183 36.16 4.96 -2.05
CA ARG D 183 36.04 5.94 -3.12
C ARG D 183 36.61 7.29 -2.72
N TYR D 184 36.66 7.60 -1.43
CA TYR D 184 37.10 8.90 -0.94
C TYR D 184 38.45 8.85 -0.24
N VAL D 185 39.14 7.71 -0.29
CA VAL D 185 40.46 7.56 0.31
C VAL D 185 41.47 7.49 -0.83
N HIS D 186 42.33 8.50 -0.92
CA HIS D 186 43.39 8.57 -1.91
C HIS D 186 44.74 8.32 -1.26
N GLY D 187 45.66 7.74 -2.03
CA GLY D 187 46.97 7.43 -1.52
C GLY D 187 47.89 7.05 -2.66
N SER D 188 49.18 7.03 -2.37
CA SER D 188 50.20 6.74 -3.36
C SER D 188 51.26 5.84 -2.73
N CYS D 189 51.44 4.65 -3.30
CA CYS D 189 52.49 3.72 -2.90
C CYS D 189 53.50 3.68 -4.04
N ILE D 190 54.57 4.46 -3.91
CA ILE D 190 55.51 4.68 -4.99
C ILE D 190 56.65 3.67 -4.92
N GLY D 191 57.58 3.77 -5.86
CA GLY D 191 58.75 2.91 -5.86
C GLY D 191 58.54 1.64 -6.68
N GLY D 192 59.45 0.69 -6.44
CA GLY D 192 59.36 -0.59 -7.13
C GLY D 192 58.17 -1.40 -6.65
N HIS D 193 57.83 -2.39 -7.47
CA HIS D 193 56.69 -3.27 -7.19
C HIS D 193 57.11 -4.52 -6.41
N GLY D 194 57.83 -4.30 -5.32
CA GLY D 194 58.29 -5.38 -4.47
C GLY D 194 58.42 -4.96 -3.02
N ASP D 195 59.22 -5.70 -2.24
CA ASP D 195 59.41 -5.35 -0.84
C ASP D 195 60.02 -3.96 -0.67
N SER D 196 60.59 -3.40 -1.74
CA SER D 196 61.21 -2.08 -1.69
C SER D 196 60.23 -0.95 -2.00
N MET D 197 58.92 -1.22 -1.94
CA MET D 197 57.94 -0.18 -2.21
C MET D 197 57.81 0.76 -1.03
N ILE D 198 57.25 1.94 -1.30
CA ILE D 198 57.13 3.00 -0.30
C ILE D 198 55.66 3.33 -0.07
N PRO D 199 55.01 2.70 0.90
CA PRO D 199 53.63 3.07 1.23
C PRO D 199 53.55 4.39 2.00
N LEU D 200 53.25 5.48 1.32
CA LEU D 200 53.15 6.80 1.94
C LEU D 200 51.84 6.89 2.73
N VAL D 201 51.78 6.09 3.80
CA VAL D 201 50.56 5.99 4.59
C VAL D 201 50.23 7.32 5.28
N ASN D 202 51.25 8.12 5.58
CA ASN D 202 51.03 9.36 6.32
C ASN D 202 50.50 10.50 5.46
N HIS D 203 50.60 10.40 4.14
CA HIS D 203 50.08 11.41 3.23
C HIS D 203 48.69 11.08 2.72
N VAL D 204 48.04 10.07 3.29
CA VAL D 204 46.72 9.67 2.82
C VAL D 204 45.70 10.75 3.18
N THR D 205 44.70 10.90 2.31
CA THR D 205 43.64 11.88 2.50
C THR D 205 42.29 11.21 2.33
N VAL D 206 41.30 11.71 3.07
CA VAL D 206 39.93 11.19 3.04
C VAL D 206 39.06 12.31 2.50
N ASN D 207 38.76 12.26 1.21
CA ASN D 207 38.04 13.34 0.53
C ASN D 207 38.78 14.67 0.70
N GLY D 208 40.10 14.62 0.58
CA GLY D 208 40.94 15.79 0.77
C GLY D 208 41.30 16.10 2.21
N ILE D 209 40.70 15.40 3.17
CA ILE D 209 41.00 15.65 4.58
C ILE D 209 42.24 14.86 4.96
N PRO D 210 43.27 15.48 5.53
CA PRO D 210 44.46 14.70 5.94
C PRO D 210 44.11 13.60 6.92
N ILE D 211 44.82 12.48 6.81
CA ILE D 211 44.57 11.35 7.70
C ILE D 211 44.90 11.69 9.15
N GLN D 212 45.75 12.70 9.38
CA GLN D 212 46.08 13.08 10.75
C GLN D 212 44.85 13.53 11.52
N LEU D 213 43.86 14.11 10.84
CA LEU D 213 42.64 14.52 11.54
C LEU D 213 41.94 13.31 12.14
N PHE D 214 41.89 12.19 11.40
CA PHE D 214 41.28 10.97 11.91
C PHE D 214 42.13 10.33 13.01
N VAL D 215 43.44 10.60 13.03
CA VAL D 215 44.26 10.15 14.16
C VAL D 215 43.89 10.92 15.42
N GLU D 216 43.78 12.24 15.31
CA GLU D 216 43.30 13.07 16.41
C GLU D 216 41.81 12.88 16.67
N ARG D 217 41.12 12.10 15.85
CA ARG D 217 39.69 11.86 16.02
C ARG D 217 39.40 10.61 16.82
N GLY D 218 40.35 9.67 16.91
CA GLY D 218 40.15 8.40 17.55
C GLY D 218 39.82 7.27 16.60
N ASP D 219 39.62 7.56 15.31
CA ASP D 219 39.27 6.52 14.35
C ASP D 219 40.45 5.64 13.99
N ILE D 220 41.68 6.09 14.26
CA ILE D 220 42.87 5.31 13.91
C ILE D 220 44.04 5.90 14.69
N THR D 221 45.13 5.15 14.76
CA THR D 221 46.33 5.57 15.47
C THR D 221 47.53 5.52 14.54
N GLN D 222 48.53 6.35 14.83
CA GLN D 222 49.74 6.35 14.02
C GLN D 222 50.41 4.98 14.02
N ALA D 223 50.43 4.32 15.18
CA ALA D 223 50.98 2.97 15.24
C ALA D 223 50.21 2.01 14.35
N GLU D 224 48.95 2.31 14.03
CA GLU D 224 48.18 1.47 13.12
C GLU D 224 48.46 1.81 11.67
N LEU D 225 48.73 3.07 11.36
CA LEU D 225 49.10 3.45 10.00
C LEU D 225 50.46 2.88 9.62
N ASP D 226 51.43 2.92 10.55
CA ASP D 226 52.74 2.36 10.27
C ASP D 226 52.63 0.88 9.91
N LYS D 227 51.70 0.17 10.55
CA LYS D 227 51.53 -1.25 10.25
C LYS D 227 50.78 -1.47 8.95
N ILE D 228 49.86 -0.57 8.60
CA ILE D 228 49.19 -0.66 7.30
C ILE D 228 50.22 -0.57 6.18
N ALA D 229 51.26 0.24 6.37
CA ALA D 229 52.34 0.30 5.39
C ALA D 229 53.01 -1.06 5.26
N GLN D 230 53.29 -1.72 6.38
CA GLN D 230 53.90 -3.05 6.33
C GLN D 230 52.96 -4.06 5.68
N ARG D 231 51.68 -4.03 6.04
CA ARG D 231 50.73 -4.95 5.43
C ARG D 231 50.63 -4.72 3.93
N THR D 232 50.69 -3.46 3.49
CA THR D 232 50.67 -3.18 2.07
C THR D 232 51.88 -3.78 1.37
N ILE D 233 53.05 -3.69 1.99
CA ILE D 233 54.26 -4.26 1.41
C ILE D 233 54.11 -5.77 1.22
N GLY D 234 53.64 -6.45 2.26
CA GLY D 234 53.49 -7.89 2.25
C GLY D 234 52.13 -8.39 1.81
N SER D 235 51.28 -7.52 1.27
CA SER D 235 49.95 -7.96 0.83
C SER D 235 50.06 -9.00 -0.28
N GLY D 236 50.91 -8.76 -1.27
CA GLY D 236 51.09 -9.71 -2.35
C GLY D 236 51.45 -11.10 -1.84
N MET D 237 52.25 -11.16 -0.78
CA MET D 237 52.63 -12.45 -0.19
C MET D 237 51.59 -12.96 0.79
N GLU D 238 50.76 -12.07 1.35
CA GLU D 238 49.68 -12.51 2.23
C GLU D 238 48.65 -13.33 1.47
N LEU D 239 48.35 -12.93 0.23
CA LEU D 239 47.36 -13.64 -0.57
C LEU D 239 47.92 -14.93 -1.18
N VAL D 240 49.23 -14.96 -1.47
CA VAL D 240 49.85 -16.19 -1.95
C VAL D 240 49.73 -17.28 -0.90
N GLN D 241 49.81 -16.90 0.38
CA GLN D 241 49.68 -17.88 1.45
C GLN D 241 48.22 -18.23 1.69
N LEU D 242 47.32 -17.25 1.58
CA LEU D 242 45.90 -17.54 1.70
C LEU D 242 45.40 -18.40 0.54
N TYR D 243 45.65 -17.95 -0.69
CA TYR D 243 45.27 -18.75 -1.85
C TYR D 243 45.92 -20.13 -1.80
N GLY D 244 47.16 -20.21 -1.34
CA GLY D 244 47.87 -21.47 -1.26
C GLY D 244 48.43 -21.92 -2.60
N ASN D 245 47.59 -21.80 -3.64
CA ASN D 245 47.99 -22.13 -5.00
C ASN D 245 47.91 -20.85 -5.83
N GLY D 246 49.05 -20.41 -6.35
CA GLY D 246 49.08 -19.18 -7.10
C GLY D 246 48.85 -17.97 -6.21
N SER D 247 48.59 -16.85 -6.87
CA SER D 247 48.57 -15.55 -6.20
C SER D 247 47.28 -14.80 -6.53
N ALA D 248 47.28 -13.49 -6.25
CA ALA D 248 46.10 -12.67 -6.47
C ALA D 248 45.87 -12.45 -7.96
N TYR D 249 44.62 -12.16 -8.31
CA TYR D 249 44.30 -11.90 -9.71
C TYR D 249 43.09 -10.98 -9.91
N PHE D 250 42.16 -10.93 -8.95
CA PHE D 250 40.99 -10.06 -9.11
C PHE D 250 41.40 -8.60 -9.15
N ALA D 251 42.06 -8.12 -8.10
CA ALA D 251 42.45 -6.70 -8.05
C ALA D 251 43.49 -6.37 -9.09
N PRO D 252 44.56 -7.15 -9.28
CA PRO D 252 45.48 -6.88 -10.39
C PRO D 252 44.79 -6.73 -11.72
N ALA D 253 43.76 -7.54 -11.97
CA ALA D 253 43.04 -7.45 -13.24
C ALA D 253 42.21 -6.17 -13.31
N THR D 254 41.52 -5.81 -12.23
CA THR D 254 40.73 -4.59 -12.21
C THR D 254 41.60 -3.37 -12.44
N ALA D 255 42.81 -3.38 -11.88
CA ALA D 255 43.71 -2.23 -12.02
C ALA D 255 44.05 -1.96 -13.49
N ALA D 256 44.58 -2.98 -14.18
CA ALA D 256 45.02 -2.78 -15.55
C ALA D 256 43.86 -2.41 -16.47
N ILE D 257 42.66 -2.93 -16.20
CA ILE D 257 41.49 -2.54 -16.99
C ILE D 257 41.16 -1.09 -16.74
N GLU D 258 41.33 -0.62 -15.51
CA GLU D 258 41.15 0.80 -15.22
C GLU D 258 42.18 1.64 -15.99
N MET D 259 43.43 1.21 -15.99
CA MET D 259 44.46 1.90 -16.75
C MET D 259 44.16 1.86 -18.24
N ALA D 260 43.85 0.68 -18.76
CA ALA D 260 43.48 0.56 -20.16
C ALA D 260 42.26 1.42 -20.48
N SER D 261 41.34 1.57 -19.53
CA SER D 261 40.17 2.40 -19.74
C SER D 261 40.53 3.89 -19.70
N ALA D 262 41.55 4.25 -18.93
CA ALA D 262 42.00 5.64 -18.90
C ALA D 262 42.69 6.03 -20.20
N TYR D 263 43.29 5.06 -20.90
CA TYR D 263 43.94 5.34 -22.16
C TYR D 263 42.95 5.35 -23.32
N LEU D 264 42.02 4.39 -23.35
CA LEU D 264 41.10 4.28 -24.48
C LEU D 264 40.08 5.41 -24.47
N ASN D 265 39.60 5.80 -23.29
CA ASN D 265 38.63 6.88 -23.18
C ASN D 265 39.29 8.24 -22.93
N ASP D 266 40.62 8.30 -22.89
CA ASP D 266 41.34 9.56 -22.71
C ASP D 266 40.83 10.30 -21.48
N LYS D 267 40.80 9.59 -20.36
CA LYS D 267 40.27 10.15 -19.12
C LYS D 267 41.23 11.14 -18.48
N LYS D 268 42.52 11.06 -18.77
CA LYS D 268 43.53 11.89 -18.12
C LYS D 268 43.44 11.74 -16.61
N SER D 269 43.40 10.48 -16.17
CA SER D 269 43.26 10.15 -14.76
C SER D 269 44.62 10.05 -14.09
N VAL D 270 44.64 10.32 -12.78
CA VAL D 270 45.87 10.26 -11.98
C VAL D 270 45.98 8.85 -11.43
N ILE D 271 46.99 8.11 -11.88
CA ILE D 271 47.20 6.73 -11.48
C ILE D 271 48.66 6.53 -11.14
N VAL D 272 48.93 5.82 -10.04
CA VAL D 272 50.29 5.44 -9.70
C VAL D 272 50.64 4.19 -10.51
N CYS D 273 51.74 4.27 -11.26
CA CYS D 273 52.13 3.17 -12.12
C CYS D 273 53.61 3.30 -12.43
N SER D 274 54.18 2.22 -12.97
CA SER D 274 55.61 2.18 -13.27
C SER D 274 55.89 2.93 -14.57
N CYS D 275 56.81 3.88 -14.52
CA CYS D 275 57.13 4.74 -15.66
C CYS D 275 58.63 4.77 -15.88
N TYR D 276 59.03 4.82 -17.14
CA TYR D 276 60.43 4.96 -17.49
C TYR D 276 60.88 6.38 -17.17
N LEU D 277 61.83 6.51 -16.25
CA LEU D 277 62.29 7.82 -15.80
C LEU D 277 63.48 8.29 -16.63
N GLU D 278 63.66 9.61 -16.68
CA GLU D 278 64.77 10.23 -17.36
C GLU D 278 65.13 11.54 -16.63
N GLY D 279 65.51 11.41 -15.36
CA GLY D 279 65.83 12.54 -14.52
C GLY D 279 64.93 12.67 -13.30
N GLU D 280 63.69 12.22 -13.42
CA GLU D 280 62.76 12.31 -12.30
C GLU D 280 63.32 11.62 -11.07
N TYR D 281 63.18 12.25 -9.91
CA TYR D 281 63.67 11.75 -8.63
C TYR D 281 65.17 11.55 -8.61
N GLY D 282 65.90 12.10 -9.57
CA GLY D 282 67.33 11.91 -9.63
C GLY D 282 67.79 10.62 -10.26
N HIS D 283 66.92 9.95 -11.01
CA HIS D 283 67.26 8.69 -11.67
C HIS D 283 66.90 8.77 -13.14
N SER D 284 67.47 7.85 -13.92
CA SER D 284 67.19 7.78 -15.35
C SER D 284 67.54 6.37 -15.84
N ASP D 285 66.88 5.96 -16.91
CA ASP D 285 67.05 4.63 -17.48
C ASP D 285 66.63 3.55 -16.48
N VAL D 286 65.44 3.73 -15.92
CA VAL D 286 64.89 2.76 -14.98
C VAL D 286 63.41 3.05 -14.82
N TYR D 287 62.62 1.99 -14.75
CA TYR D 287 61.21 2.11 -14.42
C TYR D 287 61.02 2.22 -12.91
N LEU D 288 60.00 2.96 -12.52
CA LEU D 288 59.76 3.23 -11.10
C LEU D 288 58.32 3.66 -10.92
N GLY D 289 57.74 3.25 -9.79
CA GLY D 289 56.35 3.56 -9.49
C GLY D 289 56.16 5.00 -9.06
N THR D 290 55.34 5.75 -9.80
CA THR D 290 55.12 7.16 -9.54
C THR D 290 53.73 7.53 -10.05
N PRO D 291 53.10 8.54 -9.46
CA PRO D 291 51.85 9.05 -10.04
C PRO D 291 52.09 9.65 -11.42
N ALA D 292 51.03 9.65 -12.23
CA ALA D 292 51.14 10.12 -13.60
C ALA D 292 49.73 10.29 -14.16
N ILE D 293 49.66 11.02 -15.28
CA ILE D 293 48.42 11.25 -16.00
C ILE D 293 48.35 10.27 -17.16
N ILE D 294 47.26 9.52 -17.24
CA ILE D 294 47.06 8.54 -18.32
C ILE D 294 45.92 9.05 -19.20
N GLY D 295 46.20 9.17 -20.48
CA GLY D 295 45.21 9.62 -21.45
C GLY D 295 45.46 8.98 -22.80
N ALA D 296 45.04 9.67 -23.86
CA ALA D 296 45.17 9.12 -25.21
C ALA D 296 46.64 8.91 -25.60
N ASN D 297 47.57 9.63 -24.97
CA ASN D 297 48.98 9.48 -25.26
C ASN D 297 49.69 8.56 -24.26
N GLY D 298 48.95 7.71 -23.58
CA GLY D 298 49.55 6.90 -22.53
C GLY D 298 49.97 7.80 -21.37
N ILE D 299 51.23 7.71 -20.97
CA ILE D 299 51.76 8.57 -19.92
C ILE D 299 51.73 10.01 -20.43
N GLU D 300 50.67 10.74 -20.12
CA GLU D 300 50.60 12.15 -20.51
C GLU D 300 51.63 12.98 -19.76
N LYS D 301 51.80 12.70 -18.47
CA LYS D 301 52.72 13.45 -17.62
C LYS D 301 53.12 12.59 -16.43
N ILE D 302 54.36 12.73 -15.99
CA ILE D 302 54.83 12.15 -14.74
C ILE D 302 54.75 13.23 -13.66
N ILE D 303 54.14 12.89 -12.53
CA ILE D 303 54.00 13.81 -11.42
C ILE D 303 55.06 13.42 -10.38
N THR D 304 56.09 14.25 -10.25
CA THR D 304 57.15 14.00 -9.28
C THR D 304 56.71 14.50 -7.91
N LEU D 305 56.59 13.58 -6.95
CA LEU D 305 56.10 13.92 -5.63
C LEU D 305 57.18 14.64 -4.83
N LYS D 306 56.74 15.55 -3.96
CA LYS D 306 57.63 16.25 -3.04
C LYS D 306 57.91 15.32 -1.86
N LEU D 307 59.11 14.77 -1.81
CA LEU D 307 59.48 13.79 -0.80
C LEU D 307 60.45 14.40 0.22
N SER D 308 60.60 13.68 1.33
CA SER D 308 61.55 14.04 2.37
C SER D 308 62.85 13.28 2.17
N SER D 309 63.81 13.52 3.08
CA SER D 309 65.08 12.80 3.00
C SER D 309 64.88 11.32 3.31
N GLU D 310 64.01 11.00 4.27
CA GLU D 310 63.79 9.61 4.63
C GLU D 310 63.09 8.86 3.51
N GLU D 311 62.17 9.51 2.80
CA GLU D 311 61.45 8.86 1.72
C GLU D 311 62.29 8.73 0.46
N GLN D 312 63.16 9.71 0.20
CA GLN D 312 64.05 9.61 -0.96
C GLN D 312 65.06 8.49 -0.77
N ALA D 313 65.59 8.33 0.45
CA ALA D 313 66.52 7.24 0.72
C ALA D 313 65.87 5.89 0.44
N LYS D 314 64.60 5.74 0.80
CA LYS D 314 63.88 4.51 0.49
C LYS D 314 63.72 4.35 -1.01
N LEU D 315 63.43 5.44 -1.72
CA LEU D 315 63.32 5.37 -3.18
C LEU D 315 64.66 5.02 -3.80
N ASP D 316 65.75 5.59 -3.29
CA ASP D 316 67.08 5.24 -3.76
C ASP D 316 67.41 3.79 -3.46
N ALA D 317 66.95 3.27 -2.31
CA ALA D 317 67.18 1.87 -1.98
C ALA D 317 66.37 0.95 -2.88
N SER D 318 65.25 1.44 -3.43
CA SER D 318 64.43 0.62 -4.31
C SER D 318 65.00 0.58 -5.73
N VAL D 319 65.40 1.74 -6.25
CA VAL D 319 65.97 1.79 -7.60
C VAL D 319 67.17 0.87 -7.70
N LYS D 320 67.97 0.77 -6.63
CA LYS D 320 69.14 -0.10 -6.66
C LYS D 320 68.74 -1.57 -6.64
N GLU D 321 67.62 -1.90 -6.01
CA GLU D 321 67.14 -3.28 -6.02
C GLU D 321 66.52 -3.66 -7.36
N ILE D 322 65.99 -2.69 -8.10
CA ILE D 322 65.42 -2.94 -9.41
C ILE D 322 66.52 -3.30 -10.40
N ALA E 12 -49.99 -9.00 25.83
CA ALA E 12 -50.51 -9.04 24.46
C ALA E 12 -49.39 -8.97 23.43
N VAL E 13 -48.15 -9.12 23.91
CA VAL E 13 -46.97 -9.01 23.06
C VAL E 13 -46.15 -10.29 23.23
N ARG E 14 -45.40 -10.64 22.17
CA ARG E 14 -44.63 -11.87 22.15
C ARG E 14 -43.38 -11.67 21.31
N ARG E 15 -42.28 -12.25 21.76
CA ARG E 15 -41.06 -12.24 20.96
C ARG E 15 -41.28 -13.02 19.67
N ASN E 16 -40.70 -12.52 18.58
CA ASN E 16 -40.63 -13.31 17.37
C ASN E 16 -39.86 -14.60 17.67
N LYS E 17 -40.21 -15.66 16.94
CA LYS E 17 -39.60 -16.97 17.16
C LYS E 17 -39.13 -17.51 15.81
N ILE E 18 -37.84 -17.39 15.55
CA ILE E 18 -37.22 -17.92 14.34
C ILE E 18 -36.67 -19.30 14.65
N SER E 19 -37.15 -20.31 13.93
CA SER E 19 -36.63 -21.67 14.05
C SER E 19 -35.74 -21.97 12.86
N LEU E 20 -34.55 -22.51 13.13
CA LEU E 20 -33.54 -22.79 12.11
C LEU E 20 -33.39 -24.30 12.01
N ILE E 21 -34.12 -24.90 11.05
CA ILE E 21 -34.01 -26.33 10.81
C ILE E 21 -32.68 -26.59 10.12
N GLY E 22 -31.66 -26.89 10.92
CA GLY E 22 -30.30 -27.05 10.42
C GLY E 22 -29.36 -26.05 11.07
N ALA E 23 -28.48 -26.55 11.94
CA ALA E 23 -27.56 -25.70 12.70
C ALA E 23 -26.13 -25.82 12.18
N GLY E 24 -25.98 -25.93 10.86
CA GLY E 24 -24.67 -25.96 10.26
C GLY E 24 -24.02 -24.59 10.26
N ASN E 25 -23.08 -24.36 9.33
CA ASN E 25 -22.39 -23.08 9.28
C ASN E 25 -23.37 -21.93 9.03
N ILE E 26 -24.35 -22.14 8.15
CA ILE E 26 -25.32 -21.09 7.86
C ILE E 26 -26.25 -20.88 9.05
N GLY E 27 -26.78 -21.97 9.60
CA GLY E 27 -27.69 -21.85 10.72
C GLY E 27 -27.07 -21.15 11.92
N GLY E 28 -25.78 -21.38 12.14
CA GLY E 28 -25.12 -20.76 13.27
C GLY E 28 -25.02 -19.24 13.12
N VAL E 29 -24.61 -18.78 11.94
CA VAL E 29 -24.48 -17.35 11.70
C VAL E 29 -25.85 -16.68 11.77
N MET E 30 -26.89 -17.37 11.29
CA MET E 30 -28.24 -16.83 11.39
C MET E 30 -28.59 -16.48 12.83
N ALA E 31 -28.53 -17.48 13.72
CA ALA E 31 -28.79 -17.24 15.13
C ALA E 31 -27.93 -16.09 15.66
N TYR E 32 -26.65 -16.08 15.28
CA TYR E 32 -25.75 -15.03 15.74
C TYR E 32 -26.26 -13.65 15.32
N LEU E 33 -26.62 -13.49 14.05
CA LEU E 33 -27.10 -12.21 13.58
C LEU E 33 -28.47 -11.88 14.17
N ALA E 34 -29.38 -12.86 14.19
CA ALA E 34 -30.71 -12.63 14.74
C ALA E 34 -30.65 -12.25 16.21
N GLN E 35 -29.66 -12.78 16.94
CA GLN E 35 -29.59 -12.51 18.38
C GLN E 35 -29.02 -11.12 18.66
N LEU E 36 -27.92 -10.75 18.01
CA LEU E 36 -27.35 -9.43 18.23
C LEU E 36 -28.25 -8.33 17.70
N LYS E 37 -29.14 -8.64 16.76
CA LYS E 37 -30.13 -7.69 16.29
C LYS E 37 -31.44 -7.76 17.06
N GLU E 38 -31.60 -8.76 17.94
CA GLU E 38 -32.78 -8.89 18.78
C GLU E 38 -34.05 -9.00 17.95
N LEU E 39 -34.02 -9.88 16.94
CA LEU E 39 -35.23 -10.16 16.17
C LEU E 39 -36.20 -11.03 16.94
N GLY E 40 -35.70 -11.94 17.75
CA GLY E 40 -36.56 -12.79 18.55
C GLY E 40 -35.79 -13.98 19.09
N ASP E 41 -36.54 -14.91 19.65
CA ASP E 41 -35.96 -16.15 20.13
C ASP E 41 -35.64 -17.07 18.97
N VAL E 42 -34.48 -17.71 19.03
CA VAL E 42 -34.03 -18.62 17.99
C VAL E 42 -34.11 -20.05 18.50
N VAL E 43 -34.43 -20.97 17.58
CA VAL E 43 -34.43 -22.40 17.87
C VAL E 43 -33.51 -23.04 16.84
N LEU E 44 -32.30 -23.41 17.27
CA LEU E 44 -31.34 -24.09 16.40
C LEU E 44 -31.64 -25.57 16.39
N PHE E 45 -32.46 -26.00 15.43
CA PHE E 45 -32.76 -27.41 15.25
C PHE E 45 -31.74 -28.06 14.33
N ASP E 46 -31.39 -29.31 14.63
CA ASP E 46 -30.45 -30.04 13.81
C ASP E 46 -30.49 -31.50 14.22
N ILE E 47 -30.27 -32.39 13.24
CA ILE E 47 -30.21 -33.82 13.52
C ILE E 47 -28.94 -34.16 14.28
N ALA E 48 -27.91 -33.31 14.20
CA ALA E 48 -26.67 -33.57 14.92
C ALA E 48 -26.96 -33.68 16.42
N PRO E 49 -26.26 -34.56 17.15
CA PRO E 49 -26.60 -34.80 18.55
C PRO E 49 -26.69 -33.54 19.39
N LYS E 50 -25.62 -32.74 19.43
CA LYS E 50 -25.54 -31.59 20.32
C LYS E 50 -25.13 -30.31 19.60
N LEU E 51 -24.96 -30.35 18.28
CA LEU E 51 -24.49 -29.17 17.56
C LEU E 51 -25.37 -27.97 17.83
N GLY E 52 -26.68 -28.18 17.91
CA GLY E 52 -27.59 -27.06 18.13
C GLY E 52 -27.37 -26.40 19.49
N GLU E 53 -27.27 -27.21 20.54
CA GLU E 53 -27.08 -26.65 21.88
C GLU E 53 -25.70 -26.03 22.04
N ALA E 54 -24.71 -26.51 21.28
CA ALA E 54 -23.37 -25.91 21.33
C ALA E 54 -23.43 -24.46 20.89
N LYS E 55 -23.86 -24.22 19.65
CA LYS E 55 -23.90 -22.86 19.13
C LYS E 55 -24.87 -22.00 19.94
N ALA E 56 -26.00 -22.59 20.38
CA ALA E 56 -26.95 -21.83 21.18
C ALA E 56 -26.31 -21.32 22.46
N LEU E 57 -25.58 -22.19 23.17
CA LEU E 57 -24.90 -21.76 24.38
C LEU E 57 -23.79 -20.76 24.07
N ASP E 58 -23.07 -20.98 22.96
CA ASP E 58 -22.02 -20.05 22.58
C ASP E 58 -22.58 -18.68 22.22
N ILE E 59 -23.72 -18.65 21.52
CA ILE E 59 -24.33 -17.38 21.14
C ILE E 59 -24.87 -16.66 22.37
N MET E 60 -25.51 -17.39 23.28
CA MET E 60 -26.01 -16.77 24.50
C MET E 60 -24.90 -16.07 25.26
N HIS E 61 -23.71 -16.68 25.29
CA HIS E 61 -22.56 -16.00 25.87
C HIS E 61 -22.25 -14.71 25.12
N ALA E 62 -22.44 -14.70 23.80
CA ALA E 62 -22.24 -13.50 23.02
C ALA E 62 -23.30 -12.46 23.34
N ASN E 63 -24.54 -12.91 23.56
CA ASN E 63 -25.61 -11.98 23.92
C ASN E 63 -25.25 -11.21 25.19
N ALA E 64 -24.65 -11.89 26.18
CA ALA E 64 -24.28 -11.22 27.41
C ALA E 64 -23.14 -10.23 27.19
N ILE E 65 -22.21 -10.55 26.28
CA ILE E 65 -21.16 -9.60 25.93
C ILE E 65 -21.77 -8.37 25.26
N TYR E 66 -22.73 -8.58 24.36
CA TYR E 66 -23.32 -7.49 23.59
C TYR E 66 -24.53 -6.87 24.28
N ASP E 67 -24.91 -7.35 25.46
CA ASP E 67 -26.01 -6.77 26.22
C ASP E 67 -27.33 -6.89 25.46
N THR E 68 -27.57 -8.03 24.85
CA THR E 68 -28.79 -8.31 24.12
C THR E 68 -29.66 -9.29 24.89
N ALA E 69 -30.98 -9.12 24.77
CA ALA E 69 -31.92 -9.71 25.71
C ALA E 69 -32.47 -11.08 25.28
N HIS E 70 -32.64 -11.30 23.99
CA HIS E 70 -33.36 -12.48 23.53
C HIS E 70 -32.57 -13.76 23.84
N LYS E 71 -33.20 -14.90 23.58
CA LYS E 71 -32.73 -16.21 24.03
C LYS E 71 -32.53 -17.13 22.84
N ALA E 72 -31.45 -17.90 22.86
CA ALA E 72 -31.14 -18.89 21.84
C ALA E 72 -31.22 -20.29 22.44
N ILE E 73 -31.76 -21.22 21.67
CA ILE E 73 -31.97 -22.59 22.11
C ILE E 73 -31.49 -23.55 21.03
N GLY E 74 -30.96 -24.68 21.48
CA GLY E 74 -30.57 -25.76 20.59
C GLY E 74 -31.39 -27.00 20.88
N THR E 75 -31.72 -27.75 19.83
CA THR E 75 -32.58 -28.91 19.98
C THR E 75 -32.41 -29.84 18.79
N ALA E 76 -32.84 -31.09 18.98
CA ALA E 76 -32.99 -32.04 17.90
C ALA E 76 -34.43 -32.53 17.79
N ASN E 77 -35.34 -31.92 18.54
CA ASN E 77 -36.74 -32.33 18.60
C ASN E 77 -37.60 -31.29 17.91
N TYR E 78 -38.42 -31.73 16.94
CA TYR E 78 -39.25 -30.80 16.19
C TYR E 78 -40.28 -30.10 17.07
N GLU E 79 -40.66 -30.69 18.21
CA GLU E 79 -41.66 -30.08 19.07
C GLU E 79 -41.28 -28.68 19.48
N ASP E 80 -39.98 -28.40 19.63
CA ASP E 80 -39.49 -27.08 20.07
C ASP E 80 -39.63 -26.01 18.98
N ILE E 81 -40.37 -26.29 17.91
CA ILE E 81 -40.62 -25.31 16.85
C ILE E 81 -42.01 -24.71 16.94
N ALA E 82 -42.89 -25.25 17.77
CA ALA E 82 -44.27 -24.81 17.83
C ALA E 82 -44.38 -23.29 17.90
N ASP E 83 -45.24 -22.72 17.04
CA ASP E 83 -45.53 -21.29 17.02
C ASP E 83 -44.34 -20.46 16.52
N SER E 84 -43.48 -21.04 15.71
CA SER E 84 -42.40 -20.27 15.10
C SER E 84 -42.97 -19.32 14.05
N ASP E 85 -42.70 -18.03 14.21
CA ASP E 85 -43.12 -17.06 13.20
C ASP E 85 -42.39 -17.27 11.89
N VAL E 86 -41.16 -17.77 11.96
CA VAL E 86 -40.34 -18.02 10.77
C VAL E 86 -39.61 -19.34 10.95
N CYS E 87 -39.67 -20.19 9.92
CA CYS E 87 -38.88 -21.42 9.87
C CYS E 87 -37.98 -21.35 8.65
N ILE E 88 -36.67 -21.42 8.88
CA ILE E 88 -35.67 -21.29 7.83
C ILE E 88 -34.90 -22.60 7.75
N ILE E 89 -34.91 -23.22 6.57
CA ILE E 89 -34.44 -24.58 6.39
C ILE E 89 -33.03 -24.57 5.81
N THR E 90 -32.11 -25.21 6.53
CA THR E 90 -30.75 -25.45 6.05
C THR E 90 -30.39 -26.92 5.96
N ALA E 91 -31.12 -27.79 6.66
CA ALA E 91 -30.78 -29.20 6.68
C ALA E 91 -30.82 -29.80 5.27
N GLY E 92 -29.96 -30.78 5.03
CA GLY E 92 -29.88 -31.43 3.75
C GLY E 92 -28.68 -32.36 3.63
N ALA E 111 -33.02 -36.16 -4.86
CA ALA E 111 -34.17 -36.99 -4.50
C ALA E 111 -34.20 -37.29 -3.00
N PRO E 112 -33.05 -37.66 -2.41
CA PRO E 112 -33.03 -37.79 -0.95
C PRO E 112 -33.45 -36.53 -0.22
N ASN E 113 -32.95 -35.37 -0.66
CA ASN E 113 -33.30 -34.12 0.00
C ASN E 113 -34.79 -33.82 -0.12
N SER E 114 -35.39 -34.15 -1.27
CA SER E 114 -36.83 -33.96 -1.43
C SER E 114 -37.59 -34.72 -0.35
N LYS E 115 -37.12 -35.91 0.01
CA LYS E 115 -37.72 -36.66 1.10
C LYS E 115 -37.48 -35.96 2.43
N ILE E 116 -36.35 -35.29 2.59
CA ILE E 116 -36.08 -34.55 3.82
C ILE E 116 -37.01 -33.34 3.93
N MET E 117 -37.23 -32.65 2.81
CA MET E 117 -38.13 -31.50 2.83
C MET E 117 -39.54 -31.90 3.27
N PHE E 118 -39.95 -33.14 2.97
CA PHE E 118 -41.28 -33.60 3.36
C PHE E 118 -41.37 -33.90 4.85
N THR E 119 -40.29 -34.44 5.43
CA THR E 119 -40.27 -34.62 6.88
C THR E 119 -40.21 -33.28 7.59
N ILE E 120 -39.37 -32.36 7.10
CA ILE E 120 -39.33 -31.01 7.65
C ILE E 120 -40.64 -30.29 7.41
N GLY E 121 -41.29 -30.57 6.27
CA GLY E 121 -42.51 -29.84 5.94
C GLY E 121 -43.70 -30.26 6.79
N ASP E 122 -43.77 -31.55 7.15
CA ASP E 122 -44.90 -32.02 7.93
C ASP E 122 -44.80 -31.61 9.39
N ASN E 123 -43.59 -31.49 9.93
CA ASN E 123 -43.45 -31.00 11.30
C ASN E 123 -43.80 -29.52 11.39
N ILE E 124 -43.36 -28.72 10.42
CA ILE E 124 -43.82 -27.34 10.35
C ILE E 124 -45.32 -27.28 10.16
N LYS E 125 -45.88 -28.26 9.46
CA LYS E 125 -47.30 -28.24 9.13
C LYS E 125 -48.16 -28.24 10.38
N LYS E 126 -47.81 -29.06 11.37
CA LYS E 126 -48.61 -29.18 12.59
C LYS E 126 -48.07 -28.37 13.75
N TYR E 127 -46.74 -28.19 13.85
CA TYR E 127 -46.18 -27.45 14.97
C TYR E 127 -46.20 -25.95 14.72
N ALA E 128 -45.77 -25.53 13.52
CA ALA E 128 -45.68 -24.12 13.16
C ALA E 128 -46.60 -23.84 11.98
N PRO E 129 -47.92 -23.81 12.21
CA PRO E 129 -48.85 -23.65 11.07
C PRO E 129 -48.82 -22.26 10.46
N ASN E 130 -48.52 -21.22 11.24
CA ASN E 130 -48.55 -19.84 10.75
C ASN E 130 -47.16 -19.30 10.42
N ALA E 131 -46.22 -20.18 10.10
CA ALA E 131 -44.83 -19.79 9.91
C ALA E 131 -44.57 -19.33 8.48
N PHE E 132 -43.64 -18.38 8.35
CA PHE E 132 -43.14 -17.95 7.06
C PHE E 132 -41.92 -18.79 6.73
N VAL E 133 -42.06 -19.71 5.78
CA VAL E 133 -41.03 -20.71 5.49
C VAL E 133 -40.03 -20.11 4.52
N ILE E 134 -38.74 -20.23 4.84
CA ILE E 134 -37.66 -19.76 3.99
C ILE E 134 -36.73 -20.95 3.74
N CYS E 135 -36.52 -21.26 2.46
CA CYS E 135 -35.69 -22.39 2.07
C CYS E 135 -34.33 -21.92 1.57
N ILE E 136 -33.30 -22.72 1.83
CA ILE E 136 -31.95 -22.44 1.36
C ILE E 136 -31.35 -23.70 0.76
N THR E 137 -31.79 -24.86 1.23
CA THR E 137 -31.26 -26.13 0.75
C THR E 137 -31.36 -26.21 -0.77
N ASN E 138 -30.28 -26.71 -1.40
CA ASN E 138 -30.24 -26.76 -2.84
C ASN E 138 -30.56 -28.16 -3.35
N PRO E 139 -31.08 -28.31 -4.59
CA PRO E 139 -31.44 -27.20 -5.49
C PRO E 139 -32.64 -26.41 -4.99
N LEU E 140 -32.44 -25.10 -4.82
CA LEU E 140 -33.41 -24.26 -4.13
C LEU E 140 -34.80 -24.37 -4.74
N ASP E 141 -34.92 -24.07 -6.03
CA ASP E 141 -36.21 -24.00 -6.69
C ASP E 141 -36.96 -25.32 -6.69
N VAL E 142 -36.28 -26.42 -6.37
CA VAL E 142 -36.93 -27.73 -6.29
C VAL E 142 -37.29 -28.00 -4.84
N MET E 143 -36.29 -27.95 -3.96
CA MET E 143 -36.53 -28.23 -2.54
C MET E 143 -37.57 -27.30 -1.96
N VAL E 144 -37.58 -26.03 -2.38
CA VAL E 144 -38.57 -25.10 -1.85
C VAL E 144 -39.98 -25.52 -2.28
N LYS E 145 -40.12 -26.03 -3.51
CA LYS E 145 -41.42 -26.51 -3.95
C LYS E 145 -41.88 -27.72 -3.14
N MET E 146 -40.94 -28.57 -2.73
CA MET E 146 -41.28 -29.69 -1.87
C MET E 146 -41.83 -29.21 -0.52
N LEU E 147 -41.32 -28.09 -0.02
CA LEU E 147 -41.82 -27.55 1.25
C LEU E 147 -43.23 -26.98 1.08
N LEU E 148 -43.55 -26.45 -0.09
CA LEU E 148 -44.89 -25.91 -0.32
C LEU E 148 -45.92 -27.03 -0.39
N LYS E 149 -45.52 -28.23 -0.80
CA LYS E 149 -46.44 -29.36 -0.86
C LYS E 149 -46.64 -30.00 0.51
N ALA E 150 -45.57 -30.12 1.29
CA ALA E 150 -45.67 -30.78 2.58
C ALA E 150 -46.36 -29.90 3.61
N THR E 151 -46.11 -28.58 3.57
CA THR E 151 -46.72 -27.69 4.54
C THR E 151 -48.17 -27.37 4.21
N GLY E 152 -48.55 -27.43 2.94
CA GLY E 152 -49.90 -27.10 2.53
C GLY E 152 -50.24 -25.64 2.79
N PHE E 153 -49.23 -24.82 3.04
CA PHE E 153 -49.44 -23.40 3.28
C PHE E 153 -49.78 -22.69 1.97
N PRO E 154 -50.27 -21.46 2.05
CA PRO E 154 -50.42 -20.66 0.83
C PRO E 154 -49.07 -20.39 0.18
N LYS E 155 -49.12 -20.05 -1.11
CA LYS E 155 -47.88 -19.79 -1.86
C LYS E 155 -47.14 -18.57 -1.34
N ASN E 156 -47.79 -17.71 -0.57
CA ASN E 156 -47.16 -16.48 -0.10
C ASN E 156 -46.38 -16.66 1.20
N LYS E 157 -46.59 -17.77 1.92
CA LYS E 157 -45.85 -18.03 3.15
C LYS E 157 -44.75 -19.08 2.96
N VAL E 158 -44.29 -19.28 1.73
CA VAL E 158 -43.17 -20.18 1.47
C VAL E 158 -42.33 -19.59 0.36
N VAL E 159 -41.09 -19.22 0.67
CA VAL E 159 -40.17 -18.64 -0.31
C VAL E 159 -38.84 -19.37 -0.23
N GLY E 160 -37.98 -19.08 -1.20
CA GLY E 160 -36.63 -19.60 -1.20
C GLY E 160 -35.60 -18.49 -1.19
N MET E 161 -34.62 -18.59 -0.29
CA MET E 161 -33.53 -17.63 -0.26
C MET E 161 -32.59 -17.91 -1.41
N GLY E 162 -32.22 -16.86 -2.13
CA GLY E 162 -31.49 -16.95 -3.36
C GLY E 162 -31.94 -15.77 -4.20
N GLY E 163 -31.05 -15.27 -5.02
CA GLY E 163 -31.32 -14.05 -5.77
C GLY E 163 -30.95 -12.82 -4.98
N LEU E 164 -31.36 -12.76 -3.71
CA LEU E 164 -30.85 -11.74 -2.81
C LEU E 164 -29.38 -11.98 -2.49
N LEU E 165 -28.98 -13.25 -2.42
CA LEU E 165 -27.55 -13.60 -2.35
C LEU E 165 -26.90 -13.45 -3.71
N ASP E 166 -27.59 -13.83 -4.78
CA ASP E 166 -27.01 -13.73 -6.12
C ASP E 166 -26.92 -12.27 -6.56
N SER E 167 -28.01 -11.51 -6.41
CA SER E 167 -28.00 -10.12 -6.82
C SER E 167 -26.97 -9.31 -6.04
N SER E 168 -26.96 -9.47 -4.71
CA SER E 168 -26.00 -8.75 -3.89
C SER E 168 -24.58 -9.10 -4.29
N ARG E 169 -24.34 -10.35 -4.68
CA ARG E 169 -23.03 -10.74 -5.20
C ARG E 169 -22.70 -9.95 -6.46
N MET E 170 -23.68 -9.83 -7.36
CA MET E 170 -23.48 -9.06 -8.58
C MET E 170 -23.20 -7.59 -8.25
N CYS E 171 -23.99 -7.02 -7.34
CA CYS E 171 -23.81 -5.61 -7.00
C CYS E 171 -22.48 -5.35 -6.31
N HIS E 172 -21.99 -6.30 -5.52
CA HIS E 172 -20.68 -6.14 -4.90
C HIS E 172 -19.59 -6.03 -5.95
N TYR E 173 -19.58 -6.95 -6.91
CA TYR E 173 -18.57 -6.94 -7.96
C TYR E 173 -18.56 -5.61 -8.70
N ILE E 174 -19.72 -5.00 -8.89
CA ILE E 174 -19.78 -3.68 -9.51
C ILE E 174 -19.33 -2.61 -8.52
N ALA E 175 -19.80 -2.69 -7.28
CA ALA E 175 -19.42 -1.72 -6.27
C ALA E 175 -17.91 -1.69 -6.07
N ASP E 176 -17.28 -2.87 -6.04
CA ASP E 176 -15.84 -2.92 -5.83
C ASP E 176 -15.08 -2.34 -7.01
N LYS E 177 -15.63 -2.45 -8.21
CA LYS E 177 -14.96 -1.88 -9.39
C LYS E 177 -15.12 -0.36 -9.42
N LEU E 178 -16.34 0.13 -9.28
CA LEU E 178 -16.58 1.57 -9.18
C LEU E 178 -16.08 2.13 -7.85
N ASN E 179 -15.63 1.29 -6.93
CA ASN E 179 -15.23 1.70 -5.59
C ASN E 179 -16.28 2.63 -4.99
N VAL E 180 -17.48 2.08 -4.83
CA VAL E 180 -18.62 2.81 -4.30
C VAL E 180 -19.26 1.98 -3.20
N ASN E 181 -19.89 2.67 -2.25
CA ASN E 181 -20.62 2.00 -1.19
C ASN E 181 -21.74 1.14 -1.78
N PRO E 182 -21.71 -0.18 -1.64
CA PRO E 182 -22.75 -1.01 -2.27
C PRO E 182 -24.15 -0.69 -1.78
N ARG E 183 -24.31 0.11 -0.72
CA ARG E 183 -25.62 0.51 -0.26
C ARG E 183 -26.47 1.09 -1.38
N TYR E 184 -25.82 1.72 -2.36
CA TYR E 184 -26.53 2.40 -3.45
C TYR E 184 -26.45 1.64 -4.76
N VAL E 185 -25.80 0.48 -4.79
CA VAL E 185 -25.75 -0.36 -5.98
C VAL E 185 -26.89 -1.35 -5.90
N HIS E 186 -27.80 -1.30 -6.88
CA HIS E 186 -28.99 -2.13 -6.90
C HIS E 186 -29.05 -2.89 -8.22
N GLY E 187 -29.34 -4.19 -8.13
CA GLY E 187 -29.46 -5.01 -9.32
C GLY E 187 -30.30 -6.23 -9.02
N SER E 188 -30.82 -6.83 -10.07
CA SER E 188 -31.71 -8.00 -9.96
C SER E 188 -31.12 -9.15 -10.76
N CYS E 189 -30.89 -10.28 -10.10
CA CYS E 189 -30.46 -11.50 -10.74
C CYS E 189 -31.59 -12.52 -10.60
N ILE E 190 -32.25 -12.82 -11.71
CA ILE E 190 -33.43 -13.64 -11.71
C ILE E 190 -33.09 -15.03 -12.24
N GLY E 191 -34.06 -15.93 -12.19
CA GLY E 191 -33.87 -17.30 -12.62
C GLY E 191 -33.70 -18.24 -11.44
N GLY E 192 -33.34 -19.48 -11.78
CA GLY E 192 -33.07 -20.46 -10.75
C GLY E 192 -31.74 -20.22 -10.06
N HIS E 193 -31.64 -20.73 -8.83
CA HIS E 193 -30.43 -20.58 -8.04
C HIS E 193 -29.47 -21.69 -8.44
N GLY E 194 -28.65 -21.43 -9.46
CA GLY E 194 -27.71 -22.40 -9.95
C GLY E 194 -26.89 -21.87 -11.12
N ASP E 195 -26.68 -22.70 -12.14
CA ASP E 195 -25.96 -22.28 -13.33
C ASP E 195 -26.85 -21.63 -14.38
N SER E 196 -28.16 -21.74 -14.22
CA SER E 196 -29.11 -21.10 -15.14
C SER E 196 -29.48 -19.70 -14.71
N MET E 197 -28.76 -19.11 -13.76
CA MET E 197 -29.06 -17.77 -13.28
C MET E 197 -29.04 -16.77 -14.43
N ILE E 198 -29.61 -15.59 -14.17
CA ILE E 198 -29.68 -14.52 -15.16
C ILE E 198 -29.26 -13.22 -14.50
N PRO E 199 -27.96 -12.95 -14.36
CA PRO E 199 -27.53 -11.66 -13.79
C PRO E 199 -27.75 -10.51 -14.74
N LEU E 200 -28.79 -9.71 -14.48
CA LEU E 200 -29.13 -8.56 -15.33
C LEU E 200 -28.15 -7.42 -15.05
N VAL E 201 -26.89 -7.66 -15.41
CA VAL E 201 -25.82 -6.70 -15.10
C VAL E 201 -26.06 -5.38 -15.81
N ASN E 202 -26.67 -5.41 -17.00
CA ASN E 202 -26.85 -4.20 -17.79
C ASN E 202 -27.97 -3.31 -17.29
N HIS E 203 -28.81 -3.79 -16.37
CA HIS E 203 -29.87 -2.99 -15.79
C HIS E 203 -29.55 -2.55 -14.37
N VAL E 204 -28.30 -2.72 -13.92
CA VAL E 204 -27.90 -2.29 -12.59
C VAL E 204 -27.92 -0.78 -12.52
N THR E 205 -28.17 -0.26 -11.31
CA THR E 205 -28.22 1.17 -11.08
C THR E 205 -27.34 1.52 -9.88
N VAL E 206 -26.94 2.79 -9.83
CA VAL E 206 -26.12 3.32 -8.73
C VAL E 206 -26.82 4.58 -8.23
N ASN E 207 -27.43 4.48 -7.05
CA ASN E 207 -28.28 5.55 -6.53
C ASN E 207 -29.28 6.02 -7.59
N GLY E 208 -29.84 5.06 -8.32
CA GLY E 208 -30.79 5.35 -9.38
C GLY E 208 -30.17 5.57 -10.74
N ILE E 209 -28.87 5.82 -10.81
CA ILE E 209 -28.21 6.14 -12.07
C ILE E 209 -27.96 4.85 -12.83
N PRO E 210 -28.38 4.74 -14.10
CA PRO E 210 -28.11 3.50 -14.85
C PRO E 210 -26.62 3.25 -14.99
N ILE E 211 -26.26 1.96 -15.04
CA ILE E 211 -24.85 1.58 -15.06
C ILE E 211 -24.17 2.04 -16.34
N GLN E 212 -24.92 2.25 -17.42
CA GLN E 212 -24.31 2.64 -18.68
C GLN E 212 -23.55 3.95 -18.55
N LEU E 213 -24.00 4.85 -17.68
CA LEU E 213 -23.29 6.12 -17.48
C LEU E 213 -21.85 5.87 -17.07
N PHE E 214 -21.63 4.95 -16.13
CA PHE E 214 -20.28 4.62 -15.71
C PHE E 214 -19.50 3.88 -16.78
N VAL E 215 -20.20 3.35 -17.80
CA VAL E 215 -19.51 2.81 -18.97
C VAL E 215 -19.03 3.93 -19.87
N GLU E 216 -19.89 4.93 -20.09
CA GLU E 216 -19.53 6.05 -20.96
C GLU E 216 -18.48 6.95 -20.32
N ARG E 217 -18.43 7.00 -18.99
CA ARG E 217 -17.50 7.88 -18.28
C ARG E 217 -16.13 7.25 -18.07
N GLY E 218 -15.97 5.96 -18.34
CA GLY E 218 -14.69 5.30 -18.22
C GLY E 218 -14.41 4.65 -16.88
N ASP E 219 -15.39 4.62 -15.97
CA ASP E 219 -15.22 3.97 -14.68
C ASP E 219 -15.35 2.46 -14.76
N ILE E 220 -15.95 1.93 -15.82
CA ILE E 220 -16.12 0.49 -16.00
C ILE E 220 -16.43 0.27 -17.47
N THR E 221 -16.24 -0.97 -17.94
CA THR E 221 -16.45 -1.31 -19.33
C THR E 221 -17.44 -2.47 -19.46
N GLN E 222 -18.07 -2.55 -20.62
CA GLN E 222 -19.01 -3.64 -20.88
C GLN E 222 -18.33 -4.99 -20.78
N ALA E 223 -17.06 -5.08 -21.18
CA ALA E 223 -16.33 -6.33 -21.03
C ALA E 223 -16.25 -6.74 -19.57
N GLU E 224 -15.98 -5.79 -18.68
CA GLU E 224 -15.94 -6.09 -17.25
C GLU E 224 -17.33 -6.44 -16.73
N LEU E 225 -18.36 -5.71 -17.15
CA LEU E 225 -19.72 -6.05 -16.75
C LEU E 225 -20.09 -7.46 -17.19
N ASP E 226 -19.73 -7.83 -18.42
CA ASP E 226 -20.02 -9.18 -18.90
C ASP E 226 -19.36 -10.24 -18.04
N LYS E 227 -18.12 -10.00 -17.61
CA LYS E 227 -17.44 -10.96 -16.74
C LYS E 227 -18.02 -10.95 -15.34
N ILE E 228 -18.48 -9.80 -14.86
CA ILE E 228 -19.17 -9.76 -13.57
C ILE E 228 -20.37 -10.69 -13.59
N ALA E 229 -21.13 -10.67 -14.68
CA ALA E 229 -22.27 -11.59 -14.80
C ALA E 229 -21.84 -13.04 -14.73
N GLN E 230 -20.63 -13.35 -15.23
CA GLN E 230 -20.14 -14.72 -15.16
C GLN E 230 -19.66 -15.06 -13.75
N ARG E 231 -18.90 -14.16 -13.13
CA ARG E 231 -18.48 -14.38 -11.74
C ARG E 231 -19.69 -14.52 -10.82
N THR E 232 -20.79 -13.83 -11.14
CA THR E 232 -22.01 -14.00 -10.35
C THR E 232 -22.54 -15.42 -10.47
N ILE E 233 -22.58 -15.95 -11.69
CA ILE E 233 -23.08 -17.31 -11.90
C ILE E 233 -22.17 -18.32 -11.21
N GLY E 234 -20.87 -18.09 -11.25
CA GLY E 234 -19.89 -19.00 -10.67
C GLY E 234 -19.45 -18.66 -9.27
N SER E 235 -20.06 -17.65 -8.63
CA SER E 235 -19.65 -17.28 -7.28
C SER E 235 -19.79 -18.44 -6.31
N GLY E 236 -20.75 -19.32 -6.55
CA GLY E 236 -20.95 -20.48 -5.70
C GLY E 236 -19.72 -21.38 -5.66
N MET E 237 -19.33 -21.91 -6.82
CA MET E 237 -18.16 -22.79 -6.87
C MET E 237 -16.87 -22.06 -6.56
N GLU E 238 -16.81 -20.74 -6.78
CA GLU E 238 -15.61 -19.99 -6.45
C GLU E 238 -15.29 -20.10 -4.96
N LEU E 239 -16.27 -19.78 -4.11
CA LEU E 239 -16.04 -19.85 -2.67
C LEU E 239 -15.88 -21.29 -2.19
N VAL E 240 -16.57 -22.24 -2.83
CA VAL E 240 -16.37 -23.64 -2.49
C VAL E 240 -14.91 -24.04 -2.71
N GLN E 241 -14.30 -23.51 -3.77
CA GLN E 241 -12.89 -23.79 -4.04
C GLN E 241 -11.98 -23.00 -3.11
N LEU E 242 -12.38 -21.79 -2.72
CA LEU E 242 -11.60 -21.02 -1.76
C LEU E 242 -11.66 -21.65 -0.37
N TYR E 243 -12.84 -22.09 0.06
CA TYR E 243 -12.96 -22.77 1.34
C TYR E 243 -12.30 -24.13 1.30
N GLY E 244 -12.72 -24.98 0.37
CA GLY E 244 -12.20 -26.32 0.23
C GLY E 244 -12.87 -27.35 1.13
N ASN E 245 -13.38 -26.93 2.28
CA ASN E 245 -14.05 -27.82 3.21
C ASN E 245 -15.57 -27.66 3.17
N GLY E 246 -16.08 -26.70 2.41
CA GLY E 246 -17.51 -26.45 2.35
C GLY E 246 -17.86 -25.33 1.40
N SER E 247 -19.00 -24.68 1.65
CA SER E 247 -19.50 -23.60 0.79
C SER E 247 -19.66 -22.33 1.62
N ALA E 248 -20.19 -21.30 0.97
CA ALA E 248 -20.39 -20.00 1.60
C ALA E 248 -21.48 -20.09 2.68
N TYR E 249 -21.34 -19.28 3.72
CA TYR E 249 -22.36 -19.26 4.77
C TYR E 249 -22.57 -17.89 5.38
N PHE E 250 -21.53 -17.05 5.36
CA PHE E 250 -21.66 -15.73 5.96
C PHE E 250 -22.70 -14.89 5.23
N ALA E 251 -22.73 -14.97 3.90
CA ALA E 251 -23.66 -14.15 3.12
C ALA E 251 -25.03 -14.81 3.04
N PRO E 252 -25.12 -16.11 2.74
CA PRO E 252 -26.45 -16.76 2.77
C PRO E 252 -27.20 -16.50 4.06
N ALA E 253 -26.54 -16.65 5.21
CA ALA E 253 -27.19 -16.40 6.49
C ALA E 253 -27.69 -14.97 6.59
N THR E 254 -26.89 -14.00 6.11
CA THR E 254 -27.29 -12.61 6.18
C THR E 254 -28.51 -12.33 5.31
N ALA E 255 -28.55 -12.93 4.11
CA ALA E 255 -29.68 -12.74 3.22
C ALA E 255 -30.97 -13.24 3.84
N ALA E 256 -30.95 -14.48 4.35
CA ALA E 256 -32.17 -15.07 4.90
C ALA E 256 -32.68 -14.31 6.11
N ILE E 257 -31.78 -13.75 6.92
CA ILE E 257 -32.21 -12.94 8.06
C ILE E 257 -32.91 -11.68 7.57
N GLU E 258 -32.37 -11.04 6.54
CA GLU E 258 -33.02 -9.86 5.98
C GLU E 258 -34.42 -10.18 5.48
N MET E 259 -34.62 -11.40 4.95
CA MET E 259 -35.96 -11.80 4.53
C MET E 259 -36.86 -12.07 5.73
N ALA E 260 -36.31 -12.70 6.77
CA ALA E 260 -37.08 -12.90 8.00
C ALA E 260 -37.31 -11.58 8.73
N SER E 261 -36.39 -10.63 8.60
CA SER E 261 -36.58 -9.33 9.22
C SER E 261 -37.63 -8.51 8.48
N ALA E 262 -37.61 -8.54 7.15
CA ALA E 262 -38.61 -7.82 6.38
C ALA E 262 -40.01 -8.38 6.63
N TYR E 263 -40.11 -9.67 6.92
CA TYR E 263 -41.41 -10.28 7.23
C TYR E 263 -41.83 -9.97 8.66
N LEU E 264 -40.95 -10.26 9.63
CA LEU E 264 -41.30 -10.03 11.03
C LEU E 264 -41.63 -8.57 11.31
N ASN E 265 -40.96 -7.64 10.62
CA ASN E 265 -41.20 -6.22 10.81
C ASN E 265 -42.06 -5.61 9.70
N ASP E 266 -42.60 -6.43 8.81
CA ASP E 266 -43.49 -5.96 7.74
C ASP E 266 -42.87 -4.78 7.00
N LYS E 267 -41.56 -4.87 6.75
CA LYS E 267 -40.87 -3.79 6.06
C LYS E 267 -41.38 -3.58 4.64
N LYS E 268 -41.98 -4.61 4.03
CA LYS E 268 -42.40 -4.54 2.64
C LYS E 268 -41.21 -4.24 1.74
N SER E 269 -40.10 -4.93 1.99
CA SER E 269 -38.88 -4.72 1.23
C SER E 269 -38.99 -5.36 -0.16
N VAL E 270 -38.28 -4.76 -1.12
CA VAL E 270 -38.19 -5.30 -2.47
C VAL E 270 -36.99 -6.24 -2.50
N ILE E 271 -37.27 -7.54 -2.48
CA ILE E 271 -36.23 -8.57 -2.40
C ILE E 271 -36.45 -9.57 -3.51
N VAL E 272 -35.35 -9.95 -4.17
CA VAL E 272 -35.38 -10.98 -5.20
C VAL E 272 -35.25 -12.34 -4.52
N CYS E 273 -36.23 -13.21 -4.74
CA CYS E 273 -36.24 -14.52 -4.11
C CYS E 273 -37.09 -15.46 -4.94
N SER E 274 -36.99 -16.75 -4.62
CA SER E 274 -37.68 -17.80 -5.35
C SER E 274 -39.14 -17.85 -4.91
N CYS E 275 -40.04 -17.53 -5.82
CA CYS E 275 -41.47 -17.48 -5.54
C CYS E 275 -42.23 -18.45 -6.44
N TYR E 276 -43.33 -18.98 -5.91
CA TYR E 276 -44.17 -19.90 -6.66
C TYR E 276 -44.99 -19.12 -7.67
N LEU E 277 -44.97 -19.56 -8.93
CA LEU E 277 -45.64 -18.86 -10.01
C LEU E 277 -46.95 -19.57 -10.37
N GLU E 278 -47.90 -18.78 -10.85
CA GLU E 278 -49.16 -19.28 -11.37
C GLU E 278 -49.62 -18.44 -12.54
N GLY E 279 -48.68 -18.01 -13.39
CA GLY E 279 -49.00 -17.18 -14.53
C GLY E 279 -47.93 -16.16 -14.83
N GLU E 280 -47.18 -15.75 -13.80
CA GLU E 280 -46.16 -14.73 -13.99
C GLU E 280 -45.06 -15.24 -14.91
N TYR E 281 -44.55 -14.35 -15.76
CA TYR E 281 -43.49 -14.67 -16.72
C TYR E 281 -43.90 -15.78 -17.68
N GLY E 282 -45.20 -16.02 -17.84
CA GLY E 282 -45.66 -17.08 -18.72
C GLY E 282 -45.42 -18.48 -18.21
N HIS E 283 -45.27 -18.65 -16.90
CA HIS E 283 -45.05 -19.95 -16.30
C HIS E 283 -46.04 -20.17 -15.16
N SER E 284 -46.18 -21.43 -14.76
CA SER E 284 -47.09 -21.79 -13.70
C SER E 284 -46.64 -23.09 -13.07
N ASP E 285 -46.90 -23.23 -11.76
CA ASP E 285 -46.58 -24.44 -11.01
C ASP E 285 -45.07 -24.66 -10.95
N VAL E 286 -44.33 -23.59 -10.70
CA VAL E 286 -42.87 -23.68 -10.59
C VAL E 286 -42.40 -22.53 -9.70
N TYR E 287 -41.33 -22.79 -8.95
CA TYR E 287 -40.66 -21.76 -8.18
C TYR E 287 -39.57 -21.11 -9.01
N LEU E 288 -39.51 -19.78 -8.96
CA LEU E 288 -38.60 -19.04 -9.83
C LEU E 288 -38.16 -17.75 -9.14
N GLY E 289 -36.86 -17.47 -9.19
CA GLY E 289 -36.33 -16.26 -8.59
C GLY E 289 -36.84 -15.03 -9.32
N THR E 290 -37.48 -14.13 -8.60
CA THR E 290 -38.03 -12.91 -9.17
C THR E 290 -38.10 -11.85 -8.08
N PRO E 291 -38.01 -10.57 -8.43
CA PRO E 291 -38.24 -9.53 -7.43
C PRO E 291 -39.66 -9.60 -6.89
N ALA E 292 -39.80 -9.28 -5.61
CA ALA E 292 -41.10 -9.29 -4.96
C ALA E 292 -41.03 -8.39 -3.73
N ILE E 293 -42.18 -8.20 -3.09
CA ILE E 293 -42.31 -7.38 -1.90
C ILE E 293 -42.63 -8.31 -0.75
N ILE E 294 -41.75 -8.35 0.25
CA ILE E 294 -41.91 -9.21 1.42
C ILE E 294 -42.41 -8.36 2.58
N GLY E 295 -43.60 -8.69 3.08
CA GLY E 295 -44.19 -8.02 4.21
C GLY E 295 -44.69 -9.02 5.25
N ALA E 296 -45.72 -8.60 5.99
CA ALA E 296 -46.30 -9.46 7.01
C ALA E 296 -47.02 -10.67 6.44
N ASN E 297 -47.42 -10.61 5.17
CA ASN E 297 -48.08 -11.73 4.50
C ASN E 297 -47.10 -12.55 3.67
N GLY E 298 -45.80 -12.45 3.95
CA GLY E 298 -44.80 -13.09 3.13
C GLY E 298 -44.73 -12.45 1.76
N ILE E 299 -44.89 -13.22 0.70
CA ILE E 299 -45.00 -12.66 -0.64
C ILE E 299 -46.29 -11.84 -0.69
N GLU E 300 -46.16 -10.52 -0.67
CA GLU E 300 -47.32 -9.66 -0.82
C GLU E 300 -47.63 -9.36 -2.28
N LYS E 301 -46.58 -9.15 -3.09
CA LYS E 301 -46.74 -8.85 -4.51
C LYS E 301 -45.55 -9.42 -5.26
N ILE E 302 -45.80 -10.13 -6.35
CA ILE E 302 -44.76 -10.55 -7.26
C ILE E 302 -44.58 -9.47 -8.32
N ILE E 303 -43.37 -8.92 -8.40
CA ILE E 303 -43.05 -7.91 -9.40
C ILE E 303 -42.52 -8.64 -10.63
N THR E 304 -43.31 -8.64 -11.71
CA THR E 304 -42.94 -9.30 -12.95
C THR E 304 -42.15 -8.33 -13.80
N LEU E 305 -40.83 -8.55 -13.88
CA LEU E 305 -39.98 -7.69 -14.68
C LEU E 305 -40.38 -7.75 -16.15
N LYS E 306 -40.13 -6.66 -16.86
CA LYS E 306 -40.35 -6.60 -18.31
C LYS E 306 -39.07 -7.06 -18.98
N LEU E 307 -39.02 -8.33 -19.33
CA LEU E 307 -37.84 -8.91 -19.96
C LEU E 307 -37.95 -8.82 -21.48
N SER E 308 -36.81 -9.06 -22.13
CA SER E 308 -36.73 -9.12 -23.58
C SER E 308 -36.80 -10.56 -24.03
N SER E 309 -36.86 -10.75 -25.36
CA SER E 309 -36.89 -12.10 -25.91
C SER E 309 -35.61 -12.85 -25.58
N GLU E 310 -34.49 -12.14 -25.42
CA GLU E 310 -33.23 -12.80 -25.05
C GLU E 310 -33.23 -13.14 -23.57
N GLU E 311 -33.64 -12.19 -22.73
CA GLU E 311 -33.73 -12.47 -21.29
C GLU E 311 -34.81 -13.50 -21.00
N GLN E 312 -35.97 -13.39 -21.67
CA GLN E 312 -37.01 -14.39 -21.50
C GLN E 312 -36.51 -15.77 -21.94
N ALA E 313 -35.71 -15.82 -23.00
CA ALA E 313 -35.16 -17.09 -23.45
C ALA E 313 -34.34 -17.75 -22.35
N LYS E 314 -33.44 -16.99 -21.72
CA LYS E 314 -32.70 -17.52 -20.58
C LYS E 314 -33.65 -17.96 -19.48
N LEU E 315 -34.67 -17.14 -19.19
CA LEU E 315 -35.64 -17.49 -18.16
C LEU E 315 -36.37 -18.78 -18.51
N ASP E 316 -36.68 -18.99 -19.79
CA ASP E 316 -37.34 -20.22 -20.20
C ASP E 316 -36.41 -21.42 -20.05
N ALA E 317 -35.12 -21.23 -20.29
CA ALA E 317 -34.17 -22.33 -20.12
C ALA E 317 -33.94 -22.65 -18.66
N SER E 318 -33.99 -21.64 -17.78
CA SER E 318 -33.84 -21.89 -16.36
C SER E 318 -34.99 -22.73 -15.83
N VAL E 319 -36.22 -22.46 -16.30
CA VAL E 319 -37.36 -23.27 -15.89
C VAL E 319 -37.20 -24.70 -16.41
N LYS E 320 -36.65 -24.85 -17.61
CA LYS E 320 -36.43 -26.18 -18.17
C LYS E 320 -35.49 -27.00 -17.29
N GLU E 321 -34.58 -26.34 -16.58
CA GLU E 321 -33.64 -27.03 -15.71
C GLU E 321 -34.25 -27.40 -14.36
N ILE E 322 -35.34 -26.75 -13.97
CA ILE E 322 -35.99 -27.02 -12.68
C ILE E 322 -36.99 -28.17 -12.84
N ALA F 12 -2.59 7.23 18.94
CA ALA F 12 -2.83 7.20 17.50
C ALA F 12 -4.30 7.45 17.21
N VAL F 13 -5.16 6.52 17.63
CA VAL F 13 -6.59 6.67 17.41
C VAL F 13 -7.13 7.82 18.26
N ARG F 14 -8.23 8.40 17.80
CA ARG F 14 -8.78 9.60 18.41
C ARG F 14 -10.24 9.71 18.01
N ARG F 15 -11.08 10.16 18.94
CA ARG F 15 -12.50 10.31 18.65
C ARG F 15 -12.71 11.26 17.48
N ASN F 16 -13.77 11.01 16.72
CA ASN F 16 -14.21 11.97 15.72
C ASN F 16 -14.77 13.20 16.41
N LYS F 17 -14.61 14.35 15.77
CA LYS F 17 -14.98 15.64 16.35
C LYS F 17 -15.87 16.39 15.36
N ILE F 18 -17.14 16.56 15.72
CA ILE F 18 -18.11 17.23 14.87
C ILE F 18 -18.58 18.49 15.60
N SER F 19 -18.44 19.63 14.95
CA SER F 19 -18.90 20.91 15.49
C SER F 19 -20.14 21.36 14.73
N LEU F 20 -21.20 21.66 15.47
CA LEU F 20 -22.46 22.10 14.91
C LEU F 20 -22.57 23.60 15.15
N ILE F 21 -22.23 24.40 14.15
CA ILE F 21 -22.34 25.86 14.26
C ILE F 21 -23.81 26.23 14.10
N GLY F 22 -24.50 26.36 15.23
CA GLY F 22 -25.94 26.57 15.24
C GLY F 22 -26.62 25.46 16.01
N ALA F 23 -27.06 25.76 17.24
CA ALA F 23 -27.69 24.77 18.11
C ALA F 23 -29.21 24.84 18.04
N GLY F 24 -29.75 25.23 16.90
CA GLY F 24 -31.19 25.28 16.73
C GLY F 24 -31.80 23.90 16.65
N ASN F 25 -33.06 23.87 16.21
CA ASN F 25 -33.79 22.61 16.11
C ASN F 25 -33.06 21.60 15.23
N ILE F 26 -32.35 22.07 14.21
CA ILE F 26 -31.56 21.16 13.38
C ILE F 26 -30.29 20.74 14.12
N GLY F 27 -29.60 21.70 14.75
CA GLY F 27 -28.39 21.37 15.48
C GLY F 27 -28.63 20.39 16.62
N GLY F 28 -29.80 20.49 17.26
CA GLY F 28 -30.08 19.59 18.38
C GLY F 28 -30.25 18.16 17.93
N VAL F 29 -31.04 17.94 16.87
CA VAL F 29 -31.27 16.58 16.39
C VAL F 29 -29.98 15.98 15.85
N MET F 30 -29.13 16.80 15.22
CA MET F 30 -27.86 16.29 14.71
C MET F 30 -26.98 15.78 15.84
N ALA F 31 -26.86 16.56 16.91
CA ALA F 31 -26.13 16.09 18.08
C ALA F 31 -26.78 14.85 18.68
N TYR F 32 -28.12 14.81 18.66
CA TYR F 32 -28.85 13.67 19.21
C TYR F 32 -28.53 12.39 18.43
N LEU F 33 -28.76 12.41 17.11
CA LEU F 33 -28.49 11.24 16.30
C LEU F 33 -27.02 10.86 16.34
N ALA F 34 -26.13 11.86 16.34
CA ALA F 34 -24.70 11.57 16.36
C ALA F 34 -24.28 10.88 17.66
N GLN F 35 -24.78 11.35 18.79
CA GLN F 35 -24.37 10.77 20.07
C GLN F 35 -24.93 9.37 20.24
N LEU F 36 -26.18 9.14 19.86
CA LEU F 36 -26.76 7.81 19.97
C LEU F 36 -26.12 6.83 19.00
N LYS F 37 -25.54 7.31 17.90
CA LYS F 37 -24.81 6.47 16.98
C LYS F 37 -23.33 6.39 17.31
N GLU F 38 -22.89 7.07 18.37
CA GLU F 38 -21.48 7.08 18.77
C GLU F 38 -20.59 7.38 17.57
N LEU F 39 -20.99 8.40 16.80
CA LEU F 39 -20.21 8.85 15.66
C LEU F 39 -19.01 9.70 16.08
N GLY F 40 -19.01 10.21 17.31
CA GLY F 40 -17.92 11.04 17.80
C GLY F 40 -18.39 12.15 18.72
N ASP F 41 -17.44 12.88 19.30
CA ASP F 41 -17.79 14.00 20.14
C ASP F 41 -18.44 15.11 19.32
N VAL F 42 -19.40 15.80 19.94
CA VAL F 42 -20.15 16.87 19.28
C VAL F 42 -19.87 18.17 20.01
N VAL F 43 -19.81 19.26 19.25
CA VAL F 43 -19.69 20.61 19.79
C VAL F 43 -20.92 21.38 19.33
N LEU F 44 -21.84 21.64 20.26
CA LEU F 44 -23.06 22.39 19.96
C LEU F 44 -22.76 23.89 20.14
N PHE F 45 -22.19 24.48 19.09
CA PHE F 45 -21.89 25.90 19.10
C PHE F 45 -23.12 26.71 18.74
N ASP F 46 -23.27 27.87 19.39
CA ASP F 46 -24.34 28.80 19.06
C ASP F 46 -24.10 30.10 19.83
N ILE F 47 -24.39 31.22 19.18
CA ILE F 47 -24.13 32.53 19.76
C ILE F 47 -24.95 32.79 21.02
N ALA F 48 -25.95 31.97 21.30
CA ALA F 48 -26.76 32.14 22.50
C ALA F 48 -26.07 31.52 23.71
N LYS F 50 -26.51 29.61 26.29
CA LYS F 50 -26.73 28.36 27.02
C LYS F 50 -27.61 27.40 26.23
N LEU F 51 -27.93 27.76 24.99
CA LEU F 51 -28.78 26.89 24.16
C LEU F 51 -28.02 25.63 23.76
N GLY F 52 -26.76 25.77 23.35
CA GLY F 52 -25.93 24.60 23.09
C GLY F 52 -25.57 23.84 24.35
N GLU F 53 -25.62 24.49 25.52
CA GLU F 53 -25.35 23.80 26.77
C GLU F 53 -26.58 23.05 27.28
N ALA F 54 -27.77 23.58 27.02
CA ALA F 54 -29.00 22.87 27.38
C ALA F 54 -29.09 21.54 26.65
N LYS F 55 -28.91 21.57 25.33
CA LYS F 55 -29.07 20.37 24.52
C LYS F 55 -27.89 19.41 24.70
N ALA F 56 -26.69 19.93 24.91
CA ALA F 56 -25.55 19.07 25.21
C ALA F 56 -25.80 18.28 26.48
N LEU F 57 -26.04 18.97 27.59
CA LEU F 57 -26.35 18.30 28.85
C LEU F 57 -27.54 17.35 28.68
N ASP F 58 -28.60 17.82 28.02
CA ASP F 58 -29.78 17.00 27.81
C ASP F 58 -29.43 15.74 27.02
N ILE F 59 -28.66 15.89 25.94
CA ILE F 59 -28.25 14.74 25.15
C ILE F 59 -27.33 13.84 25.98
N MET F 60 -26.49 14.44 26.83
CA MET F 60 -25.63 13.63 27.69
C MET F 60 -26.45 12.73 28.61
N HIS F 61 -27.58 13.24 29.10
CA HIS F 61 -28.48 12.40 29.88
C HIS F 61 -29.04 11.26 29.03
N ALA F 62 -29.27 11.51 27.74
CA ALA F 62 -29.71 10.44 26.86
C ALA F 62 -28.59 9.44 26.58
N ASN F 63 -27.34 9.88 26.63
CA ASN F 63 -26.23 8.96 26.42
C ASN F 63 -26.17 7.91 27.51
N ALA F 64 -26.33 8.32 28.77
CA ALA F 64 -26.38 7.37 29.87
C ALA F 64 -27.57 6.42 29.70
N ILE F 65 -28.73 6.96 29.32
CA ILE F 65 -29.91 6.13 29.12
C ILE F 65 -29.66 5.12 28.02
N TYR F 66 -28.93 5.51 26.97
CA TYR F 66 -28.72 4.68 25.80
C TYR F 66 -27.38 3.95 25.82
N ASP F 67 -26.63 4.02 26.94
CA ASP F 67 -25.37 3.31 27.08
C ASP F 67 -24.39 3.67 25.95
N THR F 68 -24.29 4.96 25.65
CA THR F 68 -23.38 5.45 24.63
C THR F 68 -22.26 6.26 25.27
N ALA F 69 -21.08 6.20 24.66
CA ALA F 69 -19.84 6.57 25.33
C ALA F 69 -19.31 7.95 24.96
N HIS F 70 -19.87 8.61 23.96
CA HIS F 70 -19.31 9.86 23.48
C HIS F 70 -19.92 11.06 24.21
N LYS F 71 -19.29 12.23 24.02
CA LYS F 71 -19.57 13.40 24.82
C LYS F 71 -20.00 14.57 23.94
N ALA F 72 -21.04 15.28 24.38
CA ALA F 72 -21.51 16.50 23.73
C ALA F 72 -21.13 17.70 24.59
N ILE F 73 -20.78 18.80 23.94
CA ILE F 73 -20.37 20.03 24.61
C ILE F 73 -21.15 21.19 24.02
N GLY F 74 -21.50 22.14 24.88
CA GLY F 74 -22.18 23.37 24.45
C GLY F 74 -21.26 24.55 24.64
N THR F 75 -21.28 25.47 23.68
CA THR F 75 -20.38 26.62 23.73
C THR F 75 -20.90 27.72 22.85
N ALA F 76 -20.40 28.93 23.10
CA ALA F 76 -20.56 30.07 22.20
C ALA F 76 -19.22 30.65 21.78
N ASN F 77 -18.13 29.94 22.05
CA ASN F 77 -16.78 30.40 21.76
C ASN F 77 -16.16 29.51 20.69
N TYR F 78 -15.56 30.14 19.67
CA TYR F 78 -14.96 29.39 18.56
C TYR F 78 -13.63 28.72 18.93
N GLU F 79 -13.25 28.59 20.20
CA GLU F 79 -12.05 27.84 20.54
C GLU F 79 -12.35 26.36 20.77
N ASP F 80 -13.60 26.01 21.08
CA ASP F 80 -13.97 24.62 21.28
C ASP F 80 -14.20 23.88 19.97
N ILE F 81 -14.49 24.60 18.89
CA ILE F 81 -14.60 24.01 17.56
C ILE F 81 -13.25 23.54 17.03
N ALA F 82 -12.15 23.85 17.73
CA ALA F 82 -10.83 23.59 17.21
C ALA F 82 -10.63 22.11 16.90
N ASP F 83 -9.84 21.85 15.85
CA ASP F 83 -9.45 20.49 15.47
C ASP F 83 -10.67 19.61 15.20
N SER F 84 -11.70 20.19 14.60
CA SER F 84 -12.89 19.43 14.25
C SER F 84 -12.69 18.72 12.92
N ASP F 85 -13.19 17.48 12.84
CA ASP F 85 -13.19 16.76 11.58
C ASP F 85 -14.27 17.26 10.63
N VAL F 86 -15.41 17.70 11.19
CA VAL F 86 -16.55 18.14 10.41
C VAL F 86 -17.17 19.35 11.09
N CYS F 87 -17.64 20.31 10.29
CA CYS F 87 -18.36 21.47 10.79
C CYS F 87 -19.66 21.61 10.00
N ILE F 88 -20.79 21.55 10.69
CA ILE F 88 -22.10 21.66 10.07
C ILE F 88 -22.73 22.97 10.51
N ILE F 89 -23.14 23.79 9.54
CA ILE F 89 -23.51 25.19 9.77
C ILE F 89 -25.00 25.35 9.54
N THR F 90 -25.70 25.88 10.55
CA THR F 90 -27.13 26.16 10.45
C THR F 90 -27.47 27.58 10.88
N ALA F 91 -26.51 28.37 11.33
CA ALA F 91 -26.81 29.71 11.82
C ALA F 91 -27.18 30.64 10.67
N GLY F 92 -28.18 31.48 10.90
CA GLY F 92 -28.62 32.44 9.90
C GLY F 92 -29.24 33.67 10.53
N ALA F 111 -28.77 38.29 2.42
CA ALA F 111 -27.53 39.03 2.21
C ALA F 111 -26.75 39.18 3.53
N PRO F 112 -27.43 39.51 4.63
CA PRO F 112 -26.72 39.54 5.91
C PRO F 112 -26.12 38.20 6.28
N ASN F 113 -26.81 37.10 5.97
CA ASN F 113 -26.27 35.78 6.27
C ASN F 113 -24.94 35.54 5.56
N SER F 114 -24.74 36.17 4.40
CA SER F 114 -23.46 36.04 3.71
C SER F 114 -22.31 36.50 4.60
N LYS F 115 -22.47 37.66 5.24
CA LYS F 115 -21.45 38.15 6.16
C LYS F 115 -21.27 37.18 7.34
N ILE F 116 -22.36 36.56 7.78
CA ILE F 116 -22.27 35.57 8.85
C ILE F 116 -21.40 34.40 8.39
N MET F 117 -21.62 33.92 7.17
CA MET F 117 -20.85 32.79 6.67
C MET F 117 -19.35 33.07 6.67
N PHE F 118 -18.96 34.35 6.55
CA PHE F 118 -17.55 34.68 6.56
C PHE F 118 -16.95 34.56 7.95
N THR F 119 -17.56 35.24 8.93
CA THR F 119 -17.11 35.06 10.32
C THR F 119 -17.11 33.59 10.71
N ILE F 120 -18.06 32.82 10.18
CA ILE F 120 -18.05 31.37 10.40
C ILE F 120 -16.89 30.72 9.67
N GLY F 121 -16.83 30.92 8.34
CA GLY F 121 -15.75 30.32 7.56
C GLY F 121 -14.38 30.81 7.98
N ASP F 122 -14.29 32.02 8.52
CA ASP F 122 -13.02 32.55 8.98
C ASP F 122 -12.54 31.81 10.23
N ASN F 123 -13.46 31.54 11.17
CA ASN F 123 -13.07 30.84 12.39
C ASN F 123 -12.70 29.40 12.11
N ILE F 124 -13.39 28.75 11.18
CA ILE F 124 -13.02 27.38 10.81
C ILE F 124 -11.61 27.35 10.22
N LYS F 125 -11.28 28.33 9.37
CA LYS F 125 -9.92 28.42 8.84
C LYS F 125 -8.89 28.48 9.96
N LYS F 126 -9.20 29.20 11.03
CA LYS F 126 -8.23 29.42 12.10
C LYS F 126 -8.15 28.24 13.06
N TYR F 127 -9.30 27.64 13.39
CA TYR F 127 -9.37 26.61 14.42
C TYR F 127 -9.53 25.20 13.89
N ALA F 128 -9.99 25.03 12.66
CA ALA F 128 -10.22 23.69 12.08
C ALA F 128 -9.82 23.71 10.62
N PRO F 129 -8.52 23.72 10.33
CA PRO F 129 -8.05 23.82 8.94
C PRO F 129 -8.29 22.57 8.10
N ASN F 130 -8.69 21.45 8.73
CA ASN F 130 -8.92 20.20 8.02
C ASN F 130 -10.37 19.73 8.15
N ALA F 131 -11.28 20.63 8.49
CA ALA F 131 -12.67 20.25 8.71
C ALA F 131 -13.41 20.10 7.39
N PHE F 132 -14.23 19.05 7.32
CA PHE F 132 -15.15 18.88 6.19
C PHE F 132 -16.39 19.73 6.45
N VAL F 133 -16.61 20.73 5.61
CA VAL F 133 -17.63 21.73 5.84
C VAL F 133 -18.93 21.30 5.19
N ILE F 134 -20.02 21.28 5.96
CA ILE F 134 -21.35 20.98 5.47
C ILE F 134 -22.23 22.18 5.78
N CYS F 135 -22.84 22.75 4.75
CA CYS F 135 -23.71 23.92 4.91
C CYS F 135 -25.16 23.49 4.82
N ILE F 136 -26.01 24.13 5.65
CA ILE F 136 -27.44 23.86 5.64
C ILE F 136 -28.21 25.16 5.44
N THR F 137 -27.64 26.27 5.92
CA THR F 137 -28.31 27.55 5.83
C THR F 137 -28.68 27.86 4.38
N ASN F 138 -29.93 28.37 4.18
CA ASN F 138 -30.42 28.65 2.85
C ASN F 138 -30.24 30.12 2.49
N PRO F 139 -30.13 30.47 1.20
CA PRO F 139 -30.12 29.52 0.07
C PRO F 139 -28.81 28.75 -0.01
N LEU F 140 -28.90 27.43 0.08
CA LEU F 140 -27.74 26.58 0.25
C LEU F 140 -26.63 26.95 -0.73
N ASP F 141 -26.94 26.93 -2.02
CA ASP F 141 -25.91 27.05 -3.06
C ASP F 141 -25.15 28.37 -2.95
N VAL F 142 -25.77 29.41 -2.42
CA VAL F 142 -25.10 30.70 -2.26
C VAL F 142 -24.32 30.75 -0.95
N MET F 143 -24.94 30.34 0.16
CA MET F 143 -24.25 30.36 1.44
C MET F 143 -23.01 29.46 1.41
N VAL F 144 -23.13 28.28 0.81
CA VAL F 144 -21.99 27.35 0.78
C VAL F 144 -20.85 27.95 -0.04
N LYS F 145 -21.17 28.71 -1.08
CA LYS F 145 -20.14 29.36 -1.88
C LYS F 145 -19.42 30.44 -1.08
N MET F 146 -20.13 31.13 -0.19
CA MET F 146 -19.49 32.09 0.70
C MET F 146 -18.58 31.39 1.72
N LEU F 147 -18.96 30.19 2.16
CA LEU F 147 -18.10 29.43 3.07
C LEU F 147 -16.83 28.96 2.36
N LEU F 148 -16.94 28.60 1.08
CA LEU F 148 -15.76 28.18 0.33
C LEU F 148 -14.77 29.33 0.20
N LYS F 149 -15.25 30.56 -0.03
CA LYS F 149 -14.36 31.70 -0.15
C LYS F 149 -13.76 32.08 1.20
N ALA F 150 -14.59 32.15 2.23
CA ALA F 150 -14.11 32.56 3.54
C ALA F 150 -13.13 31.56 4.14
N THR F 151 -13.33 30.27 3.87
CA THR F 151 -12.46 29.25 4.44
C THR F 151 -11.18 29.06 3.63
N GLY F 152 -11.25 29.21 2.31
CA GLY F 152 -10.13 28.94 1.45
C GLY F 152 -9.87 27.47 1.19
N PHE F 153 -10.67 26.57 1.77
CA PHE F 153 -10.49 25.15 1.56
C PHE F 153 -10.72 24.80 0.09
N PRO F 154 -10.16 23.67 -0.37
CA PRO F 154 -10.47 23.21 -1.72
C PRO F 154 -11.91 22.75 -1.84
N LYS F 155 -12.39 22.72 -3.08
CA LYS F 155 -13.80 22.43 -3.32
C LYS F 155 -14.22 21.08 -2.77
N ASN F 156 -13.29 20.15 -2.58
CA ASN F 156 -13.62 18.82 -2.08
C ASN F 156 -13.93 18.79 -0.59
N LYS F 157 -13.67 19.88 0.14
CA LYS F 157 -13.87 19.93 1.58
C LYS F 157 -14.99 20.88 1.99
N VAL F 158 -15.77 21.38 1.05
CA VAL F 158 -16.87 22.30 1.35
C VAL F 158 -18.07 21.83 0.54
N VAL F 159 -19.01 21.15 1.21
CA VAL F 159 -20.19 20.58 0.56
C VAL F 159 -21.43 21.21 1.19
N GLY F 160 -22.52 21.18 0.43
CA GLY F 160 -23.81 21.68 0.89
C GLY F 160 -24.83 20.56 0.98
N MET F 161 -25.60 20.57 2.06
CA MET F 161 -26.65 19.57 2.28
C MET F 161 -27.92 20.06 1.58
N GLY F 162 -28.26 19.43 0.47
CA GLY F 162 -29.45 19.77 -0.29
C GLY F 162 -29.57 18.88 -1.50
N GLY F 163 -30.57 18.00 -1.49
CA GLY F 163 -30.70 17.00 -2.53
C GLY F 163 -30.92 15.63 -1.91
N LEU F 164 -30.07 15.28 -0.95
CA LEU F 164 -30.35 14.12 -0.11
C LEU F 164 -31.65 14.33 0.66
N LEU F 165 -31.95 15.58 1.02
CA LEU F 165 -33.25 15.92 1.57
C LEU F 165 -34.32 15.90 0.50
N ASP F 166 -34.06 16.56 -0.63
CA ASP F 166 -35.05 16.64 -1.70
C ASP F 166 -35.25 15.29 -2.39
N SER F 167 -34.15 14.57 -2.66
CA SER F 167 -34.28 13.26 -3.29
C SER F 167 -34.98 12.27 -2.38
N SER F 168 -34.62 12.26 -1.09
CA SER F 168 -35.29 11.38 -0.14
C SER F 168 -36.77 11.72 -0.02
N ARG F 169 -37.08 13.03 0.02
CA ARG F 169 -38.48 13.45 -0.02
C ARG F 169 -39.18 12.91 -1.27
N MET F 170 -38.53 13.03 -2.42
CA MET F 170 -39.09 12.49 -3.64
C MET F 170 -39.27 10.97 -3.55
N CYS F 171 -38.25 10.27 -3.05
CA CYS F 171 -38.34 8.83 -2.91
C CYS F 171 -39.36 8.42 -1.85
N HIS F 172 -39.62 9.29 -0.88
CA HIS F 172 -40.64 8.99 0.12
C HIS F 172 -42.02 8.96 -0.51
N TYR F 173 -42.40 10.03 -1.20
CA TYR F 173 -43.71 10.10 -1.84
C TYR F 173 -43.94 8.91 -2.77
N ILE F 174 -42.91 8.54 -3.54
CA ILE F 174 -43.03 7.39 -4.42
C ILE F 174 -43.17 6.11 -3.61
N ALA F 175 -42.28 5.90 -2.64
CA ALA F 175 -42.37 4.72 -1.79
C ALA F 175 -43.70 4.65 -1.06
N ASP F 176 -44.21 5.80 -0.62
CA ASP F 176 -45.47 5.80 0.12
C ASP F 176 -46.64 5.44 -0.78
N LYS F 177 -46.65 5.94 -2.02
CA LYS F 177 -47.73 5.63 -2.94
C LYS F 177 -47.62 4.22 -3.52
N LEU F 178 -46.43 3.62 -3.49
CA LEU F 178 -46.27 2.22 -3.85
C LEU F 178 -46.40 1.29 -2.65
N ASN F 179 -46.42 1.83 -1.44
CA ASN F 179 -46.43 1.03 -0.21
C ASN F 179 -45.25 0.07 -0.21
N VAL F 180 -44.06 0.66 -0.33
CA VAL F 180 -42.81 -0.09 -0.42
C VAL F 180 -41.81 0.55 0.53
N ASN F 181 -40.88 -0.26 1.02
CA ASN F 181 -39.82 0.24 1.89
C ASN F 181 -38.95 1.24 1.12
N PRO F 182 -38.81 2.49 1.59
CA PRO F 182 -37.96 3.44 0.87
C PRO F 182 -36.49 3.03 0.81
N ARG F 183 -36.08 1.99 1.54
CA ARG F 183 -34.71 1.50 1.47
C ARG F 183 -34.31 1.14 0.05
N TYR F 184 -35.27 0.75 -0.78
CA TYR F 184 -34.99 0.28 -2.13
C TYR F 184 -35.41 1.26 -3.22
N VAL F 185 -35.90 2.44 -2.85
CA VAL F 185 -36.28 3.47 -3.81
C VAL F 185 -35.15 4.47 -3.90
N HIS F 186 -34.57 4.60 -5.09
CA HIS F 186 -33.48 5.53 -5.35
C HIS F 186 -33.93 6.58 -6.35
N GLY F 187 -33.36 7.77 -6.24
CA GLY F 187 -33.70 8.87 -7.12
C GLY F 187 -32.81 10.05 -6.85
N SER F 188 -32.78 10.98 -7.81
CA SER F 188 -31.91 12.12 -7.75
C SER F 188 -32.70 13.39 -8.03
N CYS F 189 -32.54 14.39 -7.18
CA CYS F 189 -33.07 15.72 -7.41
C CYS F 189 -31.91 16.70 -7.50
N ILE F 190 -31.75 17.31 -8.67
CA ILE F 190 -30.57 18.13 -8.95
C ILE F 190 -30.96 19.60 -9.02
N GLY F 191 -30.00 20.44 -9.38
CA GLY F 191 -30.24 21.86 -9.49
C GLY F 191 -29.91 22.60 -8.21
N GLY F 192 -30.50 23.79 -8.08
CA GLY F 192 -30.34 24.59 -6.88
C GLY F 192 -31.37 24.22 -5.83
N HIS F 193 -30.97 24.33 -4.57
CA HIS F 193 -31.83 24.00 -3.44
C HIS F 193 -32.81 25.15 -3.24
N GLY F 194 -34.01 25.00 -3.78
CA GLY F 194 -35.04 26.02 -3.69
C GLY F 194 -36.21 25.70 -4.58
N ASP F 195 -36.70 26.70 -5.31
CA ASP F 195 -37.78 26.48 -6.27
C ASP F 195 -37.26 26.04 -7.64
N SER F 196 -35.97 26.22 -7.91
CA SER F 196 -35.37 25.82 -9.17
C SER F 196 -34.90 24.37 -9.16
N MET F 197 -35.06 23.66 -8.04
CA MET F 197 -34.64 22.27 -7.98
C MET F 197 -35.37 21.43 -9.03
N ILE F 198 -34.70 20.37 -9.47
CA ILE F 198 -35.20 19.55 -10.58
C ILE F 198 -35.33 18.10 -10.11
N PRO F 199 -36.49 17.68 -9.59
CA PRO F 199 -36.66 16.29 -9.15
C PRO F 199 -36.85 15.37 -10.34
N LEU F 200 -35.86 14.50 -10.56
CA LEU F 200 -35.90 13.55 -11.69
C LEU F 200 -36.80 12.37 -11.32
N VAL F 201 -38.09 12.67 -11.24
CA VAL F 201 -39.07 11.65 -10.84
C VAL F 201 -39.10 10.51 -11.85
N ASN F 202 -39.03 10.84 -13.15
CA ASN F 202 -39.14 9.83 -14.20
C ASN F 202 -37.91 8.93 -14.28
N HIS F 203 -36.86 9.21 -13.49
CA HIS F 203 -35.65 8.39 -13.47
C HIS F 203 -35.51 7.65 -12.15
N VAL F 204 -36.57 7.55 -11.36
CA VAL F 204 -36.54 6.83 -10.10
C VAL F 204 -36.55 5.33 -10.37
N THR F 205 -35.84 4.59 -9.52
CA THR F 205 -35.75 3.14 -9.64
C THR F 205 -36.08 2.52 -8.28
N VAL F 206 -36.72 1.36 -8.32
CA VAL F 206 -37.10 0.62 -7.12
C VAL F 206 -36.35 -0.70 -7.17
N ASN F 207 -35.27 -0.81 -6.40
CA ASN F 207 -34.39 -1.98 -6.43
C ASN F 207 -33.90 -2.22 -7.86
N GLY F 208 -33.46 -1.15 -8.50
CA GLY F 208 -33.00 -1.21 -9.88
C GLY F 208 -34.09 -1.28 -10.92
N ILE F 209 -35.34 -1.50 -10.52
CA ILE F 209 -36.46 -1.59 -11.45
C ILE F 209 -36.88 -0.18 -11.83
N PRO F 210 -36.88 0.18 -13.12
CA PRO F 210 -37.38 1.51 -13.50
C PRO F 210 -38.78 1.74 -12.98
N ILE F 211 -39.06 2.99 -12.57
CA ILE F 211 -40.37 3.33 -12.04
C ILE F 211 -41.46 3.18 -13.09
N GLN F 212 -41.09 3.19 -14.38
CA GLN F 212 -42.09 3.08 -15.44
C GLN F 212 -42.81 1.74 -15.38
N LEU F 213 -42.13 0.67 -14.97
CA LEU F 213 -42.80 -0.62 -14.84
C LEU F 213 -44.00 -0.53 -13.91
N PHE F 214 -43.84 0.18 -12.79
CA PHE F 214 -44.94 0.36 -11.86
C PHE F 214 -46.05 1.24 -12.43
N VAL F 215 -45.73 2.10 -13.40
CA VAL F 215 -46.77 2.86 -14.10
C VAL F 215 -47.65 1.92 -14.91
N GLU F 216 -47.03 1.02 -15.67
CA GLU F 216 -47.76 0.03 -16.46
C GLU F 216 -48.30 -1.11 -15.60
N ARG F 217 -47.88 -1.19 -14.35
CA ARG F 217 -48.32 -2.23 -13.43
C ARG F 217 -49.65 -1.91 -12.76
N GLY F 218 -50.08 -0.65 -12.79
CA GLY F 218 -51.30 -0.24 -12.13
C GLY F 218 -51.12 0.21 -10.69
N ASP F 219 -49.91 0.59 -10.28
CA ASP F 219 -49.65 1.01 -8.92
C ASP F 219 -49.52 2.52 -8.77
N ILE F 220 -49.04 3.21 -9.80
CA ILE F 220 -48.90 4.66 -9.77
C ILE F 220 -49.10 5.17 -11.18
N THR F 221 -49.55 6.43 -11.29
CA THR F 221 -49.83 7.04 -12.59
C THR F 221 -48.78 8.11 -12.89
N GLN F 222 -48.61 8.39 -14.18
CA GLN F 222 -47.71 9.46 -14.59
C GLN F 222 -48.17 10.80 -14.04
N ALA F 223 -49.49 11.00 -13.91
CA ALA F 223 -49.99 12.20 -13.26
C ALA F 223 -49.51 12.29 -11.82
N GLU F 224 -49.73 11.22 -11.05
CA GLU F 224 -49.24 11.19 -9.68
C GLU F 224 -47.73 11.41 -9.62
N LEU F 225 -47.00 10.82 -10.57
CA LEU F 225 -45.57 11.08 -10.65
C LEU F 225 -45.29 12.55 -10.86
N ASP F 226 -46.03 13.19 -11.76
CA ASP F 226 -45.86 14.63 -12.00
C ASP F 226 -46.20 15.45 -10.76
N LYS F 227 -47.18 14.99 -9.98
CA LYS F 227 -47.52 15.69 -8.74
C LYS F 227 -46.47 15.47 -7.66
N ILE F 228 -45.84 14.30 -7.63
CA ILE F 228 -44.74 14.07 -6.69
C ILE F 228 -43.61 15.04 -6.97
N ALA F 229 -43.37 15.36 -8.25
CA ALA F 229 -42.35 16.34 -8.60
C ALA F 229 -42.70 17.72 -8.03
N GLN F 230 -43.97 18.12 -8.13
CA GLN F 230 -44.38 19.41 -7.60
C GLN F 230 -44.31 19.45 -6.09
N ARG F 231 -44.88 18.44 -5.43
CA ARG F 231 -44.86 18.41 -3.96
C ARG F 231 -43.44 18.42 -3.43
N THR F 232 -42.53 17.67 -4.08
CA THR F 232 -41.14 17.68 -3.65
C THR F 232 -40.57 19.10 -3.70
N ILE F 233 -40.85 19.84 -4.77
CA ILE F 233 -40.36 21.22 -4.87
C ILE F 233 -40.98 22.10 -3.80
N GLY F 234 -42.20 21.77 -3.36
CA GLY F 234 -42.88 22.57 -2.37
C GLY F 234 -43.03 21.89 -1.03
N SER F 235 -42.09 21.00 -0.70
CA SER F 235 -42.12 20.34 0.60
C SER F 235 -41.59 21.25 1.70
N GLY F 236 -40.64 22.13 1.39
CA GLY F 236 -40.17 23.08 2.39
C GLY F 236 -41.28 23.96 2.93
N MET F 237 -42.02 24.61 2.03
CA MET F 237 -43.13 25.45 2.47
C MET F 237 -44.28 24.60 3.02
N GLU F 238 -44.41 23.36 2.55
CA GLU F 238 -45.47 22.50 3.05
C GLU F 238 -45.32 22.25 4.55
N LEU F 239 -44.09 22.03 5.01
CA LEU F 239 -43.86 21.75 6.42
C LEU F 239 -43.82 23.03 7.25
N VAL F 240 -43.47 24.17 6.64
CA VAL F 240 -43.55 25.44 7.36
C VAL F 240 -45.00 25.74 7.74
N GLN F 241 -45.91 25.62 6.77
CA GLN F 241 -47.32 25.83 7.05
C GLN F 241 -47.88 24.80 8.04
N LEU F 242 -47.26 23.63 8.13
CA LEU F 242 -47.73 22.61 9.07
C LEU F 242 -47.21 22.88 10.47
N TYR F 243 -45.89 23.02 10.62
CA TYR F 243 -45.32 23.34 11.92
C TYR F 243 -45.92 24.63 12.48
N GLY F 244 -45.86 25.70 11.70
CA GLY F 244 -46.34 26.99 12.15
C GLY F 244 -45.28 27.76 12.91
N ASN F 245 -44.55 27.08 13.79
CA ASN F 245 -43.49 27.73 14.57
C ASN F 245 -42.17 27.80 13.82
N GLY F 246 -41.98 26.97 12.80
CA GLY F 246 -40.73 26.96 12.06
C GLY F 246 -40.78 26.07 10.84
N SER F 247 -39.62 25.53 10.45
CA SER F 247 -39.49 24.68 9.28
C SER F 247 -39.01 23.30 9.69
N ALA F 248 -38.81 22.43 8.70
CA ALA F 248 -38.37 21.07 8.95
C ALA F 248 -37.00 21.06 9.61
N TYR F 249 -36.77 20.05 10.46
CA TYR F 249 -35.48 19.92 11.12
C TYR F 249 -35.12 18.47 11.39
N PHE F 250 -36.10 17.57 11.39
CA PHE F 250 -35.79 16.15 11.58
C PHE F 250 -35.07 15.57 10.37
N ALA F 251 -35.60 15.82 9.17
CA ALA F 251 -34.96 15.28 7.97
C ALA F 251 -33.65 15.99 7.65
N PRO F 252 -33.57 17.32 7.68
CA PRO F 252 -32.25 17.95 7.43
C PRO F 252 -31.16 17.46 8.35
N ALA F 253 -31.45 17.34 9.65
CA ALA F 253 -30.45 16.84 10.60
C ALA F 253 -29.98 15.44 10.22
N THR F 254 -30.93 14.55 9.93
CA THR F 254 -30.58 13.19 9.52
C THR F 254 -29.76 13.20 8.23
N ALA F 255 -30.02 14.18 7.35
CA ALA F 255 -29.30 14.24 6.09
C ALA F 255 -27.84 14.63 6.31
N ALA F 256 -27.60 15.69 7.08
CA ALA F 256 -26.24 16.16 7.28
C ALA F 256 -25.39 15.12 8.01
N ILE F 257 -25.96 14.47 9.03
CA ILE F 257 -25.22 13.45 9.76
C ILE F 257 -24.84 12.29 8.85
N GLU F 258 -25.74 11.91 7.96
CA GLU F 258 -25.42 10.87 6.98
C GLU F 258 -24.26 11.30 6.09
N MET F 259 -24.16 12.59 5.78
CA MET F 259 -23.03 13.08 5.00
C MET F 259 -21.76 13.12 5.85
N ALA F 260 -21.86 13.59 7.09
CA ALA F 260 -20.71 13.58 7.99
C ALA F 260 -20.24 12.15 8.25
N SER F 261 -21.17 11.20 8.33
CA SER F 261 -20.79 9.82 8.56
C SER F 261 -20.09 9.22 7.34
N ALA F 262 -20.57 9.58 6.14
CA ALA F 262 -19.89 9.13 4.92
C ALA F 262 -18.47 9.65 4.84
N TYR F 263 -18.21 10.82 5.43
CA TYR F 263 -16.86 11.38 5.44
C TYR F 263 -16.01 10.75 6.55
N LEU F 264 -16.49 10.80 7.79
CA LEU F 264 -15.71 10.28 8.91
C LEU F 264 -15.43 8.79 8.76
N ASN F 265 -16.34 8.04 8.17
CA ASN F 265 -16.17 6.61 7.96
C ASN F 265 -15.74 6.26 6.54
N ASP F 266 -15.57 7.27 5.68
CA ASP F 266 -15.02 7.05 4.34
C ASP F 266 -15.80 5.96 3.61
N LYS F 267 -17.14 6.05 3.68
CA LYS F 267 -17.98 4.99 3.15
C LYS F 267 -18.03 4.98 1.63
N LYS F 268 -17.63 6.07 0.97
CA LYS F 268 -17.71 6.17 -0.49
C LYS F 268 -19.17 6.10 -0.94
N SER F 269 -20.02 6.87 -0.27
CA SER F 269 -21.46 6.85 -0.52
C SER F 269 -21.83 7.79 -1.65
N VAL F 270 -22.81 7.38 -2.45
CA VAL F 270 -23.31 8.21 -3.54
C VAL F 270 -24.42 9.09 -2.97
N ILE F 271 -24.18 10.40 -2.94
CA ILE F 271 -25.10 11.35 -2.31
C ILE F 271 -25.26 12.55 -3.22
N VAL F 272 -26.49 13.02 -3.35
CA VAL F 272 -26.81 14.20 -4.15
C VAL F 272 -26.70 15.42 -3.23
N CYS F 273 -25.66 16.23 -3.46
CA CYS F 273 -25.41 17.41 -2.64
C CYS F 273 -24.89 18.53 -3.52
N SER F 274 -24.83 19.73 -2.95
CA SER F 274 -24.37 20.90 -3.68
C SER F 274 -22.84 20.90 -3.75
N CYS F 275 -22.31 20.83 -4.96
CA CYS F 275 -20.86 20.78 -5.18
C CYS F 275 -20.42 21.96 -6.04
N TYR F 276 -19.19 22.39 -5.81
CA TYR F 276 -18.60 23.47 -6.61
C TYR F 276 -18.21 22.91 -7.98
N LEU F 277 -18.84 23.44 -9.03
CA LEU F 277 -18.60 22.96 -10.38
C LEU F 277 -17.54 23.82 -11.06
N GLU F 278 -16.72 23.17 -11.89
CA GLU F 278 -15.67 23.83 -12.65
C GLU F 278 -15.59 23.14 -14.02
N GLY F 279 -16.63 23.33 -14.83
CA GLY F 279 -16.76 22.68 -16.13
C GLY F 279 -17.86 21.64 -16.17
N GLU F 280 -18.15 21.00 -15.05
CA GLU F 280 -19.22 20.01 -15.01
C GLU F 280 -20.55 20.65 -15.41
N TYR F 281 -21.23 20.00 -16.35
CA TYR F 281 -22.52 20.45 -16.87
C TYR F 281 -22.42 21.73 -17.69
N GLY F 282 -21.20 22.23 -17.93
CA GLY F 282 -21.02 23.45 -18.67
C GLY F 282 -21.02 24.71 -17.83
N HIS F 283 -20.95 24.59 -16.51
CA HIS F 283 -20.94 25.73 -15.61
C HIS F 283 -19.65 25.74 -14.80
N SER F 284 -19.30 26.93 -14.32
CA SER F 284 -18.09 27.11 -13.52
C SER F 284 -18.34 28.19 -12.48
N ASP F 285 -17.57 28.12 -11.39
CA ASP F 285 -17.68 29.09 -10.31
C ASP F 285 -19.12 29.17 -9.78
N VAL F 286 -19.74 28.01 -9.59
CA VAL F 286 -21.11 27.94 -9.09
C VAL F 286 -21.28 26.63 -8.33
N TYR F 287 -22.11 26.69 -7.28
CA TYR F 287 -22.52 25.50 -6.55
C TYR F 287 -23.85 25.00 -7.09
N LEU F 288 -23.98 23.68 -7.19
CA LEU F 288 -25.17 23.09 -7.79
C LEU F 288 -25.32 21.66 -7.30
N GLY F 289 -26.57 21.21 -7.18
CA GLY F 289 -26.86 19.89 -6.66
C GLY F 289 -26.70 18.79 -7.68
N THR F 290 -25.76 17.88 -7.43
CA THR F 290 -25.50 16.75 -8.32
C THR F 290 -25.08 15.56 -7.47
N PRO F 291 -25.26 14.34 -7.97
CA PRO F 291 -24.76 13.17 -7.26
C PRO F 291 -23.24 13.16 -7.22
N ALA F 292 -22.70 12.73 -6.08
CA ALA F 292 -21.25 12.69 -5.90
C ALA F 292 -20.91 11.51 -5.01
N ILE F 293 -19.61 11.27 -4.84
CA ILE F 293 -19.10 10.21 -3.98
C ILE F 293 -18.43 10.88 -2.79
N ILE F 294 -18.92 10.59 -1.59
CA ILE F 294 -18.43 11.22 -0.37
C ILE F 294 -17.57 10.20 0.38
N GLY F 295 -16.39 10.63 0.79
CA GLY F 295 -15.45 9.77 1.48
C GLY F 295 -14.45 10.57 2.28
N ALA F 296 -13.27 10.00 2.48
CA ALA F 296 -12.27 10.62 3.34
C ALA F 296 -11.87 12.00 2.82
N ASN F 297 -11.83 12.18 1.49
CA ASN F 297 -11.49 13.47 0.90
C ASN F 297 -12.72 14.36 0.71
N GLY F 298 -13.77 14.14 1.49
CA GLY F 298 -15.02 14.86 1.27
C GLY F 298 -15.63 14.47 -0.07
N ILE F 299 -15.69 15.42 -1.00
CA ILE F 299 -16.23 15.11 -2.32
C ILE F 299 -15.17 14.37 -3.13
N GLU F 300 -15.15 13.04 -3.01
CA GLU F 300 -14.22 12.22 -3.77
C GLU F 300 -14.29 12.56 -5.26
N LYS F 301 -15.49 12.52 -5.83
CA LYS F 301 -15.68 12.80 -7.24
C LYS F 301 -17.10 13.31 -7.45
N ILE F 302 -17.28 14.08 -8.51
CA ILE F 302 -18.61 14.53 -8.94
C ILE F 302 -19.07 13.59 -10.04
N ILE F 303 -20.36 13.25 -10.02
CA ILE F 303 -20.97 12.40 -11.04
C ILE F 303 -21.78 13.31 -11.95
N THR F 304 -21.33 13.46 -13.20
CA THR F 304 -22.05 14.24 -14.19
C THR F 304 -23.09 13.34 -14.85
N LEU F 305 -24.36 13.58 -14.52
CA LEU F 305 -25.44 12.80 -15.11
C LEU F 305 -25.56 13.10 -16.60
N LYS F 306 -26.12 12.15 -17.34
CA LYS F 306 -26.41 12.32 -18.75
C LYS F 306 -27.82 12.89 -18.87
N LEU F 307 -27.92 14.20 -19.02
CA LEU F 307 -29.21 14.87 -19.06
C LEU F 307 -29.68 15.06 -20.49
N SER F 308 -31.01 15.08 -20.66
CA SER F 308 -31.59 15.42 -21.94
C SER F 308 -31.50 16.94 -22.16
N SER F 309 -31.72 17.34 -23.40
CA SER F 309 -31.64 18.76 -23.74
C SER F 309 -32.58 19.58 -22.86
N GLU F 310 -33.77 19.06 -22.57
CA GLU F 310 -34.71 19.79 -21.73
C GLU F 310 -34.25 19.81 -20.28
N GLU F 311 -33.63 18.72 -19.82
CA GLU F 311 -33.13 18.68 -18.44
C GLU F 311 -31.94 19.62 -18.27
N GLN F 312 -31.08 19.72 -19.28
CA GLN F 312 -29.98 20.67 -19.22
C GLN F 312 -30.49 22.10 -19.15
N ALA F 313 -31.57 22.40 -19.88
CA ALA F 313 -32.15 23.73 -19.83
C ALA F 313 -32.73 24.01 -18.45
N LYS F 314 -33.48 23.05 -17.90
CA LYS F 314 -33.97 23.19 -16.52
C LYS F 314 -32.82 23.48 -15.57
N LEU F 315 -31.67 22.82 -15.77
CA LEU F 315 -30.53 23.05 -14.92
C LEU F 315 -29.90 24.41 -15.20
N ASP F 316 -29.83 24.81 -16.47
CA ASP F 316 -29.33 26.15 -16.79
C ASP F 316 -30.18 27.22 -16.12
N ALA F 317 -31.50 27.09 -16.18
CA ALA F 317 -32.38 28.06 -15.54
C ALA F 317 -32.12 28.15 -14.04
N SER F 318 -31.76 27.03 -13.41
CA SER F 318 -31.45 27.05 -11.99
C SER F 318 -30.15 27.79 -11.72
N VAL F 319 -29.11 27.53 -12.54
CA VAL F 319 -27.84 28.23 -12.37
C VAL F 319 -28.04 29.74 -12.51
N LYS F 320 -29.04 30.17 -13.28
CA LYS F 320 -29.30 31.60 -13.42
C LYS F 320 -29.59 32.24 -12.07
N GLU F 321 -30.60 31.73 -11.37
CA GLU F 321 -30.98 32.31 -10.09
C GLU F 321 -30.10 31.77 -8.96
N ILE F 322 -28.79 31.84 -9.14
CA ILE F 322 -27.84 31.48 -8.10
C ILE F 322 -26.72 32.52 -8.12
N ALA G 12 -50.13 -13.87 11.56
CA ALA G 12 -50.18 -13.24 12.87
C ALA G 12 -49.27 -12.01 12.92
N VAL G 13 -48.11 -12.12 12.26
CA VAL G 13 -47.07 -11.09 12.31
C VAL G 13 -47.67 -9.74 11.92
N ARG G 14 -47.12 -8.67 12.48
CA ARG G 14 -47.72 -7.34 12.37
C ARG G 14 -46.72 -6.31 12.89
N ARG G 15 -46.87 -5.08 12.40
CA ARG G 15 -46.05 -3.99 12.90
C ARG G 15 -46.51 -3.59 14.30
N ASN G 16 -45.55 -3.28 15.17
CA ASN G 16 -45.88 -2.65 16.43
C ASN G 16 -46.60 -1.33 16.19
N LYS G 17 -47.45 -0.93 17.14
CA LYS G 17 -48.16 0.33 17.06
C LYS G 17 -47.91 1.11 18.34
N ILE G 18 -47.41 2.34 18.19
CA ILE G 18 -47.11 3.22 19.31
C ILE G 18 -47.81 4.54 19.06
N SER G 19 -48.78 4.86 19.90
CA SER G 19 -49.44 6.16 19.87
C SER G 19 -48.78 7.05 20.91
N LEU G 20 -48.35 8.23 20.46
CA LEU G 20 -47.69 9.21 21.33
C LEU G 20 -48.70 10.33 21.58
N ILE G 21 -49.48 10.19 22.66
CA ILE G 21 -50.46 11.19 23.03
C ILE G 21 -49.71 12.44 23.46
N GLY G 22 -49.52 13.36 22.53
CA GLY G 22 -48.71 14.55 22.76
C GLY G 22 -47.57 14.63 21.77
N ALA G 23 -47.66 15.59 20.84
CA ALA G 23 -46.67 15.74 19.79
C ALA G 23 -45.72 16.91 20.04
N GLY G 24 -45.55 17.30 21.32
CA GLY G 24 -44.63 18.36 21.65
C GLY G 24 -43.19 17.98 21.43
N ASN G 25 -42.28 18.61 22.16
CA ASN G 25 -40.85 18.33 21.98
C ASN G 25 -40.52 16.88 22.32
N ILE G 26 -41.03 16.41 23.46
CA ILE G 26 -40.76 15.02 23.86
C ILE G 26 -41.33 14.06 22.83
N GLY G 27 -42.58 14.25 22.45
CA GLY G 27 -43.21 13.35 21.49
C GLY G 27 -42.49 13.30 20.17
N GLY G 28 -41.98 14.44 19.70
CA GLY G 28 -41.29 14.47 18.42
C GLY G 28 -40.03 13.63 18.41
N VAL G 29 -39.25 13.70 19.50
CA VAL G 29 -38.01 12.93 19.57
C VAL G 29 -38.30 11.44 19.72
N MET G 30 -39.34 11.11 20.48
CA MET G 30 -39.71 9.70 20.65
C MET G 30 -40.04 9.06 19.30
N ALA G 31 -40.94 9.69 18.54
CA ALA G 31 -41.25 9.20 17.20
C ALA G 31 -40.00 9.12 16.35
N TYR G 32 -39.17 10.16 16.39
CA TYR G 32 -37.95 10.19 15.60
C TYR G 32 -37.05 9.01 15.94
N LEU G 33 -36.93 8.68 17.23
CA LEU G 33 -36.08 7.58 17.65
C LEU G 33 -36.70 6.23 17.28
N ALA G 34 -38.02 6.11 17.42
CA ALA G 34 -38.68 4.83 17.14
C ALA G 34 -38.62 4.49 15.66
N GLN G 35 -38.63 5.49 14.78
CA GLN G 35 -38.58 5.23 13.35
C GLN G 35 -37.19 4.80 12.89
N LEU G 36 -36.15 5.54 13.31
CA LEU G 36 -34.80 5.19 12.90
C LEU G 36 -34.38 3.83 13.43
N LYS G 37 -35.03 3.33 14.48
CA LYS G 37 -34.78 1.99 14.99
C LYS G 37 -35.75 0.96 14.45
N GLU G 38 -36.66 1.37 13.55
CA GLU G 38 -37.68 0.48 13.01
C GLU G 38 -38.37 -0.28 14.15
N LEU G 39 -38.71 0.47 15.19
CA LEU G 39 -39.36 -0.08 16.37
C LEU G 39 -40.87 -0.20 16.21
N GLY G 40 -41.44 0.32 15.12
CA GLY G 40 -42.85 0.18 14.84
C GLY G 40 -43.47 1.45 14.29
N ASP G 41 -44.68 1.36 13.75
CA ASP G 41 -45.40 2.54 13.32
C ASP G 41 -45.66 3.45 14.51
N VAL G 42 -45.87 4.73 14.22
CA VAL G 42 -46.08 5.74 15.25
C VAL G 42 -47.30 6.58 14.89
N VAL G 43 -48.06 6.95 15.92
CA VAL G 43 -49.17 7.88 15.79
C VAL G 43 -48.88 9.07 16.67
N LEU G 44 -48.76 10.26 16.08
CA LEU G 44 -48.48 11.49 16.81
C LEU G 44 -49.79 12.23 17.03
N PHE G 45 -50.38 12.03 18.20
CA PHE G 45 -51.63 12.68 18.56
C PHE G 45 -51.34 14.01 19.26
N ASP G 46 -52.16 15.01 18.94
CA ASP G 46 -52.06 16.32 19.59
C ASP G 46 -53.22 17.21 19.16
N ILE G 47 -53.90 17.83 20.12
CA ILE G 47 -54.98 18.76 19.79
C ILE G 47 -54.44 19.93 18.96
N ALA G 48 -53.19 20.28 19.15
CA ALA G 48 -52.58 21.36 18.40
C ALA G 48 -52.74 21.10 16.90
N PRO G 49 -53.43 21.97 16.15
CA PRO G 49 -53.63 21.70 14.72
C PRO G 49 -52.30 21.52 13.99
N LYS G 50 -52.19 20.41 13.27
CA LYS G 50 -51.10 20.19 12.32
C LYS G 50 -49.77 19.91 13.02
N LEU G 51 -49.72 20.05 14.35
CA LEU G 51 -48.46 19.82 15.06
C LEU G 51 -47.99 18.39 14.87
N GLY G 52 -48.89 17.42 14.98
CA GLY G 52 -48.51 16.03 14.76
C GLY G 52 -48.17 15.75 13.31
N GLU G 53 -49.06 16.17 12.40
CA GLU G 53 -48.83 15.92 10.97
C GLU G 53 -47.50 16.50 10.51
N ALA G 54 -47.07 17.61 11.12
CA ALA G 54 -45.81 18.22 10.73
C ALA G 54 -44.64 17.30 11.06
N LYS G 55 -44.59 16.77 12.29
CA LYS G 55 -43.45 15.96 12.69
C LYS G 55 -43.48 14.58 12.03
N ALA G 56 -44.68 14.05 11.77
CA ALA G 56 -44.78 12.78 11.06
C ALA G 56 -44.26 12.91 9.63
N LEU G 57 -44.76 13.91 8.89
CA LEU G 57 -44.30 14.12 7.53
C LEU G 57 -42.79 14.37 7.49
N ASP G 58 -42.29 15.18 8.42
CA ASP G 58 -40.85 15.47 8.45
C ASP G 58 -40.04 14.23 8.79
N ILE G 59 -40.55 13.41 9.72
CA ILE G 59 -39.83 12.19 10.09
C ILE G 59 -39.92 11.14 8.98
N MET G 60 -41.03 11.13 8.23
CA MET G 60 -41.12 10.22 7.09
C MET G 60 -40.05 10.55 6.05
N HIS G 61 -39.79 11.83 5.83
CA HIS G 61 -38.67 12.22 4.98
C HIS G 61 -37.36 11.70 5.55
N ALA G 62 -37.23 11.67 6.88
CA ALA G 62 -36.01 11.15 7.49
C ALA G 62 -35.88 9.65 7.36
N ASN G 63 -36.99 8.93 7.18
CA ASN G 63 -36.90 7.50 6.97
C ASN G 63 -36.35 7.19 5.57
N ALA G 64 -36.82 7.93 4.56
CA ALA G 64 -36.27 7.76 3.22
C ALA G 64 -34.77 8.02 3.19
N ILE G 65 -34.29 8.95 4.02
CA ILE G 65 -32.86 9.20 4.10
C ILE G 65 -32.16 8.05 4.80
N TYR G 66 -32.76 7.51 5.85
CA TYR G 66 -32.12 6.52 6.70
C TYR G 66 -32.46 5.09 6.29
N ASP G 67 -33.26 4.91 5.25
CA ASP G 67 -33.57 3.58 4.72
C ASP G 67 -34.39 2.75 5.72
N THR G 68 -35.27 3.42 6.47
CA THR G 68 -36.14 2.76 7.43
C THR G 68 -37.55 2.63 6.85
N ALA G 69 -38.22 1.55 7.23
CA ALA G 69 -39.43 1.10 6.53
C ALA G 69 -40.74 1.50 7.21
N HIS G 70 -40.70 1.91 8.48
CA HIS G 70 -41.92 2.11 9.23
C HIS G 70 -42.49 3.51 9.00
N LYS G 71 -43.74 3.69 9.43
CA LYS G 71 -44.54 4.85 9.06
C LYS G 71 -44.88 5.67 10.30
N ALA G 72 -44.92 6.99 10.13
CA ALA G 72 -45.35 7.90 11.17
C ALA G 72 -46.60 8.64 10.71
N ILE G 73 -47.53 8.86 11.64
CA ILE G 73 -48.83 9.45 11.34
C ILE G 73 -49.13 10.50 12.39
N GLY G 74 -49.50 11.70 11.94
CA GLY G 74 -49.98 12.75 12.82
C GLY G 74 -51.50 12.79 12.79
N THR G 75 -52.09 13.26 13.89
CA THR G 75 -53.54 13.25 14.00
C THR G 75 -53.97 14.01 15.24
N ALA G 76 -55.22 14.45 15.23
CA ALA G 76 -55.88 15.03 16.40
C ALA G 76 -57.15 14.27 16.75
N ASN G 77 -57.25 13.02 16.31
CA ASN G 77 -58.44 12.20 16.50
C ASN G 77 -58.04 10.88 17.12
N TYR G 78 -58.73 10.50 18.21
CA TYR G 78 -58.35 9.30 18.95
C TYR G 78 -58.64 8.01 18.20
N GLU G 79 -59.44 8.04 17.13
CA GLU G 79 -59.70 6.83 16.38
C GLU G 79 -58.42 6.22 15.82
N ASP G 80 -57.45 7.08 15.47
CA ASP G 80 -56.18 6.62 14.94
C ASP G 80 -55.27 5.99 16.01
N ILE G 81 -55.74 5.93 17.25
CA ILE G 81 -55.00 5.26 18.33
C ILE G 81 -55.43 3.81 18.49
N ALA G 82 -56.50 3.40 17.82
CA ALA G 82 -57.08 2.09 18.06
C ALA G 82 -56.05 0.98 17.87
N ASP G 83 -56.13 -0.03 18.74
CA ASP G 83 -55.29 -1.23 18.63
C ASP G 83 -53.81 -0.91 18.80
N SER G 84 -53.50 0.11 19.59
CA SER G 84 -52.12 0.44 19.89
C SER G 84 -51.56 -0.50 20.93
N ASP G 85 -50.29 -0.87 20.77
CA ASP G 85 -49.60 -1.68 21.76
C ASP G 85 -49.01 -0.85 22.89
N VAL G 86 -48.60 0.38 22.58
CA VAL G 86 -48.01 1.28 23.56
C VAL G 86 -48.62 2.66 23.38
N CYS G 87 -48.95 3.31 24.50
CA CYS G 87 -49.42 4.69 24.51
C CYS G 87 -48.55 5.48 25.47
N ILE G 88 -47.90 6.52 24.95
CA ILE G 88 -47.03 7.38 25.77
C ILE G 88 -47.70 8.75 25.86
N ILE G 89 -47.79 9.28 27.09
CA ILE G 89 -48.57 10.47 27.37
C ILE G 89 -47.61 11.60 27.77
N THR G 90 -47.66 12.70 27.03
CA THR G 90 -46.95 13.92 27.39
C THR G 90 -47.86 15.13 27.43
N ALA G 91 -49.13 14.99 27.07
CA ALA G 91 -50.06 16.12 27.09
C ALA G 91 -50.31 16.58 28.51
N GLY G 92 -50.85 17.78 28.64
CA GLY G 92 -51.15 18.38 29.92
C GLY G 92 -50.87 19.86 29.96
N ALA G 111 -54.24 19.52 39.11
CA ALA G 111 -55.68 19.32 39.09
C ALA G 111 -56.26 19.49 37.68
N PRO G 112 -55.80 20.51 36.94
CA PRO G 112 -56.25 20.63 35.54
C PRO G 112 -55.75 19.50 34.66
N ASN G 113 -54.54 18.98 34.91
CA ASN G 113 -53.99 17.90 34.10
C ASN G 113 -54.66 16.57 34.42
N SER G 114 -54.99 16.34 35.69
CA SER G 114 -55.69 15.11 36.06
C SER G 114 -56.96 14.94 35.23
N LYS G 115 -57.66 16.04 34.97
CA LYS G 115 -58.84 15.99 34.11
C LYS G 115 -58.46 15.57 32.70
N ILE G 116 -57.33 16.05 32.19
CA ILE G 116 -56.84 15.61 30.89
C ILE G 116 -56.50 14.13 30.94
N MET G 117 -55.83 13.69 32.01
CA MET G 117 -55.47 12.28 32.14
C MET G 117 -56.69 11.39 32.02
N PHE G 118 -57.82 11.83 32.58
CA PHE G 118 -59.05 11.03 32.47
C PHE G 118 -59.53 10.95 31.03
N THR G 119 -59.48 12.07 30.30
CA THR G 119 -59.83 12.05 28.89
C THR G 119 -58.96 11.06 28.12
N ILE G 120 -57.64 11.15 28.30
CA ILE G 120 -56.72 10.26 27.61
C ILE G 120 -57.02 8.81 27.97
N GLY G 121 -57.06 8.51 29.27
CA GLY G 121 -57.33 7.15 29.69
C GLY G 121 -58.66 6.62 29.21
N ASP G 122 -59.67 7.49 29.11
CA ASP G 122 -60.98 7.05 28.65
C ASP G 122 -60.93 6.67 27.17
N ASN G 123 -60.17 7.41 26.37
CA ASN G 123 -60.04 7.07 24.95
C ASN G 123 -59.15 5.85 24.74
N ILE G 124 -58.09 5.71 25.55
CA ILE G 124 -57.27 4.51 25.47
C ILE G 124 -58.09 3.28 25.83
N LYS G 125 -58.91 3.39 26.87
CA LYS G 125 -59.76 2.26 27.28
C LYS G 125 -60.68 1.84 26.15
N LYS G 126 -61.18 2.81 25.37
CA LYS G 126 -62.10 2.49 24.29
C LYS G 126 -61.37 1.96 23.06
N TYR G 127 -60.34 2.67 22.60
CA TYR G 127 -59.71 2.36 21.33
C TYR G 127 -58.53 1.41 21.44
N ALA G 128 -57.77 1.45 22.53
CA ALA G 128 -56.58 0.62 22.71
C ALA G 128 -56.68 -0.13 24.04
N PRO G 129 -57.53 -1.18 24.10
CA PRO G 129 -57.75 -1.86 25.38
C PRO G 129 -56.55 -2.64 25.89
N ASN G 130 -55.58 -2.96 25.03
CA ASN G 130 -54.45 -3.79 25.40
C ASN G 130 -53.13 -3.02 25.37
N ALA G 131 -53.18 -1.70 25.46
CA ALA G 131 -51.99 -0.88 25.29
C ALA G 131 -51.20 -0.79 26.60
N PHE G 132 -49.87 -0.88 26.46
CA PHE G 132 -48.99 -0.63 27.58
C PHE G 132 -48.82 0.89 27.72
N VAL G 133 -49.26 1.44 28.84
CA VAL G 133 -49.31 2.88 29.03
C VAL G 133 -48.05 3.32 29.77
N ILE G 134 -47.35 4.29 29.18
CA ILE G 134 -46.20 4.93 29.81
C ILE G 134 -46.52 6.41 29.93
N CYS G 135 -46.50 6.92 31.15
CA CYS G 135 -46.85 8.31 31.42
C CYS G 135 -45.58 9.12 31.68
N ILE G 136 -45.59 10.38 31.23
CA ILE G 136 -44.46 11.27 31.42
C ILE G 136 -44.94 12.57 32.05
N THR G 137 -46.17 12.96 31.75
CA THR G 137 -46.73 14.19 32.30
C THR G 137 -46.55 14.24 33.81
N ASN G 138 -46.23 15.45 34.32
CA ASN G 138 -45.96 15.62 35.74
C ASN G 138 -47.15 16.29 36.43
N PRO G 139 -47.33 16.08 37.75
CA PRO G 139 -46.51 15.21 38.61
C PRO G 139 -46.73 13.73 38.32
N LEU G 140 -45.65 13.05 37.91
CA LEU G 140 -45.72 11.67 37.42
C LEU G 140 -46.57 10.79 38.33
N ASP G 141 -46.06 10.48 39.51
CA ASP G 141 -46.69 9.50 40.40
C ASP G 141 -48.19 9.73 40.53
N VAL G 142 -48.65 10.96 40.34
CA VAL G 142 -50.08 11.26 40.41
C VAL G 142 -50.75 11.05 39.06
N MET G 143 -50.13 11.55 37.99
CA MET G 143 -50.73 11.45 36.66
C MET G 143 -50.85 9.99 36.21
N VAL G 144 -49.93 9.12 36.64
CA VAL G 144 -50.06 7.71 36.31
C VAL G 144 -51.28 7.12 36.99
N LYS G 145 -51.50 7.48 38.26
CA LYS G 145 -52.66 6.97 39.00
C LYS G 145 -53.96 7.40 38.33
N MET G 146 -54.02 8.64 37.84
CA MET G 146 -55.20 9.09 37.10
C MET G 146 -55.39 8.28 35.83
N LEU G 147 -54.29 8.01 35.12
CA LEU G 147 -54.37 7.17 33.93
C LEU G 147 -54.80 5.74 34.29
N LEU G 148 -54.33 5.24 35.43
CA LEU G 148 -54.74 3.90 35.86
C LEU G 148 -56.23 3.86 36.19
N LYS G 149 -56.73 4.89 36.89
CA LYS G 149 -58.15 4.93 37.22
C LYS G 149 -59.01 5.06 35.99
N ALA G 150 -58.54 5.83 34.99
CA ALA G 150 -59.35 6.08 33.80
C ALA G 150 -59.36 4.89 32.86
N THR G 151 -58.22 4.22 32.68
CA THR G 151 -58.14 3.11 31.75
C THR G 151 -58.73 1.83 32.33
N GLY G 152 -58.69 1.67 33.65
CA GLY G 152 -59.13 0.44 34.27
C GLY G 152 -58.25 -0.76 34.00
N PHE G 153 -57.04 -0.55 33.49
CA PHE G 153 -56.15 -1.64 33.17
C PHE G 153 -55.56 -2.23 34.45
N PRO G 154 -54.93 -3.41 34.37
CA PRO G 154 -54.21 -3.93 35.52
C PRO G 154 -52.97 -3.10 35.81
N LYS G 155 -52.46 -3.27 37.04
CA LYS G 155 -51.26 -2.55 37.45
C LYS G 155 -50.15 -2.71 36.43
N ASN G 156 -49.95 -3.93 35.92
CA ASN G 156 -48.81 -4.25 35.08
C ASN G 156 -48.88 -3.59 33.70
N LYS G 157 -49.96 -2.90 33.36
CA LYS G 157 -50.11 -2.29 32.04
C LYS G 157 -50.00 -0.77 32.06
N VAL G 158 -49.76 -0.17 33.22
CA VAL G 158 -49.64 1.28 33.34
C VAL G 158 -48.41 1.57 34.19
N VAL G 159 -47.49 2.37 33.63
CA VAL G 159 -46.23 2.68 34.29
C VAL G 159 -45.89 4.14 34.01
N GLY G 160 -45.09 4.72 34.90
CA GLY G 160 -44.62 6.09 34.76
C GLY G 160 -43.12 6.12 34.54
N MET G 161 -42.70 6.88 33.52
CA MET G 161 -41.30 7.07 33.24
C MET G 161 -40.70 8.11 34.18
N GLY G 163 -37.81 8.27 36.35
CA GLY G 163 -37.34 6.98 36.82
C GLY G 163 -36.05 6.57 36.12
N LEU G 164 -36.18 6.09 34.88
CA LEU G 164 -35.00 5.84 34.07
C LEU G 164 -34.27 7.14 33.76
N LEU G 165 -34.98 8.26 33.77
CA LEU G 165 -34.35 9.56 33.55
C LEU G 165 -33.52 9.97 34.77
N ASP G 166 -34.13 9.90 35.96
CA ASP G 166 -33.42 10.33 37.17
C ASP G 166 -32.21 9.44 37.46
N SER G 167 -32.35 8.12 37.29
CA SER G 167 -31.24 7.23 37.54
C SER G 167 -30.11 7.46 36.54
N SER G 168 -30.46 7.66 35.26
CA SER G 168 -29.43 7.86 34.24
C SER G 168 -28.70 9.18 34.46
N ARG G 169 -29.43 10.24 34.81
CA ARG G 169 -28.79 11.51 35.15
C ARG G 169 -27.74 11.31 36.24
N MET G 170 -28.08 10.55 37.27
CA MET G 170 -27.14 10.28 38.35
C MET G 170 -25.92 9.54 37.85
N CYS G 171 -26.11 8.57 36.95
CA CYS G 171 -24.98 7.78 36.45
C CYS G 171 -24.11 8.58 35.49
N HIS G 172 -24.70 9.55 34.77
CA HIS G 172 -23.90 10.39 33.89
C HIS G 172 -22.91 11.22 34.69
N TYR G 173 -23.38 11.88 35.75
CA TYR G 173 -22.52 12.74 36.55
C TYR G 173 -21.34 11.96 37.12
N ILE G 174 -21.62 10.80 37.72
CA ILE G 174 -20.54 9.95 38.22
C ILE G 174 -19.62 9.54 37.08
N ALA G 175 -20.20 9.03 35.98
CA ALA G 175 -19.39 8.64 34.84
C ALA G 175 -18.60 9.80 34.27
N ASP G 176 -19.10 11.03 34.43
CA ASP G 176 -18.40 12.20 33.90
C ASP G 176 -17.13 12.48 34.70
N LYS G 177 -17.19 12.38 36.02
CA LYS G 177 -16.02 12.64 36.84
C LYS G 177 -15.01 11.49 36.75
N LEU G 178 -15.50 10.25 36.69
CA LEU G 178 -14.63 9.09 36.53
C LEU G 178 -14.07 8.95 35.12
N ASN G 179 -14.62 9.66 34.14
CA ASN G 179 -14.23 9.51 32.75
C ASN G 179 -14.33 8.04 32.33
N VAL G 180 -15.57 7.55 32.35
CA VAL G 180 -15.86 6.15 32.10
C VAL G 180 -17.12 6.07 31.26
N ASN G 181 -17.16 5.09 30.36
CA ASN G 181 -18.34 4.85 29.54
C ASN G 181 -19.56 4.68 30.44
N PRO G 182 -20.61 5.49 30.30
CA PRO G 182 -21.76 5.34 31.20
C PRO G 182 -22.44 3.98 31.12
N ARG G 183 -22.23 3.22 30.06
CA ARG G 183 -22.87 1.90 29.97
C ARG G 183 -22.59 1.05 31.19
N TYR G 184 -21.41 1.19 31.80
CA TYR G 184 -20.99 0.35 32.90
C TYR G 184 -21.26 0.96 34.26
N VAL G 185 -21.93 2.11 34.32
CA VAL G 185 -22.30 2.75 35.58
C VAL G 185 -23.79 2.51 35.77
N HIS G 186 -24.15 1.71 36.76
CA HIS G 186 -25.53 1.39 37.08
C HIS G 186 -25.89 1.97 38.44
N GLY G 187 -27.11 2.47 38.56
CA GLY G 187 -27.58 3.04 39.81
C GLY G 187 -29.06 3.31 39.74
N SER G 188 -29.65 3.53 40.92
CA SER G 188 -31.07 3.76 41.05
C SER G 188 -31.32 5.10 41.71
N CYS G 189 -32.30 5.84 41.18
CA CYS G 189 -32.85 7.01 41.85
C CYS G 189 -34.31 6.70 42.15
N ILE G 190 -34.63 6.63 43.45
CA ILE G 190 -35.88 6.06 43.91
C ILE G 190 -36.73 7.15 44.56
N GLY G 191 -38.05 6.91 44.58
CA GLY G 191 -39.00 7.83 45.16
C GLY G 191 -39.96 8.36 44.10
N GLY G 192 -40.24 9.65 44.18
CA GLY G 192 -41.12 10.29 43.23
C GLY G 192 -40.36 11.16 42.25
N HIS G 193 -40.94 11.40 41.08
CA HIS G 193 -40.31 12.24 40.06
C HIS G 193 -40.45 13.71 40.44
N GLY G 194 -39.89 14.05 41.60
CA GLY G 194 -39.95 15.40 42.12
C GLY G 194 -38.82 15.66 43.09
N ASP G 195 -38.95 16.76 43.84
CA ASP G 195 -37.92 17.13 44.80
C ASP G 195 -37.73 16.08 45.89
N SER G 196 -38.70 15.19 46.09
CA SER G 196 -38.57 14.09 47.03
C SER G 196 -37.70 12.96 46.48
N MET G 197 -37.02 13.17 45.36
CA MET G 197 -36.13 12.17 44.80
C MET G 197 -35.19 11.63 45.85
N ILE G 198 -34.71 10.41 45.61
CA ILE G 198 -33.74 9.76 46.50
C ILE G 198 -32.63 9.17 45.64
N PRO G 199 -31.67 9.98 45.18
CA PRO G 199 -30.54 9.43 44.41
C PRO G 199 -29.60 8.61 45.29
N LEU G 200 -29.54 7.29 45.04
CA LEU G 200 -28.71 6.40 45.84
C LEU G 200 -27.32 6.31 45.23
N VAL G 201 -26.60 7.44 45.31
CA VAL G 201 -25.26 7.51 44.73
C VAL G 201 -24.29 6.58 45.46
N ASN G 202 -24.53 6.31 46.75
CA ASN G 202 -23.66 5.44 47.52
C ASN G 202 -23.84 3.97 47.19
N HIS G 203 -24.82 3.62 46.35
CA HIS G 203 -25.04 2.25 45.92
C HIS G 203 -24.70 2.04 44.44
N VAL G 204 -24.15 3.07 43.79
CA VAL G 204 -23.80 2.95 42.38
C VAL G 204 -22.71 1.89 42.21
N THR G 205 -22.68 1.28 41.03
CA THR G 205 -21.70 0.27 40.68
C THR G 205 -21.11 0.58 39.32
N VAL G 206 -19.83 0.28 39.16
CA VAL G 206 -19.10 0.49 37.92
C VAL G 206 -18.69 -0.88 37.41
N ASN G 207 -19.40 -1.40 36.42
CA ASN G 207 -19.23 -2.77 35.95
C ASN G 207 -19.19 -3.74 37.14
N GLY G 208 -20.12 -3.53 38.08
CA GLY G 208 -20.20 -4.36 39.27
C GLY G 208 -19.32 -3.92 40.41
N ILE G 209 -18.44 -2.94 40.20
CA ILE G 209 -17.51 -2.48 41.24
C ILE G 209 -18.21 -1.42 42.08
N PRO G 210 -18.21 -1.54 43.41
CA PRO G 210 -18.84 -0.50 44.23
C PRO G 210 -18.13 0.84 44.06
N ILE G 211 -18.93 1.92 44.05
CA ILE G 211 -18.37 3.26 43.91
C ILE G 211 -17.41 3.60 45.04
N GLN G 212 -17.51 2.89 46.17
CA GLN G 212 -16.61 3.17 47.29
C GLN G 212 -15.16 2.94 46.92
N LEU G 213 -14.87 1.94 46.07
CA LEU G 213 -13.50 1.71 45.65
C LEU G 213 -12.93 2.94 44.95
N PHE G 214 -13.74 3.59 44.11
CA PHE G 214 -13.30 4.80 43.42
C PHE G 214 -13.15 5.98 44.37
N VAL G 215 -13.72 5.89 45.57
CA VAL G 215 -13.45 6.89 46.60
C VAL G 215 -12.16 6.57 47.33
N GLU G 216 -11.99 5.30 47.71
CA GLU G 216 -10.76 4.89 48.40
C GLU G 216 -9.55 5.00 47.48
N ARG G 217 -9.75 4.93 46.17
CA ARG G 217 -8.66 5.04 45.22
C ARG G 217 -8.44 6.47 44.73
N GLY G 218 -9.23 7.44 45.21
CA GLY G 218 -9.00 8.84 44.93
C GLY G 218 -9.61 9.34 43.64
N ASP G 219 -10.34 8.51 42.90
CA ASP G 219 -10.97 8.97 41.66
C ASP G 219 -12.14 9.91 41.90
N ILE G 220 -12.63 10.00 43.14
CA ILE G 220 -13.75 10.88 43.47
C ILE G 220 -13.86 10.94 44.98
N THR G 221 -14.49 11.98 45.50
CA THR G 221 -14.65 12.16 46.93
C THR G 221 -16.12 12.00 47.31
N GLN G 222 -16.35 11.66 48.59
CA GLN G 222 -17.71 11.57 49.09
C GLN G 222 -18.45 12.89 48.95
N ALA G 223 -17.71 14.00 49.02
CA ALA G 223 -18.35 15.31 48.86
C ALA G 223 -18.92 15.47 47.46
N GLU G 224 -18.25 14.93 46.44
CA GLU G 224 -18.74 15.04 45.08
C GLU G 224 -19.88 14.05 44.81
N LEU G 225 -19.90 12.90 45.49
CA LEU G 225 -21.03 12.00 45.37
C LEU G 225 -22.29 12.60 46.00
N ASP G 226 -22.15 13.12 47.22
CA ASP G 226 -23.28 13.82 47.84
C ASP G 226 -23.71 15.03 47.02
N LYS G 227 -22.75 15.69 46.37
CA LYS G 227 -23.08 16.84 45.52
C LYS G 227 -23.68 16.40 44.19
N ILE G 228 -23.32 15.21 43.71
CA ILE G 228 -23.97 14.67 42.52
C ILE G 228 -25.43 14.36 42.80
N ALA G 229 -25.73 13.83 43.99
CA ALA G 229 -27.11 13.53 44.34
C ALA G 229 -27.97 14.78 44.32
N GLN G 230 -27.46 15.88 44.85
CA GLN G 230 -28.19 17.15 44.81
C GLN G 230 -28.49 17.56 43.37
N ARG G 231 -27.48 17.45 42.49
CA ARG G 231 -27.67 17.85 41.10
C ARG G 231 -28.76 17.02 40.43
N THR G 232 -28.80 15.72 40.71
CA THR G 232 -29.86 14.87 40.17
C THR G 232 -31.23 15.41 40.55
N ILE G 233 -31.42 15.74 41.83
CA ILE G 233 -32.70 16.27 42.29
C ILE G 233 -33.08 17.51 41.50
N GLY G 234 -32.12 18.41 41.28
CA GLY G 234 -32.36 19.65 40.58
C GLY G 234 -32.01 19.64 39.11
N SER G 235 -31.79 18.47 38.51
CA SER G 235 -31.47 18.42 37.09
C SER G 235 -32.60 19.00 36.26
N GLY G 236 -33.85 18.73 36.63
CA GLY G 236 -34.98 19.25 35.89
C GLY G 236 -34.94 20.76 35.74
N MET G 237 -34.78 21.46 36.86
CA MET G 237 -34.73 22.92 36.81
C MET G 237 -33.42 23.43 36.23
N GLU G 238 -32.34 22.68 36.41
CA GLU G 238 -31.08 23.07 35.78
C GLU G 238 -31.25 23.20 34.27
N LEU G 239 -32.01 22.28 33.67
CA LEU G 239 -32.25 22.33 32.23
C LEU G 239 -33.36 23.32 31.88
N VAL G 240 -34.38 23.43 32.73
CA VAL G 240 -35.42 24.42 32.50
C VAL G 240 -34.85 25.84 32.53
N GLN G 241 -33.70 26.02 33.17
CA GLN G 241 -33.05 27.32 33.17
C GLN G 241 -32.08 27.49 32.01
N LEU G 242 -31.51 26.39 31.50
CA LEU G 242 -30.71 26.46 30.28
C LEU G 242 -31.61 26.62 29.05
N TYR G 243 -32.72 25.88 29.01
CA TYR G 243 -33.78 26.13 28.04
C TYR G 243 -34.66 27.26 28.58
N GLY G 244 -34.40 28.49 28.15
CA GLY G 244 -35.25 29.59 28.59
C GLY G 244 -36.70 29.42 28.19
N ASN G 245 -36.95 28.69 27.11
CA ASN G 245 -38.28 28.58 26.52
C ASN G 245 -38.75 27.13 26.46
N GLY G 246 -38.53 26.38 27.52
CA GLY G 246 -39.01 25.01 27.58
C GLY G 246 -38.23 24.19 28.58
N SER G 247 -38.50 22.89 28.56
CA SER G 247 -37.88 21.92 29.45
C SER G 247 -37.10 20.90 28.63
N ALA G 248 -36.50 19.93 29.33
CA ALA G 248 -35.74 18.88 28.67
C ALA G 248 -36.69 17.93 27.93
N TYR G 249 -36.18 17.35 26.84
CA TYR G 249 -37.01 16.47 26.02
C TYR G 249 -36.22 15.36 25.35
N PHE G 250 -34.92 15.57 25.11
CA PHE G 250 -34.12 14.55 24.46
C PHE G 250 -34.01 13.29 25.33
N ALA G 251 -33.54 13.45 26.57
CA ALA G 251 -33.40 12.28 27.45
C ALA G 251 -34.75 11.73 27.88
N PRO G 252 -35.72 12.54 28.30
CA PRO G 252 -37.05 11.98 28.59
C PRO G 252 -37.64 11.20 27.44
N ALA G 253 -37.37 11.60 26.20
CA ALA G 253 -37.85 10.83 25.05
C ALA G 253 -37.13 9.50 24.94
N THR G 254 -35.80 9.51 25.06
CA THR G 254 -35.04 8.28 24.95
C THR G 254 -35.46 7.26 26.01
N ALA G 255 -35.72 7.73 27.23
CA ALA G 255 -36.05 6.82 28.33
C ALA G 255 -37.37 6.10 28.08
N ALA G 256 -38.41 6.86 27.68
CA ALA G 256 -39.72 6.26 27.48
C ALA G 256 -39.70 5.27 26.32
N ILE G 257 -38.96 5.58 25.27
CA ILE G 257 -38.86 4.64 24.14
C ILE G 257 -38.10 3.39 24.54
N GLU G 258 -37.17 3.50 25.48
CA GLU G 258 -36.48 2.32 26.00
C GLU G 258 -37.44 1.44 26.77
N MET G 259 -38.37 2.04 27.51
CA MET G 259 -39.37 1.26 28.23
C MET G 259 -40.38 0.64 27.28
N ALA G 260 -40.67 1.32 26.16
CA ALA G 260 -41.54 0.73 25.15
C ALA G 260 -40.84 -0.40 24.42
N SER G 261 -39.53 -0.25 24.15
CA SER G 261 -38.77 -1.32 23.52
C SER G 261 -38.72 -2.55 24.40
N ALA G 262 -38.48 -2.36 25.70
CA ALA G 262 -38.48 -3.49 26.63
C ALA G 262 -39.81 -4.23 26.62
N TYR G 263 -40.92 -3.49 26.44
CA TYR G 263 -42.22 -4.13 26.38
C TYR G 263 -42.43 -4.85 25.05
N LEU G 264 -42.24 -4.13 23.93
CA LEU G 264 -42.51 -4.71 22.62
C LEU G 264 -41.57 -5.87 22.31
N ASN G 265 -40.36 -5.86 22.87
CA ASN G 265 -39.38 -6.91 22.63
C ASN G 265 -39.22 -7.84 23.83
N ASP G 266 -40.05 -7.70 24.86
CA ASP G 266 -40.03 -8.58 26.03
C ASP G 266 -38.61 -8.76 26.54
N LYS G 267 -37.88 -7.65 26.63
CA LYS G 267 -36.48 -7.70 27.05
C LYS G 267 -36.32 -8.14 28.50
N LYS G 268 -37.35 -7.99 29.33
CA LYS G 268 -37.26 -8.32 30.74
C LYS G 268 -36.10 -7.56 31.37
N SER G 269 -35.99 -6.28 31.05
CA SER G 269 -34.92 -5.44 31.52
C SER G 269 -35.25 -4.84 32.87
N VAL G 270 -34.21 -4.63 33.68
CA VAL G 270 -34.35 -4.01 35.00
C VAL G 270 -34.30 -2.50 34.80
N ILE G 271 -35.42 -1.84 35.05
CA ILE G 271 -35.54 -0.40 34.87
C ILE G 271 -36.26 0.19 36.09
N VAL G 272 -35.82 1.37 36.52
CA VAL G 272 -36.46 2.09 37.61
C VAL G 272 -37.57 2.95 37.00
N CYS G 273 -38.79 2.75 37.48
CA CYS G 273 -39.93 3.49 36.96
C CYS G 273 -41.02 3.52 38.03
N SER G 274 -41.99 4.42 37.84
CA SER G 274 -43.08 4.59 38.78
C SER G 274 -44.05 3.42 38.64
N CYS G 275 -44.24 2.67 39.73
CA CYS G 275 -45.09 1.49 39.74
C CYS G 275 -46.15 1.61 40.83
N TYR G 276 -47.31 1.00 40.58
CA TYR G 276 -48.40 0.99 41.54
C TYR G 276 -48.11 -0.07 42.60
N LEU G 277 -47.97 0.37 43.85
CA LEU G 277 -47.62 -0.53 44.94
C LEU G 277 -48.88 -1.08 45.60
N GLU G 278 -48.76 -2.32 46.09
CA GLU G 278 -49.81 -2.95 46.88
C GLU G 278 -49.16 -3.74 48.01
N GLY G 279 -48.44 -3.02 48.88
CA GLY G 279 -47.73 -3.59 50.01
C GLY G 279 -46.22 -3.35 49.97
N GLU G 280 -45.65 -3.23 48.78
CA GLU G 280 -44.22 -3.01 48.65
C GLU G 280 -43.79 -1.81 49.46
N TYR G 281 -42.68 -1.96 50.19
CA TYR G 281 -42.12 -0.91 51.04
C TYR G 281 -43.04 -0.51 52.19
N GLY G 282 -44.15 -1.22 52.37
CA GLY G 282 -45.12 -0.84 53.39
C GLY G 282 -46.11 0.21 52.96
N HIS G 283 -46.31 0.39 51.65
CA HIS G 283 -47.23 1.38 51.13
C HIS G 283 -48.20 0.72 50.15
N SER G 284 -49.37 1.33 50.00
CA SER G 284 -50.39 0.80 49.11
C SER G 284 -51.19 1.95 48.51
N ASP G 285 -51.78 1.69 47.35
CA ASP G 285 -52.64 2.66 46.67
C ASP G 285 -51.89 3.94 46.34
N VAL G 286 -50.65 3.81 45.90
CA VAL G 286 -49.83 4.94 45.51
C VAL G 286 -48.81 4.47 44.48
N TYR G 287 -48.48 5.36 43.55
CA TYR G 287 -47.42 5.11 42.58
C TYR G 287 -46.09 5.55 43.17
N LEU G 288 -45.05 4.78 42.90
CA LEU G 288 -43.73 5.06 43.46
C LEU G 288 -42.66 4.50 42.55
N GLY G 289 -41.55 5.23 42.44
CA GLY G 289 -40.45 4.79 41.59
C GLY G 289 -39.60 3.76 42.30
N THR G 290 -39.32 2.66 41.59
CA THR G 290 -38.53 1.57 42.14
C THR G 290 -38.08 0.68 40.98
N PRO G 291 -36.95 -0.01 41.11
CA PRO G 291 -36.53 -0.92 40.04
C PRO G 291 -37.58 -1.98 39.78
N ALA G 292 -37.72 -2.35 38.51
CA ALA G 292 -38.71 -3.35 38.12
C ALA G 292 -38.25 -4.02 36.83
N ILE G 293 -38.84 -5.17 36.55
CA ILE G 293 -38.56 -5.94 35.35
C ILE G 293 -39.68 -5.64 34.36
N ILE G 294 -39.32 -5.09 33.20
CA ILE G 294 -40.28 -4.71 32.16
C ILE G 294 -40.16 -5.72 31.03
N GLY G 295 -41.29 -6.30 30.63
CA GLY G 295 -41.33 -7.28 29.57
C GLY G 295 -42.67 -7.26 28.85
N ALA G 296 -43.04 -8.40 28.28
CA ALA G 296 -44.26 -8.48 27.49
C ALA G 296 -45.50 -8.16 28.31
N ASN G 297 -45.50 -8.49 29.61
CA ASN G 297 -46.60 -8.16 30.49
C ASN G 297 -46.50 -6.75 31.05
N GLY G 298 -45.53 -5.96 30.60
CA GLY G 298 -45.29 -4.65 31.19
C GLY G 298 -44.48 -4.76 32.46
N ILE G 299 -44.99 -4.23 33.56
CA ILE G 299 -44.34 -4.38 34.85
C ILE G 299 -44.52 -5.82 35.30
N GLU G 300 -43.56 -6.69 34.96
CA GLU G 300 -43.67 -8.10 35.26
C GLU G 300 -43.31 -8.43 36.70
N LYS G 301 -42.59 -7.55 37.38
CA LYS G 301 -42.12 -7.84 38.72
C LYS G 301 -41.49 -6.60 39.36
N ILE G 302 -41.93 -6.25 40.56
CA ILE G 302 -41.34 -5.14 41.30
C ILE G 302 -40.20 -5.69 42.16
N ILE G 303 -39.13 -4.91 42.28
CA ILE G 303 -37.99 -5.26 43.10
C ILE G 303 -37.95 -4.31 44.28
N THR G 304 -38.11 -4.86 45.49
CA THR G 304 -38.04 -4.07 46.71
C THR G 304 -36.62 -4.14 47.27
N LEU G 305 -35.98 -2.99 47.38
CA LEU G 305 -34.61 -2.92 47.85
C LEU G 305 -34.55 -2.88 49.37
N LYS G 306 -33.46 -3.40 49.92
CA LYS G 306 -33.17 -3.24 51.34
C LYS G 306 -32.87 -1.78 51.62
N LEU G 307 -33.77 -1.10 52.31
CA LEU G 307 -33.61 0.30 52.66
C LEU G 307 -33.11 0.42 54.10
N SER G 308 -32.22 1.37 54.32
CA SER G 308 -31.79 1.69 55.67
C SER G 308 -32.89 2.46 56.39
N SER G 309 -32.67 2.75 57.67
CA SER G 309 -33.62 3.54 58.43
C SER G 309 -33.73 4.95 57.86
N GLU G 310 -32.60 5.55 57.49
CA GLU G 310 -32.62 6.89 56.92
C GLU G 310 -33.16 6.89 55.50
N GLU G 311 -32.89 5.83 54.74
CA GLU G 311 -33.43 5.74 53.38
C GLU G 311 -34.93 5.48 53.40
N GLN G 312 -35.39 4.67 54.36
CA GLN G 312 -36.82 4.36 54.45
C GLN G 312 -37.62 5.61 54.82
N ALA G 313 -37.09 6.43 55.73
CA ALA G 313 -37.78 7.65 56.12
C ALA G 313 -37.93 8.60 54.95
N LYS G 314 -36.84 8.83 54.20
CA LYS G 314 -36.91 9.66 53.02
C LYS G 314 -37.86 9.08 51.98
N LEU G 315 -37.95 7.75 51.91
CA LEU G 315 -38.94 7.11 51.05
C LEU G 315 -40.35 7.41 51.54
N ASP G 316 -40.62 7.20 52.82
CA ASP G 316 -41.94 7.48 53.37
C ASP G 316 -42.29 8.96 53.21
N ALA G 317 -41.30 9.84 53.33
CA ALA G 317 -41.55 11.26 53.13
C ALA G 317 -41.94 11.58 51.70
N SER G 318 -41.44 10.79 50.74
CA SER G 318 -41.81 11.00 49.34
C SER G 318 -43.23 10.54 49.07
N VAL G 319 -43.62 9.38 49.62
CA VAL G 319 -45.00 8.92 49.49
C VAL G 319 -45.96 9.97 50.04
N LYS G 320 -45.59 10.62 51.15
CA LYS G 320 -46.43 11.65 51.74
C LYS G 320 -46.73 12.75 50.75
N GLU G 321 -45.70 13.27 50.08
CA GLU G 321 -45.89 14.36 49.13
C GLU G 321 -46.82 13.96 47.99
N ILE G 322 -46.88 12.68 47.66
CA ILE G 322 -47.69 12.19 46.56
C ILE G 322 -49.16 12.14 46.96
N GLY H 4 -2.09 25.85 -1.61
CA GLY H 4 -1.82 24.70 -2.47
C GLY H 4 -1.29 23.51 -1.68
N PHE H 5 -0.27 23.76 -0.86
CA PHE H 5 0.28 22.71 -0.01
C PHE H 5 -0.66 22.35 1.14
N LEU H 6 -1.56 23.26 1.52
CA LEU H 6 -2.60 22.98 2.49
C LEU H 6 -3.91 22.57 1.83
N SER H 7 -4.00 22.64 0.51
CA SER H 7 -5.19 22.26 -0.24
C SER H 7 -4.99 20.95 -1.00
N THR H 8 -3.99 20.16 -0.63
CA THR H 8 -3.72 18.91 -1.31
C THR H 8 -4.86 17.93 -1.03
N MET H 9 -5.08 17.03 -1.98
CA MET H 9 -6.12 16.01 -1.79
C MET H 9 -5.56 14.77 -1.09
N SER H 10 -4.87 15.02 0.03
CA SER H 10 -4.46 13.97 0.94
C SER H 10 -5.46 13.94 2.09
N PRO H 11 -6.17 12.84 2.34
CA PRO H 11 -7.26 12.89 3.32
C PRO H 11 -6.77 13.20 4.72
N ALA H 12 -7.62 13.88 5.49
CA ALA H 12 -7.41 14.10 6.91
C ALA H 12 -8.08 13.04 7.77
N VAL H 13 -8.72 12.05 7.15
CA VAL H 13 -9.49 11.05 7.85
C VAL H 13 -9.30 9.71 7.16
N ARG H 14 -9.45 8.63 7.92
CA ARG H 14 -9.31 7.28 7.38
C ARG H 14 -10.34 6.36 8.01
N ARG H 15 -10.60 5.24 7.34
CA ARG H 15 -11.26 4.12 7.99
C ARG H 15 -10.35 3.54 9.06
N ASN H 16 -10.95 2.93 10.07
CA ASN H 16 -10.19 2.10 10.97
C ASN H 16 -9.78 0.82 10.25
N LYS H 17 -8.66 0.24 10.66
CA LYS H 17 -8.15 -0.98 10.05
C LYS H 17 -7.83 -1.98 11.14
N ILE H 18 -8.50 -3.13 11.10
CA ILE H 18 -8.32 -4.21 12.07
C ILE H 18 -7.71 -5.40 11.34
N SER H 19 -6.61 -5.92 11.87
CA SER H 19 -5.97 -7.10 11.32
C SER H 19 -6.23 -8.29 12.23
N LEU H 20 -6.50 -9.44 11.61
CA LEU H 20 -6.85 -10.67 12.32
C LEU H 20 -5.82 -11.73 11.96
N ILE H 21 -4.87 -11.97 12.85
CA ILE H 21 -3.83 -12.97 12.62
C ILE H 21 -4.44 -14.34 12.91
N GLY H 22 -4.94 -15.00 11.87
CA GLY H 22 -5.64 -16.26 12.01
C GLY H 22 -7.07 -16.16 11.53
N ALA H 23 -7.39 -16.88 10.46
CA ALA H 23 -8.73 -16.86 9.87
C ALA H 23 -9.57 -18.05 10.32
N GLY H 24 -9.37 -18.53 11.55
CA GLY H 24 -10.13 -19.64 12.06
C GLY H 24 -11.57 -19.25 12.33
N ASN H 25 -12.26 -20.14 13.05
CA ASN H 25 -13.65 -19.89 13.39
C ASN H 25 -13.80 -18.56 14.12
N ILE H 26 -12.89 -18.26 15.04
CA ILE H 26 -12.95 -16.98 15.74
C ILE H 26 -12.63 -15.83 14.78
N GLY H 27 -11.64 -16.03 13.92
CA GLY H 27 -11.26 -14.97 13.00
C GLY H 27 -12.40 -14.57 12.07
N GLY H 28 -13.15 -15.55 11.57
CA GLY H 28 -14.18 -15.24 10.59
C GLY H 28 -15.35 -14.47 11.20
N VAL H 29 -15.84 -14.93 12.35
CA VAL H 29 -16.96 -14.25 12.99
C VAL H 29 -16.58 -12.82 13.35
N MET H 30 -15.34 -12.62 13.78
CA MET H 30 -14.87 -11.28 14.11
C MET H 30 -14.97 -10.34 12.91
N ALA H 31 -14.43 -10.78 11.76
CA ALA H 31 -14.52 -9.98 10.55
C ALA H 31 -15.98 -9.76 10.15
N TYR H 32 -16.82 -10.77 10.33
CA TYR H 32 -18.23 -10.65 9.98
C TYR H 32 -18.91 -9.55 10.80
N LEU H 33 -18.75 -9.60 12.12
CA LEU H 33 -19.38 -8.60 12.98
C LEU H 33 -18.77 -7.21 12.74
N ALA H 34 -17.45 -7.14 12.63
CA ALA H 34 -16.78 -5.85 12.51
C ALA H 34 -17.27 -5.04 11.33
N GLN H 35 -17.87 -5.67 10.33
CA GLN H 35 -18.31 -4.97 9.13
C GLN H 35 -19.81 -4.79 9.01
N LEU H 36 -20.61 -5.67 9.60
CA LEU H 36 -22.03 -5.35 9.76
C LEU H 36 -22.23 -4.19 10.71
N LYS H 37 -21.21 -3.81 11.48
CA LYS H 37 -21.22 -2.62 12.31
C LYS H 37 -20.42 -1.48 11.70
N GLU H 38 -19.85 -1.69 10.51
CA GLU H 38 -19.03 -0.68 9.83
C GLU H 38 -17.98 -0.11 10.79
N LEU H 39 -17.20 -1.01 11.38
CA LEU H 39 -16.15 -0.61 12.30
C LEU H 39 -14.84 -0.29 11.58
N GLY H 40 -14.71 -0.69 10.32
CA GLY H 40 -13.51 -0.42 9.55
C GLY H 40 -13.12 -1.58 8.64
N ASP H 41 -12.03 -1.40 7.90
CA ASP H 41 -11.55 -2.47 7.03
C ASP H 41 -10.97 -3.61 7.85
N VAL H 42 -11.01 -4.81 7.27
CA VAL H 42 -10.52 -6.01 7.93
C VAL H 42 -9.51 -6.69 7.02
N VAL H 43 -8.49 -7.28 7.63
CA VAL H 43 -7.51 -8.10 6.93
C VAL H 43 -7.52 -9.47 7.61
N LEU H 44 -7.96 -10.49 6.88
CA LEU H 44 -8.02 -11.86 7.40
C LEU H 44 -6.71 -12.55 7.02
N PHE H 45 -5.78 -12.58 7.97
CA PHE H 45 -4.46 -13.16 7.76
C PHE H 45 -4.45 -14.60 8.25
N ASP H 46 -4.00 -15.51 7.39
CA ASP H 46 -3.88 -16.91 7.75
C ASP H 46 -2.86 -17.56 6.84
N ILE H 47 -2.08 -18.50 7.38
CA ILE H 47 -1.08 -19.18 6.60
C ILE H 47 -1.69 -19.92 5.41
N ALA H 48 -3.00 -20.18 5.44
CA ALA H 48 -3.72 -20.70 4.29
C ALA H 48 -4.41 -19.53 3.60
N PRO H 49 -3.84 -18.96 2.53
CA PRO H 49 -4.44 -17.74 1.96
C PRO H 49 -5.90 -17.92 1.56
N LYS H 50 -6.24 -19.06 0.96
CA LYS H 50 -7.60 -19.25 0.45
C LYS H 50 -8.64 -19.19 1.57
N LEU H 51 -8.25 -19.55 2.80
CA LEU H 51 -9.21 -19.49 3.91
C LEU H 51 -9.62 -18.05 4.18
N GLY H 52 -8.65 -17.15 4.34
CA GLY H 52 -8.97 -15.75 4.55
C GLY H 52 -9.70 -15.14 3.36
N GLU H 53 -9.21 -15.43 2.15
CA GLU H 53 -9.87 -14.92 0.94
C GLU H 53 -11.28 -15.45 0.80
N ALA H 54 -11.55 -16.63 1.35
CA ALA H 54 -12.90 -17.18 1.29
C ALA H 54 -13.85 -16.38 2.18
N LYS H 55 -13.49 -16.22 3.45
CA LYS H 55 -14.37 -15.53 4.39
C LYS H 55 -14.47 -14.04 4.05
N ALA H 56 -13.37 -13.45 3.61
CA ALA H 56 -13.40 -12.05 3.17
C ALA H 56 -14.38 -11.87 2.01
N LEU H 57 -14.17 -12.62 0.93
CA LEU H 57 -15.08 -12.55 -0.21
C LEU H 57 -16.51 -12.83 0.22
N ASP H 58 -16.71 -13.87 1.03
CA ASP H 58 -18.05 -14.22 1.51
C ASP H 58 -18.63 -13.08 2.34
N ILE H 59 -17.83 -12.50 3.24
CA ILE H 59 -18.29 -11.37 4.04
C ILE H 59 -18.61 -10.17 3.15
N MET H 60 -17.81 -9.96 2.09
CA MET H 60 -18.10 -8.88 1.17
C MET H 60 -19.48 -9.02 0.55
N HIS H 61 -19.86 -10.25 0.20
CA HIS H 61 -21.22 -10.50 -0.25
C HIS H 61 -22.23 -10.09 0.82
N ALA H 62 -21.94 -10.45 2.08
CA ALA H 62 -22.82 -10.05 3.18
C ALA H 62 -22.90 -8.54 3.32
N ASN H 63 -21.79 -7.84 3.08
CA ASN H 63 -21.80 -6.39 3.13
C ASN H 63 -22.82 -5.81 2.15
N ALA H 64 -22.76 -6.24 0.88
CA ALA H 64 -23.70 -5.74 -0.11
C ALA H 64 -25.14 -6.05 0.27
N ILE H 65 -25.37 -7.19 0.95
CA ILE H 65 -26.71 -7.53 1.41
C ILE H 65 -27.14 -6.57 2.52
N TYR H 66 -26.20 -6.17 3.38
CA TYR H 66 -26.51 -5.38 4.55
C TYR H 66 -26.27 -3.89 4.33
N ASP H 67 -25.84 -3.48 3.14
CA ASP H 67 -25.61 -2.08 2.80
C ASP H 67 -24.47 -1.47 3.61
N THR H 68 -23.47 -2.28 3.97
CA THR H 68 -22.30 -1.79 4.68
C THR H 68 -21.16 -1.54 3.68
N ALA H 69 -20.34 -0.52 3.98
CA ALA H 69 -19.48 0.09 2.99
C ALA H 69 -18.01 -0.32 3.09
N HIS H 70 -17.61 -1.05 4.11
CA HIS H 70 -16.20 -1.35 4.30
C HIS H 70 -15.81 -2.62 3.55
N LYS H 71 -14.51 -2.89 3.52
CA LYS H 71 -13.93 -3.96 2.72
C LYS H 71 -13.29 -5.01 3.62
N ALA H 72 -13.34 -6.26 3.16
CA ALA H 72 -12.69 -7.38 3.83
C ALA H 72 -11.70 -8.01 2.87
N ILE H 73 -10.48 -8.26 3.35
CA ILE H 73 -9.40 -8.80 2.54
C ILE H 73 -8.84 -10.03 3.22
N GLY H 74 -8.46 -11.02 2.42
CA GLY H 74 -7.80 -12.22 2.92
C GLY H 74 -6.45 -12.40 2.28
N THR H 75 -5.40 -12.55 3.09
CA THR H 75 -4.04 -12.63 2.56
C THR H 75 -3.19 -13.50 3.47
N ALA H 76 -2.02 -13.89 2.96
CA ALA H 76 -0.97 -14.51 3.76
C ALA H 76 0.31 -13.67 3.67
N ASN H 77 0.16 -12.37 3.46
CA ASN H 77 1.27 -11.45 3.25
C ASN H 77 1.20 -10.37 4.33
N TYR H 78 2.19 -10.36 5.24
CA TYR H 78 2.19 -9.40 6.33
C TYR H 78 2.13 -7.95 5.87
N GLU H 79 2.54 -7.67 4.62
CA GLU H 79 2.48 -6.31 4.11
C GLU H 79 1.08 -5.72 4.27
N ASP H 80 0.06 -6.54 4.09
CA ASP H 80 -1.32 -6.08 4.20
C ASP H 80 -1.70 -5.72 5.63
N ILE H 81 -0.83 -6.00 6.61
CA ILE H 81 -1.06 -5.57 7.99
C ILE H 81 -0.60 -4.14 8.24
N ALA H 82 0.06 -3.53 7.26
CA ALA H 82 0.70 -2.23 7.47
C ALA H 82 -0.32 -1.20 7.97
N ASP H 83 0.10 -0.43 8.98
CA ASP H 83 -0.65 0.74 9.45
C ASP H 83 -2.00 0.36 10.06
N SER H 84 -2.16 -0.88 10.50
CA SER H 84 -3.42 -1.30 11.08
C SER H 84 -3.54 -0.79 12.52
N ASP H 85 -4.74 -0.37 12.88
CA ASP H 85 -4.97 0.20 14.21
C ASP H 85 -5.11 -0.87 15.28
N VAL H 86 -5.63 -2.04 14.92
CA VAL H 86 -5.85 -3.12 15.87
C VAL H 86 -5.36 -4.43 15.24
N CYS H 87 -4.68 -5.25 16.03
CA CYS H 87 -4.24 -6.57 15.61
C CYS H 87 -4.70 -7.58 16.65
N ILE H 88 -5.48 -8.56 16.23
CA ILE H 88 -6.05 -9.55 17.13
C ILE H 88 -5.61 -10.93 16.65
N ILE H 89 -4.96 -11.68 17.55
CA ILE H 89 -4.28 -12.93 17.21
C ILE H 89 -5.10 -14.09 17.76
N THR H 90 -5.49 -15.00 16.86
CA THR H 90 -6.12 -16.26 17.24
C THR H 90 -5.33 -17.48 16.79
N ALA H 91 -4.30 -17.31 15.97
CA ALA H 91 -3.54 -18.43 15.46
C ALA H 91 -2.81 -19.16 16.58
N GLY H 92 -2.67 -20.46 16.42
CA GLY H 92 -2.00 -21.30 17.40
C GLY H 92 -2.62 -22.67 17.51
N ALA H 111 4.64 -23.93 24.25
CA ALA H 111 6.00 -23.81 23.73
C ALA H 111 6.01 -23.57 22.22
N PRO H 112 5.32 -24.44 21.45
CA PRO H 112 5.21 -24.14 20.01
C PRO H 112 4.37 -22.92 19.73
N ASN H 113 3.28 -22.72 20.47
CA ASN H 113 2.48 -21.51 20.31
C ASN H 113 3.29 -20.27 20.68
N SER H 114 4.08 -20.34 21.75
CA SER H 114 4.86 -19.19 22.17
C SER H 114 5.78 -18.70 21.05
N LYS H 115 6.40 -19.63 20.33
CA LYS H 115 7.25 -19.25 19.20
C LYS H 115 6.41 -18.59 18.11
N ILE H 116 5.19 -19.09 17.89
CA ILE H 116 4.31 -18.47 16.90
C ILE H 116 4.03 -17.02 17.26
N MET H 117 3.99 -16.69 18.55
CA MET H 117 3.71 -15.32 18.95
C MET H 117 4.89 -14.40 18.65
N PHE H 118 6.11 -14.91 18.80
CA PHE H 118 7.29 -14.08 18.55
C PHE H 118 7.41 -13.73 17.07
N THR H 119 7.16 -14.70 16.19
CA THR H 119 7.22 -14.40 14.76
C THR H 119 6.08 -13.48 14.35
N ILE H 120 4.91 -13.64 14.96
CA ILE H 120 3.80 -12.71 14.72
C ILE H 120 4.18 -11.32 15.21
N GLY H 121 4.42 -11.18 16.51
CA GLY H 121 4.76 -9.90 17.08
C GLY H 121 5.95 -9.24 16.44
N ASP H 122 6.83 -10.03 15.80
CA ASP H 122 7.95 -9.44 15.08
C ASP H 122 7.49 -8.73 13.82
N ASN H 123 6.44 -9.23 13.17
CA ASN H 123 5.90 -8.58 11.98
C ASN H 123 4.98 -7.43 12.35
N ILE H 124 4.20 -7.59 13.41
CA ILE H 124 3.41 -6.46 13.92
C ILE H 124 4.33 -5.29 14.25
N LYS H 125 5.45 -5.58 14.92
CA LYS H 125 6.44 -4.56 15.22
C LYS H 125 6.84 -3.81 13.95
N LYS H 126 7.00 -4.53 12.84
CA LYS H 126 7.54 -3.95 11.63
C LYS H 126 6.47 -3.19 10.85
N TYR H 127 5.33 -3.82 10.60
CA TYR H 127 4.30 -3.26 9.73
C TYR H 127 3.25 -2.44 10.49
N ALA H 128 2.94 -2.81 11.73
CA ALA H 128 1.89 -2.16 12.51
C ALA H 128 2.45 -1.67 13.84
N PRO H 129 3.43 -0.76 13.81
CA PRO H 129 4.07 -0.33 15.05
C PRO H 129 3.16 0.49 15.97
N ASN H 130 1.99 0.91 15.51
CA ASN H 130 1.06 1.68 16.33
C ASN H 130 -0.20 0.89 16.69
N ALA H 131 -0.18 -0.42 16.51
CA ALA H 131 -1.39 -1.22 16.68
C ALA H 131 -1.68 -1.47 18.16
N PHE H 132 -2.97 -1.63 18.45
CA PHE H 132 -3.43 -2.13 19.74
C PHE H 132 -3.64 -3.63 19.60
N VAL H 133 -2.82 -4.41 20.31
CA VAL H 133 -2.75 -5.85 20.12
C VAL H 133 -3.65 -6.52 21.16
N ILE H 134 -4.63 -7.29 20.68
CA ILE H 134 -5.52 -8.08 21.53
C ILE H 134 -5.19 -9.54 21.28
N CYS H 135 -4.82 -10.27 22.33
CA CYS H 135 -4.45 -11.66 22.22
C CYS H 135 -5.64 -12.54 22.59
N ILE H 136 -5.77 -13.67 21.90
CA ILE H 136 -6.84 -14.64 22.16
C ILE H 136 -6.24 -16.03 22.32
N THR H 137 -5.11 -16.28 21.68
CA THR H 137 -4.49 -17.59 21.72
C THR H 137 -4.20 -18.01 23.16
N ASN H 138 -4.40 -19.31 23.45
CA ASN H 138 -4.24 -19.82 24.80
C ASN H 138 -2.93 -20.58 24.95
N PRO H 139 -2.33 -20.62 26.15
CA PRO H 139 -2.80 -19.94 27.37
C PRO H 139 -2.62 -18.43 27.30
N LEU H 140 -3.74 -17.70 27.38
CA LEU H 140 -3.78 -16.26 27.14
C LEU H 140 -2.65 -15.51 27.84
N ASP H 141 -2.71 -15.46 29.17
CA ASP H 141 -1.80 -14.60 29.94
C ASP H 141 -0.34 -14.87 29.63
N VAL H 142 -0.01 -16.06 29.12
CA VAL H 142 1.37 -16.32 28.69
C VAL H 142 1.59 -15.79 27.29
N MET H 143 0.76 -16.21 26.34
CA MET H 143 0.94 -15.79 24.95
C MET H 143 0.92 -14.28 24.81
N VAL H 144 0.00 -13.61 25.50
CA VAL H 144 -0.07 -12.15 25.41
C VAL H 144 1.24 -11.54 25.90
N LYS H 145 1.91 -12.19 26.86
CA LYS H 145 3.21 -11.69 27.31
C LYS H 145 4.27 -11.93 26.23
N MET H 146 4.21 -13.06 25.54
CA MET H 146 5.12 -13.29 24.43
C MET H 146 4.96 -12.21 23.36
N LEU H 147 3.71 -11.86 23.03
CA LEU H 147 3.48 -10.76 22.09
C LEU H 147 4.11 -9.47 22.58
N LEU H 148 3.95 -9.16 23.87
CA LEU H 148 4.52 -7.93 24.42
C LEU H 148 6.03 -7.88 24.17
N LYS H 149 6.74 -8.95 24.51
CA LYS H 149 8.18 -8.98 24.31
C LYS H 149 8.54 -8.84 22.84
N ALA H 150 7.81 -9.54 21.96
CA ALA H 150 8.15 -9.54 20.55
C ALA H 150 7.89 -8.19 19.91
N THR H 151 6.72 -7.60 20.17
CA THR H 151 6.39 -6.31 19.57
C THR H 151 7.23 -5.20 20.17
N GLY H 152 7.49 -5.26 21.48
CA GLY H 152 8.15 -4.16 22.16
C GLY H 152 7.26 -2.96 22.40
N PHE H 153 5.95 -3.11 22.23
CA PHE H 153 5.04 -1.99 22.40
C PHE H 153 4.88 -1.66 23.88
N PRO H 154 4.38 -0.47 24.20
CA PRO H 154 4.05 -0.16 25.60
C PRO H 154 3.02 -1.14 26.14
N LYS H 155 3.11 -1.39 27.45
CA LYS H 155 2.21 -2.36 28.07
C LYS H 155 0.75 -1.99 27.88
N ASN H 156 0.45 -0.71 27.67
CA ASN H 156 -0.92 -0.26 27.47
C ASN H 156 -1.44 -0.54 26.06
N LYS H 157 -0.63 -1.17 25.20
CA LYS H 157 -1.03 -1.50 23.84
C LYS H 157 -1.06 -2.99 23.57
N VAL H 158 -0.79 -3.83 24.57
CA VAL H 158 -0.80 -5.28 24.42
C VAL H 158 -1.69 -5.83 25.52
N VAL H 159 -2.90 -6.23 25.17
CA VAL H 159 -3.87 -6.74 26.12
C VAL H 159 -4.31 -8.13 25.67
N GLY H 160 -4.80 -8.92 26.62
CA GLY H 160 -5.35 -10.24 26.35
C GLY H 160 -6.85 -10.24 26.57
N MET H 161 -7.57 -10.93 25.69
CA MET H 161 -9.02 -11.01 25.78
C MET H 161 -9.43 -12.03 26.84
N GLY H 163 -11.36 -12.63 29.93
CA GLY H 163 -11.93 -11.75 30.94
C GLY H 163 -13.32 -11.29 30.58
N LEU H 164 -13.43 -10.56 29.46
CA LEU H 164 -14.74 -10.17 28.95
C LEU H 164 -15.57 -11.41 28.59
N LEU H 165 -14.92 -12.46 28.10
CA LEU H 165 -15.63 -13.70 27.79
C LEU H 165 -15.98 -14.45 29.07
N ASP H 166 -15.02 -14.58 29.99
CA ASP H 166 -15.27 -15.32 31.23
C ASP H 166 -16.34 -14.62 32.07
N SER H 167 -16.20 -13.31 32.26
CA SER H 167 -17.14 -12.57 33.09
C SER H 167 -18.54 -12.56 32.45
N SER H 168 -18.60 -12.38 31.14
CA SER H 168 -19.89 -12.35 30.46
C SER H 168 -20.58 -13.72 30.49
N ARG H 169 -19.79 -14.80 30.57
CA ARG H 169 -20.37 -16.13 30.76
C ARG H 169 -21.02 -16.26 32.13
N MET H 170 -20.33 -15.78 33.17
CA MET H 170 -20.89 -15.80 34.51
C MET H 170 -22.21 -15.03 34.54
N CYS H 171 -22.24 -13.83 33.96
CA CYS H 171 -23.43 -13.00 34.03
C CYS H 171 -24.61 -13.65 33.32
N HIS H 172 -24.36 -14.37 32.23
CA HIS H 172 -25.45 -15.02 31.52
C HIS H 172 -26.12 -16.08 32.38
N TYR H 173 -25.33 -16.93 33.03
CA TYR H 173 -25.89 -17.99 33.86
C TYR H 173 -26.76 -17.39 34.97
N ILE H 174 -26.31 -16.30 35.58
CA ILE H 174 -27.12 -15.62 36.58
C ILE H 174 -28.34 -14.98 35.94
N ALA H 175 -28.12 -14.23 34.85
CA ALA H 175 -29.23 -13.58 34.16
C ALA H 175 -30.26 -14.62 33.71
N ASP H 176 -29.80 -15.73 33.14
CA ASP H 176 -30.73 -16.75 32.67
C ASP H 176 -31.54 -17.33 33.81
N LYS H 177 -30.95 -17.45 35.00
CA LYS H 177 -31.68 -17.95 36.15
C LYS H 177 -32.69 -16.92 36.64
N LEU H 178 -32.24 -15.68 36.82
CA LEU H 178 -33.14 -14.60 37.23
C LEU H 178 -34.12 -14.20 36.14
N ASN H 179 -33.89 -14.65 34.90
CA ASN H 179 -34.71 -14.26 33.76
C ASN H 179 -34.75 -12.74 33.61
N VAL H 180 -33.56 -12.18 33.43
CA VAL H 180 -33.39 -10.74 33.24
C VAL H 180 -32.43 -10.50 32.09
N ASN H 181 -32.58 -9.35 31.45
CA ASN H 181 -31.69 -8.94 30.37
C ASN H 181 -30.25 -8.93 30.88
N PRO H 182 -29.32 -9.65 30.25
CA PRO H 182 -27.92 -9.59 30.72
C PRO H 182 -27.31 -8.20 30.64
N ARG H 183 -27.95 -7.27 29.93
CA ARG H 183 -27.45 -5.91 29.86
C ARG H 183 -27.24 -5.30 31.24
N TYR H 184 -27.99 -5.76 32.24
CA TYR H 184 -27.97 -5.16 33.56
C TYR H 184 -27.25 -6.02 34.60
N VAL H 185 -26.80 -7.21 34.23
CA VAL H 185 -26.07 -8.09 35.13
C VAL H 185 -24.58 -7.87 34.88
N HIS H 186 -23.91 -7.21 35.82
CA HIS H 186 -22.48 -6.93 35.74
C HIS H 186 -21.74 -7.79 36.76
N GLY H 187 -20.55 -8.24 36.38
CA GLY H 187 -19.74 -9.07 37.25
C GLY H 187 -18.34 -9.21 36.70
N SER H 188 -17.42 -9.56 37.60
CA SER H 188 -16.01 -9.66 37.26
C SER H 188 -15.53 -11.09 37.46
N CYS H 189 -14.67 -11.55 36.55
CA CYS H 189 -14.01 -12.86 36.64
C CYS H 189 -12.52 -12.59 36.41
N ILE H 190 -11.79 -12.42 37.50
CA ILE H 190 -10.40 -11.99 37.44
C ILE H 190 -9.46 -13.17 37.51
N GLY H 191 -8.16 -12.91 37.39
CA GLY H 191 -7.16 -13.96 37.40
C GLY H 191 -6.78 -14.41 36.00
N GLY H 192 -6.21 -15.61 35.95
CA GLY H 192 -5.80 -16.17 34.68
C GLY H 192 -6.96 -16.75 33.88
N HIS H 193 -6.76 -16.79 32.57
CA HIS H 193 -7.78 -17.32 31.65
C HIS H 193 -7.59 -18.82 31.50
N GLY H 194 -7.86 -19.52 32.59
CA GLY H 194 -7.72 -20.96 32.63
C GLY H 194 -8.44 -21.55 33.81
N ASP H 195 -8.06 -22.79 34.15
CA ASP H 195 -8.72 -23.49 35.25
C ASP H 195 -8.66 -22.71 36.56
N SER H 196 -7.78 -21.73 36.68
CA SER H 196 -7.62 -20.95 37.90
C SER H 196 -8.35 -19.62 37.85
N MET H 197 -9.51 -19.57 37.18
CA MET H 197 -10.34 -18.37 37.24
C MET H 197 -10.73 -18.08 38.68
N ILE H 198 -11.07 -16.81 38.92
CA ILE H 198 -11.67 -16.41 40.19
C ILE H 198 -13.00 -15.74 39.88
N PRO H 199 -14.04 -16.51 39.53
CA PRO H 199 -15.35 -15.91 39.29
C PRO H 199 -15.94 -15.27 40.54
N LEU H 200 -16.03 -13.94 40.55
CA LEU H 200 -16.53 -13.20 41.72
C LEU H 200 -18.05 -13.17 41.70
N VAL H 201 -18.64 -14.36 41.83
CA VAL H 201 -20.08 -14.52 41.65
C VAL H 201 -20.84 -13.80 42.74
N ASN H 202 -20.29 -13.75 43.96
CA ASN H 202 -20.99 -13.11 45.07
C ASN H 202 -20.85 -11.59 45.07
N HIS H 203 -20.06 -11.02 44.15
CA HIS H 203 -19.97 -9.59 43.97
C HIS H 203 -20.77 -9.09 42.77
N VAL H 204 -21.57 -9.96 42.16
CA VAL H 204 -22.35 -9.59 40.98
C VAL H 204 -23.43 -8.59 41.36
N THR H 205 -23.80 -7.75 40.38
CA THR H 205 -24.80 -6.71 40.59
C THR H 205 -25.83 -6.76 39.46
N VAL H 206 -27.06 -6.36 39.79
CA VAL H 206 -28.18 -6.36 38.85
C VAL H 206 -28.67 -4.92 38.77
N ASN H 207 -28.19 -4.19 37.78
CA ASN H 207 -28.47 -2.75 37.67
C ASN H 207 -28.14 -2.04 38.98
N GLY H 208 -26.94 -2.31 39.49
CA GLY H 208 -26.51 -1.76 40.76
C GLY H 208 -27.00 -2.48 41.98
N ILE H 209 -28.00 -3.35 41.85
CA ILE H 209 -28.53 -4.08 43.00
C ILE H 209 -27.60 -5.24 43.32
N PRO H 210 -27.14 -5.40 44.55
CA PRO H 210 -26.28 -6.55 44.88
C PRO H 210 -27.05 -7.85 44.72
N ILE H 211 -26.32 -8.90 44.29
CA ILE H 211 -26.95 -10.18 44.02
C ILE H 211 -27.50 -10.83 45.28
N GLN H 212 -26.99 -10.46 46.46
CA GLN H 212 -27.51 -11.04 47.69
C GLN H 212 -29.01 -10.81 47.83
N LEU H 213 -29.49 -9.64 47.37
CA LEU H 213 -30.92 -9.36 47.45
C LEU H 213 -31.73 -10.45 46.75
N PHE H 214 -31.35 -10.80 45.52
CA PHE H 214 -32.06 -11.83 44.78
C PHE H 214 -31.86 -13.22 45.38
N VAL H 215 -30.82 -13.39 46.20
CA VAL H 215 -30.65 -14.66 46.90
C VAL H 215 -31.69 -14.80 48.00
N GLU H 216 -31.85 -13.76 48.82
CA GLU H 216 -32.84 -13.78 49.89
C GLU H 216 -34.26 -13.75 49.38
N ARG H 217 -34.46 -13.44 48.09
CA ARG H 217 -35.80 -13.37 47.51
C ARG H 217 -36.23 -14.67 46.86
N GLY H 218 -35.34 -15.65 46.74
CA GLY H 218 -35.66 -16.91 46.12
C GLY H 218 -35.40 -16.98 44.63
N ASP H 219 -35.20 -15.83 43.96
CA ASP H 219 -34.95 -15.83 42.53
C ASP H 219 -33.73 -16.68 42.18
N ILE H 220 -32.75 -16.74 43.07
CA ILE H 220 -31.55 -17.56 42.87
C ILE H 220 -31.03 -17.94 44.23
N THR H 221 -30.24 -19.02 44.28
CA THR H 221 -29.73 -19.55 45.54
C THR H 221 -28.21 -19.45 45.57
N GLN H 222 -27.68 -19.31 46.78
CA GLN H 222 -26.23 -19.30 46.96
C GLN H 222 -25.61 -20.57 46.39
N ALA H 223 -26.29 -21.70 46.54
CA ALA H 223 -25.81 -22.95 45.95
C ALA H 223 -25.76 -22.85 44.43
N GLU H 224 -26.81 -22.28 43.83
CA GLU H 224 -26.82 -22.11 42.38
C GLU H 224 -25.73 -21.12 41.94
N LEU H 225 -25.46 -20.10 42.75
CA LEU H 225 -24.38 -19.18 42.44
C LEU H 225 -23.03 -19.89 42.48
N ASP H 226 -22.79 -20.67 43.53
CA ASP H 226 -21.55 -21.44 43.61
C ASP H 226 -21.40 -22.37 42.43
N LYS H 227 -22.52 -22.93 41.95
CA LYS H 227 -22.46 -23.75 40.74
C LYS H 227 -22.08 -22.91 39.53
N ILE H 228 -22.65 -21.73 39.40
CA ILE H 228 -22.31 -20.85 38.28
C ILE H 228 -20.83 -20.55 38.28
N ALA H 229 -20.23 -20.40 39.46
CA ALA H 229 -18.78 -20.23 39.54
C ALA H 229 -18.07 -21.42 38.90
N GLN H 230 -18.45 -22.63 39.29
CA GLN H 230 -17.82 -23.82 38.73
C GLN H 230 -18.07 -23.92 37.23
N ARG H 231 -19.28 -23.57 36.78
CA ARG H 231 -19.58 -23.66 35.36
C ARG H 231 -18.78 -22.64 34.56
N THR H 232 -18.61 -21.43 35.11
CA THR H 232 -17.78 -20.44 34.43
C THR H 232 -16.35 -20.92 34.29
N ILE H 233 -15.80 -21.55 35.32
CA ILE H 233 -14.43 -22.05 35.26
C ILE H 233 -14.28 -23.08 34.16
N GLY H 234 -15.31 -23.89 33.93
CA GLY H 234 -15.25 -24.98 32.97
C GLY H 234 -16.13 -24.79 31.76
N SER H 235 -16.38 -23.54 31.38
CA SER H 235 -17.20 -23.29 30.20
C SER H 235 -16.44 -23.65 28.92
N GLY H 236 -15.13 -23.39 28.90
CA GLY H 236 -14.35 -23.73 27.72
C GLY H 236 -14.49 -25.19 27.32
N MET H 237 -14.37 -26.10 28.29
CA MET H 237 -14.48 -27.52 28.00
C MET H 237 -15.93 -27.95 27.78
N GLU H 238 -16.89 -27.24 28.38
CA GLU H 238 -18.29 -27.60 28.18
C GLU H 238 -18.68 -27.45 26.71
N LEU H 239 -18.34 -26.33 26.09
CA LEU H 239 -18.66 -26.11 24.68
C LEU H 239 -17.82 -26.98 23.76
N VAL H 240 -16.63 -27.40 24.21
CA VAL H 240 -15.85 -28.36 23.43
C VAL H 240 -16.57 -29.70 23.36
N GLN H 241 -17.12 -30.17 24.47
CA GLN H 241 -17.86 -31.43 24.48
C GLN H 241 -19.12 -31.32 23.63
N LEU H 242 -19.81 -30.19 23.70
CA LEU H 242 -21.00 -30.00 22.87
C LEU H 242 -20.65 -29.93 21.40
N TYR H 243 -19.59 -29.19 21.06
CA TYR H 243 -19.21 -29.04 19.65
C TYR H 243 -18.62 -30.32 19.09
N GLY H 244 -17.50 -30.78 19.65
CA GLY H 244 -16.79 -31.93 19.15
C GLY H 244 -15.77 -31.59 18.07
N ASN H 245 -16.13 -30.69 17.16
CA ASN H 245 -15.22 -30.25 16.10
C ASN H 245 -14.23 -29.20 16.56
N GLY H 246 -14.42 -28.61 17.74
CA GLY H 246 -13.52 -27.57 18.21
C GLY H 246 -14.01 -26.89 19.48
N SER H 247 -13.81 -25.59 19.58
CA SER H 247 -14.14 -24.82 20.77
C SER H 247 -15.04 -23.65 20.39
N ALA H 248 -15.38 -22.83 21.39
CA ALA H 248 -16.26 -21.70 21.18
C ALA H 248 -15.59 -20.65 20.30
N TYR H 249 -16.41 -19.90 19.57
CA TYR H 249 -15.88 -18.84 18.72
C TYR H 249 -16.84 -17.65 18.61
N PHE H 250 -18.14 -17.90 18.63
CA PHE H 250 -19.10 -16.80 18.54
C PHE H 250 -18.87 -15.78 19.66
N ALA H 251 -18.85 -16.26 20.92
CA ALA H 251 -18.67 -15.33 22.03
C ALA H 251 -17.23 -14.82 22.12
N PRO H 252 -16.20 -15.65 22.01
CA PRO H 252 -14.83 -15.11 21.95
C PRO H 252 -14.66 -14.03 20.90
N ALA H 253 -15.34 -14.15 19.76
CA ALA H 253 -15.22 -13.13 18.72
C ALA H 253 -15.86 -11.82 19.17
N THR H 254 -17.11 -11.88 19.64
CA THR H 254 -17.80 -10.67 20.06
C THR H 254 -17.02 -9.94 21.14
N ALA H 255 -16.38 -10.68 22.05
CA ALA H 255 -15.57 -10.06 23.09
C ALA H 255 -14.40 -9.28 22.49
N ALA H 256 -13.76 -9.84 21.46
CA ALA H 256 -12.59 -9.18 20.88
C ALA H 256 -12.99 -7.92 20.12
N ILE H 257 -14.03 -7.99 19.31
CA ILE H 257 -14.51 -6.81 18.60
C ILE H 257 -14.99 -5.75 19.59
N GLU H 258 -15.69 -6.18 20.64
CA GLU H 258 -16.15 -5.23 21.65
C GLU H 258 -14.98 -4.50 22.30
N MET H 259 -13.83 -5.18 22.41
CA MET H 259 -12.63 -4.53 22.94
C MET H 259 -11.96 -3.66 21.90
N ALA H 260 -11.95 -4.10 20.64
CA ALA H 260 -11.39 -3.28 19.56
C ALA H 260 -12.22 -2.02 19.35
N SER H 261 -13.55 -2.13 19.45
CA SER H 261 -14.40 -0.95 19.31
C SER H 261 -14.17 0.02 20.47
N ALA H 262 -13.93 -0.50 21.67
CA ALA H 262 -13.64 0.38 22.81
C ALA H 262 -12.37 1.17 22.59
N TYR H 263 -11.40 0.60 21.88
CA TYR H 263 -10.15 1.31 21.58
C TYR H 263 -10.32 2.28 20.43
N LEU H 264 -10.84 1.80 19.29
CA LEU H 264 -10.97 2.65 18.12
C LEU H 264 -11.83 3.88 18.40
N ASN H 265 -12.92 3.71 19.15
CA ASN H 265 -13.85 4.80 19.43
C ASN H 265 -13.62 5.43 20.79
N ASP H 266 -12.50 5.11 21.46
CA ASP H 266 -12.13 5.74 22.72
C ASP H 266 -13.33 5.78 23.68
N LYS H 267 -14.01 4.64 23.80
CA LYS H 267 -15.22 4.58 24.60
C LYS H 267 -14.93 4.71 26.09
N LYS H 268 -13.73 4.32 26.52
CA LYS H 268 -13.38 4.30 27.94
C LYS H 268 -14.26 3.28 28.68
N SER H 269 -14.41 2.10 28.09
CA SER H 269 -15.25 1.05 28.64
C SER H 269 -14.54 0.34 29.78
N VAL H 270 -15.34 -0.09 30.76
CA VAL H 270 -14.82 -0.87 31.89
C VAL H 270 -14.92 -2.34 31.49
N ILE H 271 -13.79 -2.92 31.09
CA ILE H 271 -13.74 -4.28 30.58
C ILE H 271 -12.70 -5.06 31.37
N VAL H 272 -13.02 -6.31 31.68
CA VAL H 272 -12.09 -7.22 32.33
C VAL H 272 -11.24 -7.90 31.25
N CYS H 273 -9.93 -7.78 31.39
CA CYS H 273 -9.01 -8.32 30.39
C CYS H 273 -7.65 -8.53 31.03
N SER H 274 -6.81 -9.30 30.35
CA SER H 274 -5.48 -9.64 30.87
C SER H 274 -4.54 -8.46 30.62
N CYS H 275 -4.07 -7.85 31.69
CA CYS H 275 -3.21 -6.67 31.62
C CYS H 275 -1.84 -6.98 32.22
N TYR H 276 -0.82 -6.32 31.70
CA TYR H 276 0.53 -6.46 32.21
C TYR H 276 0.64 -5.70 33.54
N LEU H 277 0.95 -6.42 34.61
CA LEU H 277 1.03 -5.84 35.93
C LEU H 277 2.44 -5.37 36.25
N GLU H 278 2.54 -4.26 36.95
CA GLU H 278 3.82 -3.72 37.41
C GLU H 278 3.68 -3.21 38.84
N GLY H 279 3.05 -4.01 39.70
CA GLY H 279 2.85 -3.64 41.09
C GLY H 279 1.43 -3.88 41.55
N GLU H 280 0.48 -3.82 40.62
CA GLU H 280 -0.92 -4.01 40.98
C GLU H 280 -1.14 -5.41 41.53
N TYR H 281 -2.02 -5.52 42.53
CA TYR H 281 -2.33 -6.77 43.20
C TYR H 281 -1.12 -7.41 43.86
N GLY H 282 -0.02 -6.68 44.00
CA GLY H 282 1.19 -7.23 44.57
C GLY H 282 1.99 -8.10 43.63
N HIS H 283 1.77 -8.00 42.32
CA HIS H 283 2.49 -8.79 41.33
C HIS H 283 3.12 -7.86 40.30
N SER H 284 4.02 -8.43 39.50
CA SER H 284 4.70 -7.67 38.46
C SER H 284 5.30 -8.65 37.47
N ASP H 285 5.61 -8.14 36.27
CA ASP H 285 6.19 -8.94 35.19
C ASP H 285 5.34 -10.18 34.92
N VAL H 286 4.03 -9.99 34.88
CA VAL H 286 3.10 -11.08 34.59
C VAL H 286 1.80 -10.46 34.10
N TYR H 287 1.15 -11.15 33.17
CA TYR H 287 -0.18 -10.77 32.71
C TYR H 287 -1.23 -11.44 33.58
N LEU H 288 -2.30 -10.71 33.88
CA LEU H 288 -3.35 -11.25 34.74
C LEU H 288 -4.65 -10.51 34.45
N GLY H 289 -5.76 -11.24 34.57
CA GLY H 289 -7.06 -10.66 34.29
C GLY H 289 -7.48 -9.72 35.41
N THR H 290 -7.84 -8.49 35.04
CA THR H 290 -8.24 -7.48 36.00
C THR H 290 -9.15 -6.49 35.30
N PRO H 291 -10.09 -5.86 36.03
CA PRO H 291 -10.88 -4.80 35.42
C PRO H 291 -9.99 -3.64 34.98
N ALA H 292 -10.24 -3.16 33.76
CA ALA H 292 -9.46 -2.06 33.20
C ALA H 292 -10.37 -1.17 32.38
N ILE H 293 -9.91 0.06 32.14
CA ILE H 293 -10.60 1.03 31.30
C ILE H 293 -9.89 1.07 29.96
N ILE H 294 -10.62 0.79 28.89
CA ILE H 294 -10.05 0.71 27.55
C ILE H 294 -10.46 1.96 26.77
N GLY H 295 -9.47 2.66 26.23
CA GLY H 295 -9.71 3.85 25.45
C GLY H 295 -8.76 4.00 24.28
N ALA H 296 -8.58 5.22 23.80
CA ALA H 296 -7.70 5.47 22.66
C ALA H 296 -6.25 5.11 22.97
N ASN H 297 -5.85 5.14 24.24
CA ASN H 297 -4.51 4.74 24.64
C ASN H 297 -4.40 3.26 24.95
N GLY H 298 -5.45 2.48 24.68
CA GLY H 298 -5.46 1.08 25.06
C GLY H 298 -5.85 0.91 26.51
N ILE H 299 -4.97 0.34 27.32
CA ILE H 299 -5.22 0.18 28.75
C ILE H 299 -4.87 1.50 29.42
N GLU H 300 -5.88 2.32 29.69
CA GLU H 300 -5.64 3.65 30.25
C GLU H 300 -5.48 3.59 31.76
N LYS H 301 -6.34 2.84 32.45
CA LYS H 301 -6.24 2.67 33.89
C LYS H 301 -6.55 1.22 34.25
N ILE H 302 -5.73 0.66 35.13
CA ILE H 302 -5.99 -0.66 35.71
C ILE H 302 -6.73 -0.44 37.02
N ILE H 303 -7.95 -0.95 37.10
CA ILE H 303 -8.76 -0.84 38.31
C ILE H 303 -8.40 -2.03 39.21
N THR H 304 -7.64 -1.74 40.27
CA THR H 304 -7.22 -2.77 41.22
C THR H 304 -8.31 -2.95 42.26
N LEU H 305 -8.86 -4.16 42.33
CA LEU H 305 -9.97 -4.44 43.21
C LEU H 305 -9.50 -4.67 44.65
N LYS H 306 -10.37 -4.34 45.59
CA LYS H 306 -10.13 -4.65 47.00
C LYS H 306 -10.50 -6.11 47.24
N LEU H 307 -9.49 -6.96 47.34
CA LEU H 307 -9.68 -8.38 47.55
C LEU H 307 -9.48 -8.75 49.01
N SER H 308 -10.17 -9.78 49.45
CA SER H 308 -9.97 -10.35 50.79
C SER H 308 -8.73 -11.23 50.76
N SER H 309 -8.48 -11.95 51.85
CA SER H 309 -7.34 -12.86 51.88
C SER H 309 -7.62 -14.11 51.06
N GLU H 310 -8.86 -14.60 51.07
CA GLU H 310 -9.23 -15.73 50.24
C GLU H 310 -9.08 -15.39 48.76
N GLU H 311 -9.76 -14.33 48.32
CA GLU H 311 -9.65 -13.90 46.93
C GLU H 311 -8.20 -13.60 46.56
N GLN H 312 -7.48 -12.89 47.44
CA GLN H 312 -6.09 -12.57 47.16
C GLN H 312 -5.23 -13.83 47.09
N ALA H 313 -5.44 -14.77 48.02
CA ALA H 313 -4.68 -16.01 47.99
C ALA H 313 -4.94 -16.77 46.69
N LYS H 314 -6.21 -16.85 46.28
CA LYS H 314 -6.56 -17.53 45.04
C LYS H 314 -5.98 -16.81 43.83
N LEU H 315 -5.70 -15.52 43.93
CA LEU H 315 -5.07 -14.80 42.83
C LEU H 315 -3.59 -15.15 42.73
N ASP H 316 -2.89 -15.21 43.87
CA ASP H 316 -1.50 -15.62 43.87
C ASP H 316 -1.35 -17.02 43.26
N ALA H 317 -2.27 -17.92 43.58
CA ALA H 317 -2.25 -19.25 42.99
C ALA H 317 -2.40 -19.19 41.48
N SER H 318 -3.23 -18.26 40.99
CA SER H 318 -3.42 -18.12 39.55
C SER H 318 -2.15 -17.60 38.88
N VAL H 319 -1.51 -16.59 39.47
CA VAL H 319 -0.26 -16.08 38.92
C VAL H 319 0.82 -17.15 38.98
N LYS H 320 0.82 -17.95 40.04
CA LYS H 320 1.80 -19.03 40.18
C LYS H 320 1.73 -19.98 38.98
N GLU H 321 0.53 -20.24 38.47
CA GLU H 321 0.38 -21.14 37.34
C GLU H 321 0.88 -20.51 36.04
N ILE H 322 0.54 -19.23 35.83
CA ILE H 322 0.94 -18.53 34.62
C ILE H 322 2.46 -18.57 34.45
#